data_4P9Z
# 
_entry.id   4P9Z 
# 
_audit_conform.dict_name       mmcif_pdbx.dic 
_audit_conform.dict_version    5.397 
_audit_conform.dict_location   http://mmcif.pdb.org/dictionaries/ascii/mmcif_pdbx.dic 
# 
loop_
_database_2.database_id 
_database_2.database_code 
_database_2.pdbx_database_accession 
_database_2.pdbx_DOI 
PDB   4P9Z         pdb_00004p9z 10.2210/pdb4p9z/pdb 
WWPDB D_1000200999 ?            ?                   
# 
loop_
_pdbx_audit_revision_history.ordinal 
_pdbx_audit_revision_history.data_content_type 
_pdbx_audit_revision_history.major_revision 
_pdbx_audit_revision_history.minor_revision 
_pdbx_audit_revision_history.revision_date 
1 'Structure model' 1 0 2014-06-18 
2 'Structure model' 1 1 2014-07-16 
3 'Structure model' 1 2 2017-08-09 
4 'Structure model' 1 3 2017-09-27 
5 'Structure model' 1 4 2019-11-27 
6 'Structure model' 1 5 2023-12-27 
7 'Structure model' 1 6 2024-10-30 
# 
_pdbx_audit_revision_details.ordinal             1 
_pdbx_audit_revision_details.revision_ordinal    1 
_pdbx_audit_revision_details.data_content_type   'Structure model' 
_pdbx_audit_revision_details.provider            repository 
_pdbx_audit_revision_details.type                'Initial release' 
_pdbx_audit_revision_details.description         ? 
_pdbx_audit_revision_details.details             ? 
# 
loop_
_pdbx_audit_revision_group.ordinal 
_pdbx_audit_revision_group.revision_ordinal 
_pdbx_audit_revision_group.data_content_type 
_pdbx_audit_revision_group.group 
1  2 'Structure model' 'Database references'        
2  3 'Structure model' 'Database references'        
3  3 'Structure model' 'Derived calculations'       
4  3 'Structure model' Other                        
5  3 'Structure model' 'Source and taxonomy'        
6  3 'Structure model' 'Structure summary'          
7  4 'Structure model' 'Author supporting evidence' 
8  5 'Structure model' 'Author supporting evidence' 
9  6 'Structure model' 'Data collection'            
10 6 'Structure model' 'Database references'        
11 6 'Structure model' 'Refinement description'     
12 7 'Structure model' 'Structure summary'          
# 
loop_
_pdbx_audit_revision_category.ordinal 
_pdbx_audit_revision_category.revision_ordinal 
_pdbx_audit_revision_category.data_content_type 
_pdbx_audit_revision_category.category 
1  3 'Structure model' citation                  
2  3 'Structure model' entity_src_gen            
3  3 'Structure model' pdbx_database_status      
4  3 'Structure model' pdbx_entity_src_syn       
5  3 'Structure model' pdbx_struct_assembly      
6  3 'Structure model' pdbx_struct_oper_list     
7  3 'Structure model' struct_keywords           
8  4 'Structure model' pdbx_audit_support        
9  5 'Structure model' pdbx_audit_support        
10 6 'Structure model' chem_comp_atom            
11 6 'Structure model' chem_comp_bond            
12 6 'Structure model' database_2                
13 6 'Structure model' refine_hist               
14 7 'Structure model' pdbx_entry_details        
15 7 'Structure model' pdbx_modification_feature 
# 
loop_
_pdbx_audit_revision_item.ordinal 
_pdbx_audit_revision_item.revision_ordinal 
_pdbx_audit_revision_item.data_content_type 
_pdbx_audit_revision_item.item 
1  3 'Structure model' '_citation.journal_id_CSD'                    
2  3 'Structure model' '_entity_src_gen.pdbx_alt_source_flag'        
3  3 'Structure model' '_pdbx_database_status.pdb_format_compatible' 
4  3 'Structure model' '_pdbx_entity_src_syn.pdbx_alt_source_flag'   
5  3 'Structure model' '_pdbx_struct_assembly.oligomeric_details'    
6  3 'Structure model' '_pdbx_struct_oper_list.symmetry_operation'   
7  3 'Structure model' '_struct_keywords.text'                       
8  4 'Structure model' '_pdbx_audit_support.funding_organization'    
9  5 'Structure model' '_pdbx_audit_support.funding_organization'    
10 6 'Structure model' '_database_2.pdbx_DOI'                        
11 6 'Structure model' '_database_2.pdbx_database_accession'         
12 6 'Structure model' '_refine_hist.number_atoms_solvent'           
13 6 'Structure model' '_refine_hist.number_atoms_total'             
14 6 'Structure model' '_refine_hist.pdbx_number_atoms_ligand'       
15 6 'Structure model' '_refine_hist.pdbx_number_atoms_nucleic_acid' 
16 6 'Structure model' '_refine_hist.pdbx_number_atoms_protein'      
# 
_pdbx_database_status.status_code                     REL 
_pdbx_database_status.status_code_sf                  REL 
_pdbx_database_status.status_code_mr                  . 
_pdbx_database_status.entry_id                        4P9Z 
_pdbx_database_status.recvd_initial_deposition_date   2014-04-06 
_pdbx_database_status.SG_entry                        N 
_pdbx_database_status.deposit_site                    RCSB 
_pdbx_database_status.process_site                    RCSB 
_pdbx_database_status.status_code_cs                  . 
_pdbx_database_status.methods_development_category    . 
_pdbx_database_status.pdb_format_compatible           Y 
_pdbx_database_status.status_code_nmr_data            ? 
# 
loop_
_pdbx_database_related.db_name 
_pdbx_database_related.details 
_pdbx_database_related.db_id 
_pdbx_database_related.content_type 
PDB '3S8O contains the same protein complexed with a similar ligand' 3S8O unspecified 
PDB .                                                                4P9V unspecified 
# 
loop_
_audit_author.name 
_audit_author.pdbx_ordinal 
'Clements, J.H.' 1 
'Martin, S.F.'   2 
# 
_citation.abstract                  . 
_citation.abstract_id_CAS           . 
_citation.book_id_ISBN              . 
_citation.book_publisher            ? 
_citation.book_publisher_city       . 
_citation.book_title                . 
_citation.coordinate_linkage        . 
_citation.country                   UK 
_citation.database_id_Medline       . 
_citation.details                   . 
_citation.id                        primary 
_citation.journal_abbrev            Bioorg.Med.Chem.Lett. 
_citation.journal_id_ASTM           BMCLE8 
_citation.journal_id_CSD            1127 
_citation.journal_id_ISSN           1464-3405 
_citation.journal_full              . 
_citation.journal_issue             . 
_citation.journal_volume            24 
_citation.language                  . 
_citation.page_first                3164 
_citation.page_last                 3167 
_citation.title                     'Protein-ligand interactions: Probing the energetics of a putative cation-pi interaction.' 
_citation.year                      2014 
_citation.database_id_CSD           . 
_citation.pdbx_database_id_DOI      10.1016/j.bmcl.2014.04.114 
_citation.pdbx_database_id_PubMed   24856058 
_citation.unpublished_flag          . 
# 
loop_
_citation_author.citation_id 
_citation_author.name 
_citation_author.ordinal 
_citation_author.identifier_ORCID 
primary 'Myslinski, J.M.' 1 ? 
primary 'Clements, J.H.'  2 ? 
primary 'Martin, S.F.'    3 ? 
# 
loop_
_entity.id 
_entity.type 
_entity.src_method 
_entity.pdbx_description 
_entity.formula_weight 
_entity.pdbx_number_of_molecules 
_entity.pdbx_ec 
_entity.pdbx_mutation 
_entity.pdbx_fragment 
_entity.details 
1 polymer     man 'Growth factor receptor-bound protein 2' 13758.543 1  ? ? ? ? 
2 polymer     syn NMI-PTR-02K-ASN-NH2                      683.669   1  ? ? ? ? 
3 non-polymer syn GLYCEROL                                 92.094    1  ? ? ? ? 
4 non-polymer syn 'ACETATE ION'                            59.044    2  ? ? ? ? 
5 non-polymer syn 'CHLORIDE ION'                           35.453    1  ? ? ? ? 
6 water       nat water                                    18.015    66 ? ? ? ? 
# 
_entity_name_com.entity_id   1 
_entity_name_com.name        'Adapter protein GRB2,Protein Ash,SH2/SH3 adapter GRB2' 
# 
loop_
_entity_poly.entity_id 
_entity_poly.type 
_entity_poly.nstd_linkage 
_entity_poly.nstd_monomer 
_entity_poly.pdbx_seq_one_letter_code 
_entity_poly.pdbx_seq_one_letter_code_can 
_entity_poly.pdbx_strand_id 
_entity_poly.pdbx_target_identifier 
1 'polypeptide(L)' no no  
;IEMKPHPWFFGKIPRAKAEEMLSKQRHDGAFLIRESESAPGDFSLSVKFGNDVQHFKVLRDGAGKYFLWVVKFNSLNELV
DYHRSTSVSRNQQIFLRDIEQVPQQPTYVQAHHHHHH
;
;IEMKPHPWFFGKIPRAKAEEMLSKQRHDGAFLIRESESAPGDFSLSVKFGNDVQHFKVLRDGAGKYFLWVVKFNSLNELV
DYHRSTSVSRNQQIFLRDIEQVPQQPTYVQAHHHHHH
;
A ? 
2 'polypeptide(L)' no yes '(NMI)(PTR)(02K)N(NH2)' XYANX B ? 
# 
loop_
_pdbx_entity_nonpoly.entity_id 
_pdbx_entity_nonpoly.name 
_pdbx_entity_nonpoly.comp_id 
3 GLYCEROL       GOL 
4 'ACETATE ION'  ACT 
5 'CHLORIDE ION' CL  
6 water          HOH 
# 
loop_
_entity_poly_seq.entity_id 
_entity_poly_seq.num 
_entity_poly_seq.mon_id 
_entity_poly_seq.hetero 
1 1   ILE n 
1 2   GLU n 
1 3   MET n 
1 4   LYS n 
1 5   PRO n 
1 6   HIS n 
1 7   PRO n 
1 8   TRP n 
1 9   PHE n 
1 10  PHE n 
1 11  GLY n 
1 12  LYS n 
1 13  ILE n 
1 14  PRO n 
1 15  ARG n 
1 16  ALA n 
1 17  LYS n 
1 18  ALA n 
1 19  GLU n 
1 20  GLU n 
1 21  MET n 
1 22  LEU n 
1 23  SER n 
1 24  LYS n 
1 25  GLN n 
1 26  ARG n 
1 27  HIS n 
1 28  ASP n 
1 29  GLY n 
1 30  ALA n 
1 31  PHE n 
1 32  LEU n 
1 33  ILE n 
1 34  ARG n 
1 35  GLU n 
1 36  SER n 
1 37  GLU n 
1 38  SER n 
1 39  ALA n 
1 40  PRO n 
1 41  GLY n 
1 42  ASP n 
1 43  PHE n 
1 44  SER n 
1 45  LEU n 
1 46  SER n 
1 47  VAL n 
1 48  LYS n 
1 49  PHE n 
1 50  GLY n 
1 51  ASN n 
1 52  ASP n 
1 53  VAL n 
1 54  GLN n 
1 55  HIS n 
1 56  PHE n 
1 57  LYS n 
1 58  VAL n 
1 59  LEU n 
1 60  ARG n 
1 61  ASP n 
1 62  GLY n 
1 63  ALA n 
1 64  GLY n 
1 65  LYS n 
1 66  TYR n 
1 67  PHE n 
1 68  LEU n 
1 69  TRP n 
1 70  VAL n 
1 71  VAL n 
1 72  LYS n 
1 73  PHE n 
1 74  ASN n 
1 75  SER n 
1 76  LEU n 
1 77  ASN n 
1 78  GLU n 
1 79  LEU n 
1 80  VAL n 
1 81  ASP n 
1 82  TYR n 
1 83  HIS n 
1 84  ARG n 
1 85  SER n 
1 86  THR n 
1 87  SER n 
1 88  VAL n 
1 89  SER n 
1 90  ARG n 
1 91  ASN n 
1 92  GLN n 
1 93  GLN n 
1 94  ILE n 
1 95  PHE n 
1 96  LEU n 
1 97  ARG n 
1 98  ASP n 
1 99  ILE n 
1 100 GLU n 
1 101 GLN n 
1 102 VAL n 
1 103 PRO n 
1 104 GLN n 
1 105 GLN n 
1 106 PRO n 
1 107 THR n 
1 108 TYR n 
1 109 VAL n 
1 110 GLN n 
1 111 ALA n 
1 112 HIS n 
1 113 HIS n 
1 114 HIS n 
1 115 HIS n 
1 116 HIS n 
1 117 HIS n 
2 1   NMI n 
2 2   PTR n 
2 3   02K n 
2 4   ASN n 
2 5   NH2 n 
# 
_entity_src_gen.entity_id                          1 
_entity_src_gen.pdbx_src_id                        1 
_entity_src_gen.pdbx_alt_source_flag               sample 
_entity_src_gen.pdbx_seq_type                      'Biological sequence' 
_entity_src_gen.pdbx_beg_seq_num                   1 
_entity_src_gen.pdbx_end_seq_num                   117 
_entity_src_gen.gene_src_common_name               Human 
_entity_src_gen.gene_src_genus                     ? 
_entity_src_gen.pdbx_gene_src_gene                 'GRB2, ASH' 
_entity_src_gen.gene_src_species                   ? 
_entity_src_gen.gene_src_strain                    ? 
_entity_src_gen.gene_src_tissue                    ? 
_entity_src_gen.gene_src_tissue_fraction           ? 
_entity_src_gen.gene_src_details                   ? 
_entity_src_gen.pdbx_gene_src_fragment             ? 
_entity_src_gen.pdbx_gene_src_scientific_name      'Homo sapiens' 
_entity_src_gen.pdbx_gene_src_ncbi_taxonomy_id     9606 
_entity_src_gen.pdbx_gene_src_variant              ? 
_entity_src_gen.pdbx_gene_src_cell_line            ? 
_entity_src_gen.pdbx_gene_src_atcc                 ? 
_entity_src_gen.pdbx_gene_src_organ                ? 
_entity_src_gen.pdbx_gene_src_organelle            ? 
_entity_src_gen.pdbx_gene_src_cell                 ? 
_entity_src_gen.pdbx_gene_src_cellular_location    ? 
_entity_src_gen.host_org_common_name               ? 
_entity_src_gen.pdbx_host_org_scientific_name      'Escherichia coli' 
_entity_src_gen.pdbx_host_org_ncbi_taxonomy_id     562 
_entity_src_gen.host_org_genus                     ? 
_entity_src_gen.pdbx_host_org_gene                 ? 
_entity_src_gen.pdbx_host_org_organ                ? 
_entity_src_gen.host_org_species                   ? 
_entity_src_gen.pdbx_host_org_tissue               ? 
_entity_src_gen.pdbx_host_org_tissue_fraction      ? 
_entity_src_gen.pdbx_host_org_strain               SG13009 
_entity_src_gen.pdbx_host_org_variant              ? 
_entity_src_gen.pdbx_host_org_cell_line            ? 
_entity_src_gen.pdbx_host_org_atcc                 ? 
_entity_src_gen.pdbx_host_org_culture_collection   ? 
_entity_src_gen.pdbx_host_org_cell                 ? 
_entity_src_gen.pdbx_host_org_organelle            ? 
_entity_src_gen.pdbx_host_org_cellular_location    ? 
_entity_src_gen.pdbx_host_org_vector_type          Plasmid 
_entity_src_gen.pdbx_host_org_vector               ? 
_entity_src_gen.host_org_details                   ? 
_entity_src_gen.expression_system_id               ? 
_entity_src_gen.plasmid_name                       PQE-60 
_entity_src_gen.plasmid_details                    ? 
_entity_src_gen.pdbx_description                   ? 
# 
_pdbx_entity_src_syn.entity_id              2 
_pdbx_entity_src_syn.pdbx_src_id            1 
_pdbx_entity_src_syn.pdbx_alt_source_flag   sample 
_pdbx_entity_src_syn.pdbx_beg_seq_num       1 
_pdbx_entity_src_syn.pdbx_end_seq_num       5 
_pdbx_entity_src_syn.organism_scientific    'synthetic construct' 
_pdbx_entity_src_syn.organism_common_name   ? 
_pdbx_entity_src_syn.ncbi_taxonomy_id       32630 
_pdbx_entity_src_syn.details                ? 
# 
loop_
_chem_comp.id 
_chem_comp.type 
_chem_comp.mon_nstd_flag 
_chem_comp.name 
_chem_comp.pdbx_synonyms 
_chem_comp.formula 
_chem_comp.formula_weight 
02K 'peptide linking'   n '1-aminocyclohexanecarboxylic acid'        ?                               'C7 H13 N O2'    143.184 
ACT non-polymer         . 'ACETATE ION'                              ?                               'C2 H3 O2 -1'    59.044  
ALA 'L-peptide linking' y ALANINE                                    ?                               'C3 H7 N O2'     89.093  
ARG 'L-peptide linking' y ARGININE                                   ?                               'C6 H15 N4 O2 1' 175.209 
ASN 'L-peptide linking' y ASPARAGINE                                 ?                               'C4 H8 N2 O3'    132.118 
ASP 'L-peptide linking' y 'ASPARTIC ACID'                            ?                               'C4 H7 N O4'     133.103 
CL  non-polymer         . 'CHLORIDE ION'                             ?                               'Cl -1'          35.453  
GLN 'L-peptide linking' y GLUTAMINE                                  ?                               'C5 H10 N2 O3'   146.144 
GLU 'L-peptide linking' y 'GLUTAMIC ACID'                            ?                               'C5 H9 N O4'     147.129 
GLY 'peptide linking'   y GLYCINE                                    ?                               'C2 H5 N O2'     75.067  
GOL non-polymer         . GLYCEROL                                   'GLYCERIN; PROPANE-1,2,3-TRIOL' 'C3 H8 O3'       92.094  
HIS 'L-peptide linking' y HISTIDINE                                  ?                               'C6 H10 N3 O2 1' 156.162 
HOH non-polymer         . WATER                                      ?                               'H2 O'           18.015  
ILE 'L-peptide linking' y ISOLEUCINE                                 ?                               'C6 H13 N O2'    131.173 
LEU 'L-peptide linking' y LEUCINE                                    ?                               'C6 H13 N O2'    131.173 
LYS 'L-peptide linking' y LYSINE                                     ?                               'C6 H15 N2 O2 1' 147.195 
MET 'L-peptide linking' y METHIONINE                                 ?                               'C5 H11 N O2 S'  149.211 
NH2 non-polymer         . 'AMINO GROUP'                              ?                               'H2 N'           16.023  
NMI non-polymer         . '3-(1-methyl-1H-indol-3-yl)propanoic acid' ?                               'C12 H13 N O2'   203.237 
PHE 'L-peptide linking' y PHENYLALANINE                              ?                               'C9 H11 N O2'    165.189 
PRO 'L-peptide linking' y PROLINE                                    ?                               'C5 H9 N O2'     115.130 
PTR 'L-peptide linking' n O-PHOSPHOTYROSINE                          PHOSPHONOTYROSINE               'C9 H12 N O6 P'  261.168 
SER 'L-peptide linking' y SERINE                                     ?                               'C3 H7 N O3'     105.093 
THR 'L-peptide linking' y THREONINE                                  ?                               'C4 H9 N O3'     119.119 
TRP 'L-peptide linking' y TRYPTOPHAN                                 ?                               'C11 H12 N2 O2'  204.225 
TYR 'L-peptide linking' y TYROSINE                                   ?                               'C9 H11 N O3'    181.189 
VAL 'L-peptide linking' y VALINE                                     ?                               'C5 H11 N O2'    117.146 
# 
loop_
_pdbx_poly_seq_scheme.asym_id 
_pdbx_poly_seq_scheme.entity_id 
_pdbx_poly_seq_scheme.seq_id 
_pdbx_poly_seq_scheme.mon_id 
_pdbx_poly_seq_scheme.ndb_seq_num 
_pdbx_poly_seq_scheme.pdb_seq_num 
_pdbx_poly_seq_scheme.auth_seq_num 
_pdbx_poly_seq_scheme.pdb_mon_id 
_pdbx_poly_seq_scheme.auth_mon_id 
_pdbx_poly_seq_scheme.pdb_strand_id 
_pdbx_poly_seq_scheme.pdb_ins_code 
_pdbx_poly_seq_scheme.hetero 
A 1 1   ILE 1   53  ?   ?   ?   A . n 
A 1 2   GLU 2   54  54  GLU GLU A . n 
A 1 3   MET 3   55  55  MET MET A . n 
A 1 4   LYS 4   56  56  LYS LYS A . n 
A 1 5   PRO 5   57  57  PRO PRO A . n 
A 1 6   HIS 6   58  58  HIS HIS A . n 
A 1 7   PRO 7   59  59  PRO PRO A . n 
A 1 8   TRP 8   60  60  TRP TRP A . n 
A 1 9   PHE 9   61  61  PHE PHE A . n 
A 1 10  PHE 10  62  62  PHE PHE A . n 
A 1 11  GLY 11  63  63  GLY GLY A . n 
A 1 12  LYS 12  64  64  LYS LYS A . n 
A 1 13  ILE 13  65  65  ILE ILE A . n 
A 1 14  PRO 14  66  66  PRO PRO A . n 
A 1 15  ARG 15  67  67  ARG ARG A . n 
A 1 16  ALA 16  68  68  ALA ALA A . n 
A 1 17  LYS 17  69  69  LYS LYS A . n 
A 1 18  ALA 18  70  70  ALA ALA A . n 
A 1 19  GLU 19  71  71  GLU GLU A . n 
A 1 20  GLU 20  72  72  GLU GLU A . n 
A 1 21  MET 21  73  73  MET MET A . n 
A 1 22  LEU 22  74  74  LEU LEU A . n 
A 1 23  SER 23  75  75  SER SER A . n 
A 1 24  LYS 24  76  76  LYS LYS A . n 
A 1 25  GLN 25  77  77  GLN GLN A . n 
A 1 26  ARG 26  78  78  ARG ARG A . n 
A 1 27  HIS 27  79  79  HIS HIS A . n 
A 1 28  ASP 28  80  80  ASP ASP A . n 
A 1 29  GLY 29  81  81  GLY GLY A . n 
A 1 30  ALA 30  82  82  ALA ALA A . n 
A 1 31  PHE 31  83  83  PHE PHE A . n 
A 1 32  LEU 32  84  84  LEU LEU A . n 
A 1 33  ILE 33  85  85  ILE ILE A . n 
A 1 34  ARG 34  86  86  ARG ARG A . n 
A 1 35  GLU 35  87  87  GLU GLU A . n 
A 1 36  SER 36  88  88  SER SER A . n 
A 1 37  GLU 37  89  89  GLU GLU A . n 
A 1 38  SER 38  90  90  SER SER A . n 
A 1 39  ALA 39  91  91  ALA ALA A . n 
A 1 40  PRO 40  92  92  PRO PRO A . n 
A 1 41  GLY 41  93  93  GLY GLY A . n 
A 1 42  ASP 42  94  94  ASP ASP A . n 
A 1 43  PHE 43  95  95  PHE PHE A . n 
A 1 44  SER 44  96  96  SER SER A . n 
A 1 45  LEU 45  97  97  LEU LEU A . n 
A 1 46  SER 46  98  98  SER SER A . n 
A 1 47  VAL 47  99  99  VAL VAL A . n 
A 1 48  LYS 48  100 100 LYS LYS A . n 
A 1 49  PHE 49  101 101 PHE PHE A . n 
A 1 50  GLY 50  102 102 GLY GLY A . n 
A 1 51  ASN 51  103 103 ASN ASN A . n 
A 1 52  ASP 52  104 104 ASP ASP A . n 
A 1 53  VAL 53  105 105 VAL VAL A . n 
A 1 54  GLN 54  106 106 GLN GLN A . n 
A 1 55  HIS 55  107 107 HIS HIS A . n 
A 1 56  PHE 56  108 108 PHE PHE A . n 
A 1 57  LYS 57  109 109 LYS LYS A . n 
A 1 58  VAL 58  110 110 VAL VAL A . n 
A 1 59  LEU 59  111 111 LEU LEU A . n 
A 1 60  ARG 60  112 112 ARG ARG A . n 
A 1 61  ASP 61  113 113 ASP ASP A . n 
A 1 62  GLY 62  114 114 GLY GLY A . n 
A 1 63  ALA 63  115 115 ALA ALA A . n 
A 1 64  GLY 64  116 116 GLY GLY A . n 
A 1 65  LYS 65  117 117 LYS LYS A . n 
A 1 66  TYR 66  118 118 TYR TYR A . n 
A 1 67  PHE 67  119 119 PHE PHE A . n 
A 1 68  LEU 68  120 120 LEU LEU A . n 
A 1 69  TRP 69  121 121 TRP TRP A . n 
A 1 70  VAL 70  122 122 VAL VAL A . n 
A 1 71  VAL 71  123 123 VAL VAL A . n 
A 1 72  LYS 72  124 124 LYS LYS A . n 
A 1 73  PHE 73  125 125 PHE PHE A . n 
A 1 74  ASN 74  126 126 ASN ASN A . n 
A 1 75  SER 75  127 127 SER SER A . n 
A 1 76  LEU 76  128 128 LEU LEU A . n 
A 1 77  ASN 77  129 129 ASN ASN A . n 
A 1 78  GLU 78  130 130 GLU GLU A . n 
A 1 79  LEU 79  131 131 LEU LEU A . n 
A 1 80  VAL 80  132 132 VAL VAL A . n 
A 1 81  ASP 81  133 133 ASP ASP A . n 
A 1 82  TYR 82  134 134 TYR TYR A . n 
A 1 83  HIS 83  135 135 HIS HIS A . n 
A 1 84  ARG 84  136 136 ARG ARG A . n 
A 1 85  SER 85  137 137 SER SER A . n 
A 1 86  THR 86  138 138 THR THR A . n 
A 1 87  SER 87  139 139 SER SER A . n 
A 1 88  VAL 88  140 140 VAL VAL A . n 
A 1 89  SER 89  141 141 SER SER A . n 
A 1 90  ARG 90  142 142 ARG ARG A . n 
A 1 91  ASN 91  143 143 ASN ASN A . n 
A 1 92  GLN 92  144 144 GLN GLN A . n 
A 1 93  GLN 93  145 145 GLN GLN A . n 
A 1 94  ILE 94  146 146 ILE ILE A . n 
A 1 95  PHE 95  147 147 PHE PHE A . n 
A 1 96  LEU 96  148 148 LEU LEU A . n 
A 1 97  ARG 97  149 149 ARG ARG A . n 
A 1 98  ASP 98  150 150 ASP ASP A . n 
A 1 99  ILE 99  151 151 ILE ILE A . n 
A 1 100 GLU 100 152 152 GLU GLU A . n 
A 1 101 GLN 101 153 153 GLN GLN A . n 
A 1 102 VAL 102 154 154 VAL VAL A . n 
A 1 103 PRO 103 155 155 PRO PRO A . n 
A 1 104 GLN 104 156 156 GLN GLN A . n 
A 1 105 GLN 105 157 157 GLN GLN A . n 
A 1 106 PRO 106 158 158 PRO PRO A . n 
A 1 107 THR 107 159 159 THR THR A . n 
A 1 108 TYR 108 160 160 TYR TYR A . n 
A 1 109 VAL 109 161 161 VAL VAL A . n 
A 1 110 GLN 110 162 162 GLN GLN A . n 
A 1 111 ALA 111 163 ?   ?   ?   A . n 
A 1 112 HIS 112 164 ?   ?   ?   A . n 
A 1 113 HIS 113 165 ?   ?   ?   A . n 
A 1 114 HIS 114 166 ?   ?   ?   A . n 
A 1 115 HIS 115 167 ?   ?   ?   A . n 
A 1 116 HIS 116 168 ?   ?   ?   A . n 
A 1 117 HIS 117 169 ?   ?   ?   A . n 
B 2 1   NMI 1   1   1   NMI NMI B . n 
B 2 2   PTR 2   2   2   PTR PTR B . n 
B 2 3   02K 3   3   3   02K C6C B . n 
B 2 4   ASN 4   4   4   ASN ASN B . n 
B 2 5   NH2 5   5   5   NH2 NH2 B . n 
# 
loop_
_pdbx_nonpoly_scheme.asym_id 
_pdbx_nonpoly_scheme.entity_id 
_pdbx_nonpoly_scheme.mon_id 
_pdbx_nonpoly_scheme.ndb_seq_num 
_pdbx_nonpoly_scheme.pdb_seq_num 
_pdbx_nonpoly_scheme.auth_seq_num 
_pdbx_nonpoly_scheme.pdb_mon_id 
_pdbx_nonpoly_scheme.auth_mon_id 
_pdbx_nonpoly_scheme.pdb_strand_id 
_pdbx_nonpoly_scheme.pdb_ins_code 
C 3 GOL 1  201 1  GOL GOL A . 
D 4 ACT 1  202 2  ACT ACT A . 
E 4 ACT 1  203 3  ACT ACT A . 
F 5 CL  1  204 4  CL  CL  A . 
G 6 HOH 1  301 53 HOH HOH A . 
G 6 HOH 2  302 52 HOH HOH A . 
G 6 HOH 3  303 37 HOH HOH A . 
G 6 HOH 4  304 36 HOH HOH A . 
G 6 HOH 5  305 22 HOH HOH A . 
G 6 HOH 6  306 49 HOH HOH A . 
G 6 HOH 7  307 16 HOH HOH A . 
G 6 HOH 8  308 21 HOH HOH A . 
G 6 HOH 9  309 13 HOH HOH A . 
G 6 HOH 10 310 11 HOH HOH A . 
G 6 HOH 11 311 32 HOH HOH A . 
G 6 HOH 12 312 43 HOH HOH A . 
G 6 HOH 13 313 46 HOH HOH A . 
G 6 HOH 14 314 20 HOH HOH A . 
G 6 HOH 15 315 19 HOH HOH A . 
G 6 HOH 16 316 12 HOH HOH A . 
G 6 HOH 17 317 55 HOH HOH A . 
G 6 HOH 18 318 66 HOH HOH A . 
G 6 HOH 19 319 4  HOH HOH A . 
G 6 HOH 20 320 44 HOH HOH A . 
G 6 HOH 21 321 18 HOH HOH A . 
G 6 HOH 22 322 48 HOH HOH A . 
G 6 HOH 23 323 33 HOH HOH A . 
G 6 HOH 24 324 31 HOH HOH A . 
G 6 HOH 25 325 35 HOH HOH A . 
G 6 HOH 26 326 42 HOH HOH A . 
G 6 HOH 27 327 41 HOH HOH A . 
G 6 HOH 28 328 34 HOH HOH A . 
G 6 HOH 29 329 7  HOH HOH A . 
G 6 HOH 30 330 63 HOH HOH A . 
G 6 HOH 31 331 2  HOH HOH A . 
G 6 HOH 32 332 38 HOH HOH A . 
G 6 HOH 33 333 10 HOH HOH A . 
G 6 HOH 34 334 5  HOH HOH A . 
G 6 HOH 35 335 15 HOH HOH A . 
G 6 HOH 36 336 50 HOH HOH A . 
G 6 HOH 37 337 47 HOH HOH A . 
G 6 HOH 38 338 1  HOH HOH A . 
G 6 HOH 39 339 64 HOH HOH A . 
G 6 HOH 40 340 59 HOH HOH A . 
G 6 HOH 41 341 58 HOH HOH A . 
G 6 HOH 42 342 54 HOH HOH A . 
G 6 HOH 43 343 61 HOH HOH A . 
G 6 HOH 44 344 3  HOH HOH A . 
G 6 HOH 45 345 8  HOH HOH A . 
G 6 HOH 46 346 9  HOH HOH A . 
G 6 HOH 47 347 14 HOH HOH A . 
G 6 HOH 48 348 17 HOH HOH A . 
G 6 HOH 49 349 23 HOH HOH A . 
G 6 HOH 50 350 24 HOH HOH A . 
G 6 HOH 51 351 25 HOH HOH A . 
G 6 HOH 52 352 26 HOH HOH A . 
G 6 HOH 53 353 27 HOH HOH A . 
G 6 HOH 54 354 29 HOH HOH A . 
G 6 HOH 55 355 30 HOH HOH A . 
G 6 HOH 56 356 39 HOH HOH A . 
G 6 HOH 57 357 40 HOH HOH A . 
G 6 HOH 58 358 45 HOH HOH A . 
G 6 HOH 59 359 56 HOH HOH A . 
G 6 HOH 60 360 60 HOH HOH A . 
G 6 HOH 61 361 65 HOH HOH A . 
G 6 HOH 62 362 67 HOH HOH A . 
H 6 HOH 1  101 62 HOH HOH B . 
H 6 HOH 2  102 6  HOH HOH B . 
H 6 HOH 3  103 28 HOH HOH B . 
H 6 HOH 4  104 51 HOH HOH B . 
# 
loop_
_pdbx_unobs_or_zero_occ_atoms.id 
_pdbx_unobs_or_zero_occ_atoms.PDB_model_num 
_pdbx_unobs_or_zero_occ_atoms.polymer_flag 
_pdbx_unobs_or_zero_occ_atoms.occupancy_flag 
_pdbx_unobs_or_zero_occ_atoms.auth_asym_id 
_pdbx_unobs_or_zero_occ_atoms.auth_comp_id 
_pdbx_unobs_or_zero_occ_atoms.auth_seq_id 
_pdbx_unobs_or_zero_occ_atoms.PDB_ins_code 
_pdbx_unobs_or_zero_occ_atoms.auth_atom_id 
_pdbx_unobs_or_zero_occ_atoms.label_alt_id 
_pdbx_unobs_or_zero_occ_atoms.label_asym_id 
_pdbx_unobs_or_zero_occ_atoms.label_comp_id 
_pdbx_unobs_or_zero_occ_atoms.label_seq_id 
_pdbx_unobs_or_zero_occ_atoms.label_atom_id 
1 1 Y 1 A GLU 54 ? N   ? A GLU 2 N   
2 1 Y 1 A GLU 54 ? CB  ? A GLU 2 CB  
3 1 Y 1 A GLU 54 ? CG  ? A GLU 2 CG  
4 1 Y 1 A GLU 54 ? CD  ? A GLU 2 CD  
5 1 Y 1 A GLU 54 ? OE1 ? A GLU 2 OE1 
6 1 Y 1 A GLU 54 ? OE2 ? A GLU 2 OE2 
# 
_software.citation_id            ? 
_software.classification         refinement 
_software.compiler_name          . 
_software.compiler_version       . 
_software.contact_author         . 
_software.contact_author_email   . 
_software.date                   . 
_software.description            . 
_software.dependencies           . 
_software.hardware               . 
_software.language               . 
_software.location               . 
_software.mods                   . 
_software.name                   REFMAC 
_software.os                     . 
_software.os_version             . 
_software.type                   . 
_software.version                5.6.0117 
_software.pdbx_ordinal           1 
# 
_cell.entry_id           4P9Z 
_cell.length_a           41.905 
_cell.length_b           41.905 
_cell.length_c           107.642 
_cell.angle_alpha        90.00 
_cell.angle_beta         90.00 
_cell.angle_gamma        90.00 
_cell.Z_PDB              8 
_cell.pdbx_unique_axis   ? 
# 
_symmetry.entry_id                         4P9Z 
_symmetry.cell_setting                     . 
_symmetry.Int_Tables_number                96 
_symmetry.space_group_name_Hall            . 
_symmetry.space_group_name_H-M             'P 43 21 2' 
_symmetry.pdbx_full_space_group_name_H-M   . 
# 
_exptl.absorpt_coefficient_mu     . 
_exptl.absorpt_correction_T_max   . 
_exptl.absorpt_correction_T_min   . 
_exptl.absorpt_correction_type    . 
_exptl.absorpt_process_details    . 
_exptl.entry_id                   4P9Z 
_exptl.crystals_number            1 
_exptl.details                    . 
_exptl.method                     'X-RAY DIFFRACTION' 
_exptl.method_details             . 
# 
_exptl_crystal.colour                      . 
_exptl_crystal.density_diffrn              . 
_exptl_crystal.density_Matthews            1.64 
_exptl_crystal.density_method              . 
_exptl_crystal.density_percent_sol         24.82 
_exptl_crystal.description                 . 
_exptl_crystal.F_000                       . 
_exptl_crystal.id                          1 
_exptl_crystal.preparation                 . 
_exptl_crystal.size_max                    . 
_exptl_crystal.size_mid                    . 
_exptl_crystal.size_min                    . 
_exptl_crystal.size_rad                    . 
_exptl_crystal.colour_lustre               . 
_exptl_crystal.colour_modifier             . 
_exptl_crystal.colour_primary              . 
_exptl_crystal.density_meas                . 
_exptl_crystal.density_meas_esd            . 
_exptl_crystal.density_meas_gt             . 
_exptl_crystal.density_meas_lt             . 
_exptl_crystal.density_meas_temp           . 
_exptl_crystal.density_meas_temp_esd       . 
_exptl_crystal.density_meas_temp_gt        . 
_exptl_crystal.density_meas_temp_lt        . 
_exptl_crystal.pdbx_crystal_image_url      . 
_exptl_crystal.pdbx_crystal_image_format   . 
_exptl_crystal.pdbx_mosaicity              . 
_exptl_crystal.pdbx_mosaicity_esd          . 
# 
_exptl_crystal_grow.apparatus       . 
_exptl_crystal_grow.atmosphere      . 
_exptl_crystal_grow.crystal_id      1 
_exptl_crystal_grow.details         . 
_exptl_crystal_grow.method          'VAPOR DIFFUSION, HANGING DROP' 
_exptl_crystal_grow.method_ref      . 
_exptl_crystal_grow.pH              8.5 
_exptl_crystal_grow.pressure        . 
_exptl_crystal_grow.pressure_esd    . 
_exptl_crystal_grow.seeding         . 
_exptl_crystal_grow.seeding_ref     . 
_exptl_crystal_grow.temp            296 
_exptl_crystal_grow.temp_details    . 
_exptl_crystal_grow.temp_esd        . 
_exptl_crystal_grow.time            . 
_exptl_crystal_grow.pdbx_details    '0.2 M sodium acetate trihydrate, 0.1 M TRIS hydrochloride, 30% w/v polyethylene glycol 4000' 
_exptl_crystal_grow.pdbx_pH_range   . 
# 
_diffrn.ambient_environment    . 
_diffrn.ambient_temp           100 
_diffrn.ambient_temp_details   . 
_diffrn.ambient_temp_esd       . 
_diffrn.crystal_id             1 
_diffrn.crystal_support        . 
_diffrn.crystal_treatment      . 
_diffrn.details                . 
_diffrn.id                     1 
_diffrn.ambient_pressure       . 
_diffrn.ambient_pressure_esd   . 
_diffrn.ambient_pressure_gt    . 
_diffrn.ambient_pressure_lt    . 
_diffrn.ambient_temp_gt        . 
_diffrn.ambient_temp_lt        . 
# 
_diffrn_detector.details                      . 
_diffrn_detector.detector                     'IMAGE PLATE' 
_diffrn_detector.diffrn_id                    1 
_diffrn_detector.type                         'RIGAKU RAXIS IV++' 
_diffrn_detector.area_resol_mean              . 
_diffrn_detector.dtime                        . 
_diffrn_detector.pdbx_frames_total            . 
_diffrn_detector.pdbx_collection_time_total   . 
_diffrn_detector.pdbx_collection_date         2010-12-10 
# 
_diffrn_radiation.collimation                      . 
_diffrn_radiation.diffrn_id                        1 
_diffrn_radiation.filter_edge                      . 
_diffrn_radiation.inhomogeneity                    . 
_diffrn_radiation.monochromator                    . 
_diffrn_radiation.polarisn_norm                    . 
_diffrn_radiation.polarisn_ratio                   . 
_diffrn_radiation.probe                            . 
_diffrn_radiation.type                             . 
_diffrn_radiation.xray_symbol                      . 
_diffrn_radiation.wavelength_id                    1 
_diffrn_radiation.pdbx_monochromatic_or_laue_m_l   M 
_diffrn_radiation.pdbx_wavelength_list             . 
_diffrn_radiation.pdbx_wavelength                  . 
_diffrn_radiation.pdbx_diffrn_protocol             'SINGLE WAVELENGTH' 
_diffrn_radiation.pdbx_analyzer                    . 
_diffrn_radiation.pdbx_scattering_type             x-ray 
# 
_diffrn_radiation_wavelength.id           1 
_diffrn_radiation_wavelength.wavelength   1.5418 
_diffrn_radiation_wavelength.wt           1.0 
# 
_diffrn_source.current                     . 
_diffrn_source.details                     . 
_diffrn_source.diffrn_id                   1 
_diffrn_source.power                       . 
_diffrn_source.size                        . 
_diffrn_source.source                      'ROTATING ANODE' 
_diffrn_source.target                      . 
_diffrn_source.type                        'RIGAKU RU200' 
_diffrn_source.voltage                     . 
_diffrn_source.take-off_angle              . 
_diffrn_source.pdbx_wavelength_list        1.5418 
_diffrn_source.pdbx_wavelength             . 
_diffrn_source.pdbx_synchrotron_beamline   . 
_diffrn_source.pdbx_synchrotron_site       . 
# 
_reflns.B_iso_Wilson_estimate            . 
_reflns.entry_id                         4P9Z 
_reflns.data_reduction_details           . 
_reflns.data_reduction_method            . 
_reflns.d_resolution_high                1.80 
_reflns.d_resolution_low                 50.00 
_reflns.details                          . 
_reflns.limit_h_max                      . 
_reflns.limit_h_min                      . 
_reflns.limit_k_max                      . 
_reflns.limit_k_min                      . 
_reflns.limit_l_max                      . 
_reflns.limit_l_min                      . 
_reflns.number_all                       . 
_reflns.number_obs                       9395 
_reflns.observed_criterion               . 
_reflns.observed_criterion_F_max         . 
_reflns.observed_criterion_F_min         . 
_reflns.observed_criterion_I_max         . 
_reflns.observed_criterion_I_min         . 
_reflns.observed_criterion_sigma_F       . 
_reflns.observed_criterion_sigma_I       . 
_reflns.percent_possible_obs             98.3 
_reflns.R_free_details                   . 
_reflns.Rmerge_F_all                     . 
_reflns.Rmerge_F_obs                     . 
_reflns.Friedel_coverage                 . 
_reflns.number_gt                        . 
_reflns.threshold_expression             . 
_reflns.pdbx_redundancy                  7.1 
_reflns.pdbx_Rmerge_I_obs                0.087 
_reflns.pdbx_Rmerge_I_all                . 
_reflns.pdbx_Rsym_value                  . 
_reflns.pdbx_netI_over_av_sigmaI         . 
_reflns.pdbx_netI_over_sigmaI            19.0 
_reflns.pdbx_res_netI_over_av_sigmaI_2   . 
_reflns.pdbx_res_netI_over_sigmaI_2      . 
_reflns.pdbx_chi_squared                 . 
_reflns.pdbx_scaling_rejects             . 
_reflns.pdbx_d_res_high_opt              . 
_reflns.pdbx_d_res_low_opt               . 
_reflns.pdbx_d_res_opt_method            . 
_reflns.phase_calculation_details        . 
_reflns.pdbx_Rrim_I_all                  . 
_reflns.pdbx_Rpim_I_all                  . 
_reflns.pdbx_d_opt                       . 
_reflns.pdbx_number_measured_all         . 
_reflns.pdbx_diffrn_id                   1 
_reflns.pdbx_ordinal                     1 
# 
_reflns_shell.d_res_high                  1.80 
_reflns_shell.d_res_low                   1.86 
_reflns_shell.meanI_over_sigI_all         . 
_reflns_shell.meanI_over_sigI_obs         8.8 
_reflns_shell.number_measured_all         . 
_reflns_shell.number_measured_obs         . 
_reflns_shell.number_possible             . 
_reflns_shell.number_unique_all           . 
_reflns_shell.number_unique_obs           . 
_reflns_shell.percent_possible_all        100.0 
_reflns_shell.percent_possible_obs        . 
_reflns_shell.Rmerge_F_all                . 
_reflns_shell.Rmerge_F_obs                . 
_reflns_shell.Rmerge_I_all                . 
_reflns_shell.Rmerge_I_obs                0.331 
_reflns_shell.meanI_over_sigI_gt          . 
_reflns_shell.meanI_over_uI_all           . 
_reflns_shell.meanI_over_uI_gt            . 
_reflns_shell.number_measured_gt          . 
_reflns_shell.number_unique_gt            . 
_reflns_shell.percent_possible_gt         . 
_reflns_shell.Rmerge_F_gt                 . 
_reflns_shell.Rmerge_I_gt                 . 
_reflns_shell.pdbx_redundancy             7.4 
_reflns_shell.pdbx_Rsym_value             . 
_reflns_shell.pdbx_chi_squared            . 
_reflns_shell.pdbx_netI_over_sigmaI_all   . 
_reflns_shell.pdbx_netI_over_sigmaI_obs   . 
_reflns_shell.pdbx_Rrim_I_all             . 
_reflns_shell.pdbx_Rpim_I_all             . 
_reflns_shell.pdbx_rejects                . 
_reflns_shell.pdbx_ordinal                1 
_reflns_shell.pdbx_diffrn_id              1 
# 
_refine.aniso_B[1][1]                            0.05 
_refine.aniso_B[1][2]                            -0.00 
_refine.aniso_B[1][3]                            -0.00 
_refine.aniso_B[2][2]                            0.05 
_refine.aniso_B[2][3]                            0.00 
_refine.aniso_B[3][3]                            -0.10 
_refine.B_iso_max                                . 
_refine.B_iso_mean                               27.728 
_refine.B_iso_min                                . 
_refine.correlation_coeff_Fo_to_Fc               0.955 
_refine.correlation_coeff_Fo_to_Fc_free          0.938 
_refine.details                                  'HYDROGENS HAVE BEEN USED IF PRESENT IN THE INPUT' 
_refine.diff_density_max                         . 
_refine.diff_density_max_esd                     . 
_refine.diff_density_min                         . 
_refine.diff_density_min_esd                     . 
_refine.diff_density_rms                         . 
_refine.diff_density_rms_esd                     . 
_refine.entry_id                                 4P9Z 
_refine.pdbx_refine_id                           'X-RAY DIFFRACTION' 
_refine.ls_abs_structure_details                 . 
_refine.ls_abs_structure_Flack                   . 
_refine.ls_abs_structure_Flack_esd               . 
_refine.ls_abs_structure_Rogers                  . 
_refine.ls_abs_structure_Rogers_esd              . 
_refine.ls_d_res_high                            1.80 
_refine.ls_d_res_low                             6.00 
_refine.ls_extinction_coef                       . 
_refine.ls_extinction_coef_esd                   . 
_refine.ls_extinction_expression                 . 
_refine.ls_extinction_method                     . 
_refine.ls_goodness_of_fit_all                   . 
_refine.ls_goodness_of_fit_all_esd               . 
_refine.ls_goodness_of_fit_obs                   . 
_refine.ls_goodness_of_fit_obs_esd               . 
_refine.ls_hydrogen_treatment                    . 
_refine.ls_matrix_type                           . 
_refine.ls_number_constraints                    . 
_refine.ls_number_parameters                     . 
_refine.ls_number_reflns_all                     . 
_refine.ls_number_reflns_obs                     8591 
_refine.ls_number_reflns_R_free                  432 
_refine.ls_number_reflns_R_work                  . 
_refine.ls_number_restraints                     . 
_refine.ls_percent_reflns_obs                    94.93 
_refine.ls_percent_reflns_R_free                 4.8 
_refine.ls_R_factor_all                          . 
_refine.ls_R_factor_obs                          0.18367 
_refine.ls_R_factor_R_free                       0.23943 
_refine.ls_R_factor_R_free_error                 . 
_refine.ls_R_factor_R_free_error_details         . 
_refine.ls_R_factor_R_work                       0.18093 
_refine.ls_R_Fsqd_factor_obs                     . 
_refine.ls_R_I_factor_obs                        . 
_refine.ls_redundancy_reflns_all                 . 
_refine.ls_redundancy_reflns_obs                 . 
_refine.ls_restrained_S_all                      . 
_refine.ls_restrained_S_obs                      . 
_refine.ls_shift_over_esd_max                    . 
_refine.ls_shift_over_esd_mean                   . 
_refine.ls_structure_factor_coef                 . 
_refine.ls_weighting_details                     . 
_refine.ls_weighting_scheme                      . 
_refine.ls_wR_factor_all                         . 
_refine.ls_wR_factor_obs                         . 
_refine.ls_wR_factor_R_free                      . 
_refine.ls_wR_factor_R_work                      . 
_refine.occupancy_max                            . 
_refine.occupancy_min                            . 
_refine.overall_SU_B                             3.445 
_refine.overall_SU_ML                            0.109 
_refine.overall_SU_R_Cruickshank_DPI             . 
_refine.overall_SU_R_free                        . 
_refine.overall_FOM_free_R_set                   . 
_refine.overall_FOM_work_R_set                   . 
_refine.solvent_model_details                    MASK 
_refine.solvent_model_param_bsol                 . 
_refine.solvent_model_param_ksol                 . 
_refine.ls_R_factor_gt                           . 
_refine.ls_goodness_of_fit_gt                    . 
_refine.ls_goodness_of_fit_ref                   . 
_refine.ls_shift_over_su_max                     . 
_refine.ls_shift_over_su_max_lt                  . 
_refine.ls_shift_over_su_mean                    . 
_refine.ls_shift_over_su_mean_lt                 . 
_refine.pdbx_ls_sigma_I                          . 
_refine.pdbx_ls_sigma_F                          . 
_refine.pdbx_ls_sigma_Fsqd                       . 
_refine.pdbx_data_cutoff_high_absF               . 
_refine.pdbx_data_cutoff_high_rms_absF           . 
_refine.pdbx_data_cutoff_low_absF                . 
_refine.pdbx_isotropic_thermal_model             . 
_refine.pdbx_ls_cross_valid_method               THROUGHOUT 
_refine.pdbx_method_to_determine_struct          . 
_refine.pdbx_starting_model                      . 
_refine.pdbx_stereochemistry_target_values       'MAXIMUM LIKELIHOOD' 
_refine.pdbx_R_Free_selection_details            RANDOM 
_refine.pdbx_stereochem_target_val_spec_case     . 
_refine.pdbx_overall_ESU_R                       0.168 
_refine.pdbx_overall_ESU_R_Free                  0.157 
_refine.pdbx_solvent_vdw_probe_radii             1.20 
_refine.pdbx_solvent_ion_probe_radii             0.80 
_refine.pdbx_solvent_shrinkage_radii             0.80 
_refine.pdbx_real_space_R                        . 
_refine.pdbx_density_correlation                 . 
_refine.pdbx_pd_number_of_powder_patterns        . 
_refine.pdbx_pd_number_of_points                 . 
_refine.pdbx_pd_meas_number_of_points            . 
_refine.pdbx_pd_proc_ls_prof_R_factor            . 
_refine.pdbx_pd_proc_ls_prof_wR_factor           . 
_refine.pdbx_pd_Marquardt_correlation_coeff      . 
_refine.pdbx_pd_Fsqrd_R_factor                   . 
_refine.pdbx_pd_ls_matrix_band_width             . 
_refine.pdbx_overall_phase_error                 . 
_refine.pdbx_overall_SU_R_free_Cruickshank_DPI   . 
_refine.pdbx_overall_SU_R_free_Blow_DPI          . 
_refine.pdbx_overall_SU_R_Blow_DPI               . 
_refine.pdbx_TLS_residual_ADP_flag               . 
_refine.pdbx_diffrn_id                           1 
# 
_refine_hist.pdbx_refine_id                   'X-RAY DIFFRACTION' 
_refine_hist.cycle_id                         1 
_refine_hist.pdbx_number_atoms_protein        943 
_refine_hist.pdbx_number_atoms_nucleic_acid   0 
_refine_hist.pdbx_number_atoms_ligand         15 
_refine_hist.number_atoms_solvent             66 
_refine_hist.number_atoms_total               1024 
_refine_hist.d_res_high                       1.80 
_refine_hist.d_res_low                        6.00 
# 
loop_
_refine_ls_restr.pdbx_refine_id 
_refine_ls_restr.criterion 
_refine_ls_restr.dev_ideal 
_refine_ls_restr.dev_ideal_target 
_refine_ls_restr.number 
_refine_ls_restr.rejects 
_refine_ls_restr.type 
_refine_ls_restr.weight 
_refine_ls_restr.pdbx_restraint_function 
'X-RAY DIFFRACTION' . 0.017  0.020  1033 . r_bond_refined_d             . . 
'X-RAY DIFFRACTION' . .      .      .    . r_bond_other_d               . . 
'X-RAY DIFFRACTION' . 1.889  1.982  1398 . r_angle_refined_deg          . . 
'X-RAY DIFFRACTION' . .      .      .    . r_angle_other_deg            . . 
'X-RAY DIFFRACTION' . 7.972  5.000  120  . r_dihedral_angle_1_deg       . . 
'X-RAY DIFFRACTION' . 33.584 23.600 50   . r_dihedral_angle_2_deg       . . 
'X-RAY DIFFRACTION' . 16.408 15.000 174  . r_dihedral_angle_3_deg       . . 
'X-RAY DIFFRACTION' . 21.157 15.000 7    . r_dihedral_angle_4_deg       . . 
'X-RAY DIFFRACTION' . 0.121  0.200  140  . r_chiral_restr               . . 
'X-RAY DIFFRACTION' . 0.011  0.021  805  . r_gen_planes_refined         . . 
'X-RAY DIFFRACTION' . .      .      .    . r_gen_planes_other           . . 
'X-RAY DIFFRACTION' . .      .      .    . r_nbd_refined                . . 
'X-RAY DIFFRACTION' . .      .      .    . r_nbd_other                  . . 
'X-RAY DIFFRACTION' . .      .      .    . r_nbtor_refined              . . 
'X-RAY DIFFRACTION' . .      .      .    . r_nbtor_other                . . 
'X-RAY DIFFRACTION' . .      .      .    . r_xyhbond_nbd_refined        . . 
'X-RAY DIFFRACTION' . .      .      .    . r_xyhbond_nbd_other          . . 
'X-RAY DIFFRACTION' . .      .      .    . r_metal_ion_refined          . . 
'X-RAY DIFFRACTION' . .      .      .    . r_metal_ion_other            . . 
'X-RAY DIFFRACTION' . .      .      .    . r_symmetry_vdw_refined       . . 
'X-RAY DIFFRACTION' . .      .      .    . r_symmetry_vdw_other         . . 
'X-RAY DIFFRACTION' . .      .      .    . r_symmetry_hbond_refined     . . 
'X-RAY DIFFRACTION' . .      .      .    . r_symmetry_hbond_other       . . 
'X-RAY DIFFRACTION' . .      .      .    . r_symmetry_metal_ion_refined . . 
'X-RAY DIFFRACTION' . .      .      .    . r_symmetry_metal_ion_other   . . 
'X-RAY DIFFRACTION' . .      .      .    . r_mcbond_it                  . . 
'X-RAY DIFFRACTION' . .      .      .    . r_mcbond_other               . . 
'X-RAY DIFFRACTION' . .      .      .    . r_mcangle_it                 . . 
'X-RAY DIFFRACTION' . .      .      .    . r_mcangle_other              . . 
'X-RAY DIFFRACTION' . .      .      .    . r_scbond_it                  . . 
'X-RAY DIFFRACTION' . .      .      .    . r_scbond_other               . . 
'X-RAY DIFFRACTION' . .      .      .    . r_scangle_it                 . . 
'X-RAY DIFFRACTION' . .      .      .    . r_scangle_other              . . 
'X-RAY DIFFRACTION' . .      .      .    . r_long_range_B_refined       . . 
'X-RAY DIFFRACTION' . .      .      .    . r_long_range_B_other         . . 
'X-RAY DIFFRACTION' . .      .      .    . r_rigid_bond_restr           . . 
'X-RAY DIFFRACTION' . .      .      .    . r_sphericity_free            . . 
'X-RAY DIFFRACTION' . .      .      .    . r_sphericity_bonded          . . 
# 
_refine_ls_shell.pdbx_refine_id                   'X-RAY DIFFRACTION' 
_refine_ls_shell.d_res_high                       1.80 
_refine_ls_shell.d_res_low                        1.842 
_refine_ls_shell.number_reflns_all                . 
_refine_ls_shell.number_reflns_obs                . 
_refine_ls_shell.number_reflns_R_free             35 
_refine_ls_shell.number_reflns_R_work             485 
_refine_ls_shell.percent_reflns_obs               98.86 
_refine_ls_shell.percent_reflns_R_free            . 
_refine_ls_shell.R_factor_all                     . 
_refine_ls_shell.R_factor_obs                     . 
_refine_ls_shell.R_factor_R_free                  0.379 
_refine_ls_shell.R_factor_R_free_error            . 
_refine_ls_shell.R_factor_R_work                  0.229 
_refine_ls_shell.redundancy_reflns_all            . 
_refine_ls_shell.redundancy_reflns_obs            . 
_refine_ls_shell.wR_factor_all                    . 
_refine_ls_shell.wR_factor_obs                    . 
_refine_ls_shell.wR_factor_R_free                 . 
_refine_ls_shell.wR_factor_R_work                 . 
_refine_ls_shell.pdbx_total_number_of_bins_used   20 
_refine_ls_shell.pdbx_phase_error                 . 
# 
_struct.entry_id                     4P9Z 
_struct.title                        'Grb2 SH2 complexed with a pTyr-Ac6c-Asn tripeptide' 
_struct.pdbx_model_details           . 
_struct.pdbx_formula_weight          . 
_struct.pdbx_formula_weight_method   . 
_struct.pdbx_model_type_details      . 
_struct.pdbx_CASP_flag               . 
# 
_struct_keywords.entry_id        4P9Z 
_struct_keywords.text            'Grb2 SH2, Cation-Pi Interaction, Signaling Protein-Antagonist complex' 
_struct_keywords.pdbx_keywords   'Signaling Protein/Antagonist' 
# 
loop_
_struct_asym.id 
_struct_asym.pdbx_blank_PDB_chainid_flag 
_struct_asym.pdbx_modified 
_struct_asym.entity_id 
_struct_asym.details 
A N N 1 ? 
B N N 2 ? 
C N N 3 ? 
D N N 4 ? 
E N N 4 ? 
F N N 5 ? 
G N N 6 ? 
H N N 6 ? 
# 
loop_
_struct_ref.id 
_struct_ref.db_name 
_struct_ref.db_code 
_struct_ref.pdbx_db_accession 
_struct_ref.entity_id 
_struct_ref.pdbx_seq_one_letter_code 
_struct_ref.pdbx_align_begin 
_struct_ref.pdbx_db_isoform 
1 UNP GRB2_HUMAN P62993 1 
;IEMKPHPWFFGKIPRAKAEEMLSKQRHDGAFLIRESESAPGDFSLSVKFGNDVQHFKVLRDGAGKYFLWVVKFNSLNELV
DYHRSTSVSRNQQIFLRDIEQVPQQPTYVQA
;
53 ? 
2 PDB 4P9Z       4P9Z   2 ? ?  ? 
# 
loop_
_struct_ref_seq.align_id 
_struct_ref_seq.ref_id 
_struct_ref_seq.pdbx_PDB_id_code 
_struct_ref_seq.pdbx_strand_id 
_struct_ref_seq.seq_align_beg 
_struct_ref_seq.pdbx_seq_align_beg_ins_code 
_struct_ref_seq.seq_align_end 
_struct_ref_seq.pdbx_seq_align_end_ins_code 
_struct_ref_seq.pdbx_db_accession 
_struct_ref_seq.db_align_beg 
_struct_ref_seq.pdbx_db_align_beg_ins_code 
_struct_ref_seq.db_align_end 
_struct_ref_seq.pdbx_db_align_end_ins_code 
_struct_ref_seq.pdbx_auth_seq_align_beg 
_struct_ref_seq.pdbx_auth_seq_align_end 
1 1 4P9Z A 1 ? 111 ? P62993 53 ? 163 ? 53 163 
2 2 4P9Z B 1 ? 5   ? 4P9Z   1  ? 5   ? 1  5   
# 
loop_
_pdbx_struct_assembly.id 
_pdbx_struct_assembly.details 
_pdbx_struct_assembly.method_details 
_pdbx_struct_assembly.oligomeric_details 
_pdbx_struct_assembly.oligomeric_count 
1 author_defined_assembly   ?    dimeric    2 
2 software_defined_assembly PISA tetrameric 4 
# 
loop_
_pdbx_struct_assembly_prop.biol_id 
_pdbx_struct_assembly_prop.type 
_pdbx_struct_assembly_prop.value 
_pdbx_struct_assembly_prop.details 
2 'ABSA (A^2)' 5860  ? 
2 MORE         -50   ? 
2 'SSA (A^2)'  12250 ? 
# 
loop_
_pdbx_struct_assembly_gen.assembly_id 
_pdbx_struct_assembly_gen.oper_expression 
_pdbx_struct_assembly_gen.asym_id_list 
1 1   A,B,C,D,E,F,G,H 
2 1,2 A,B,C,D,E,F,G,H 
# 
loop_
_pdbx_struct_oper_list.id 
_pdbx_struct_oper_list.type 
_pdbx_struct_oper_list.name 
_pdbx_struct_oper_list.symmetry_operation 
_pdbx_struct_oper_list.matrix[1][1] 
_pdbx_struct_oper_list.matrix[1][2] 
_pdbx_struct_oper_list.matrix[1][3] 
_pdbx_struct_oper_list.vector[1] 
_pdbx_struct_oper_list.matrix[2][1] 
_pdbx_struct_oper_list.matrix[2][2] 
_pdbx_struct_oper_list.matrix[2][3] 
_pdbx_struct_oper_list.vector[2] 
_pdbx_struct_oper_list.matrix[3][1] 
_pdbx_struct_oper_list.matrix[3][2] 
_pdbx_struct_oper_list.matrix[3][3] 
_pdbx_struct_oper_list.vector[3] 
1 'identity operation'         1_555 x,y,z      1.0000000000  0.0000000000 0.0000000000  0.0000000000  0.0000000000 1.0000000000 0.0000000000  0.0000000000  0.0000000000  0.0000000000  1.0000000000  0.0000000000  
2 'crystal symmetry operation' 7_645 y+1,x-1,-z -0.7609211842 0.6368850055 -0.1240017788 18.2013420053 0.6368850055 0.6966058198 -0.3303298677 -7.2076538389 -0.1240017788 -0.3303298677 -0.9356846356 -1.9265156106 
# 
loop_
_struct_conf.conf_type_id 
_struct_conf.id 
_struct_conf.pdbx_PDB_helix_id 
_struct_conf.beg_label_comp_id 
_struct_conf.beg_label_asym_id 
_struct_conf.beg_label_seq_id 
_struct_conf.pdbx_beg_PDB_ins_code 
_struct_conf.end_label_comp_id 
_struct_conf.end_label_asym_id 
_struct_conf.end_label_seq_id 
_struct_conf.pdbx_end_PDB_ins_code 
_struct_conf.beg_auth_comp_id 
_struct_conf.beg_auth_asym_id 
_struct_conf.beg_auth_seq_id 
_struct_conf.end_auth_comp_id 
_struct_conf.end_auth_asym_id 
_struct_conf.end_auth_seq_id 
_struct_conf.pdbx_PDB_helix_class 
_struct_conf.details 
_struct_conf.pdbx_PDB_helix_length 
HELX_P HELX_P1 AA1 PRO A 14 ? LYS A 24 ? PRO A 66  LYS A 76  1 ? 11 
HELX_P HELX_P2 AA2 SER A 75 ? HIS A 83 ? SER A 127 HIS A 135 1 ? 9  
# 
_struct_conf_type.id          HELX_P 
_struct_conf_type.criteria    ? 
_struct_conf_type.reference   ? 
# 
loop_
_struct_conn.id 
_struct_conn.conn_type_id 
_struct_conn.pdbx_leaving_atom_flag 
_struct_conn.pdbx_PDB_id 
_struct_conn.ptnr1_label_asym_id 
_struct_conn.ptnr1_label_comp_id 
_struct_conn.ptnr1_label_seq_id 
_struct_conn.ptnr1_label_atom_id 
_struct_conn.pdbx_ptnr1_label_alt_id 
_struct_conn.pdbx_ptnr1_PDB_ins_code 
_struct_conn.pdbx_ptnr1_standard_comp_id 
_struct_conn.ptnr1_symmetry 
_struct_conn.ptnr2_label_asym_id 
_struct_conn.ptnr2_label_comp_id 
_struct_conn.ptnr2_label_seq_id 
_struct_conn.ptnr2_label_atom_id 
_struct_conn.pdbx_ptnr2_label_alt_id 
_struct_conn.pdbx_ptnr2_PDB_ins_code 
_struct_conn.ptnr1_auth_asym_id 
_struct_conn.ptnr1_auth_comp_id 
_struct_conn.ptnr1_auth_seq_id 
_struct_conn.ptnr2_auth_asym_id 
_struct_conn.ptnr2_auth_comp_id 
_struct_conn.ptnr2_auth_seq_id 
_struct_conn.ptnr2_symmetry 
_struct_conn.pdbx_ptnr3_label_atom_id 
_struct_conn.pdbx_ptnr3_label_seq_id 
_struct_conn.pdbx_ptnr3_label_comp_id 
_struct_conn.pdbx_ptnr3_label_asym_id 
_struct_conn.pdbx_ptnr3_label_alt_id 
_struct_conn.pdbx_ptnr3_PDB_ins_code 
_struct_conn.details 
_struct_conn.pdbx_dist_value 
_struct_conn.pdbx_value_order 
_struct_conn.pdbx_role 
covale1 covale both ? B NMI 1 CAC ? ? ? 1_555 B PTR 2 N ? ? B NMI 1 B PTR 2 1_555 ? ? ? ? ? ? ? 1.587 ? ? 
covale2 covale both ? B PTR 2 C   ? ? ? 1_555 B 02K 3 N ? ? B PTR 2 B 02K 3 1_555 ? ? ? ? ? ? ? 1.488 ? ? 
covale3 covale both ? B 02K 3 C   ? ? ? 1_555 B ASN 4 N ? ? B 02K 3 B ASN 4 1_555 ? ? ? ? ? ? ? 1.541 ? ? 
covale4 covale both ? B ASN 4 C   ? ? ? 1_555 B NH2 5 N ? ? B ASN 4 B NH2 5 1_555 ? ? ? ? ? ? ? 1.342 ? ? 
# 
_struct_conn_type.id          covale 
_struct_conn_type.criteria    ? 
_struct_conn_type.reference   ? 
# 
loop_
_pdbx_modification_feature.ordinal 
_pdbx_modification_feature.label_comp_id 
_pdbx_modification_feature.label_asym_id 
_pdbx_modification_feature.label_seq_id 
_pdbx_modification_feature.label_alt_id 
_pdbx_modification_feature.modified_residue_label_comp_id 
_pdbx_modification_feature.modified_residue_label_asym_id 
_pdbx_modification_feature.modified_residue_label_seq_id 
_pdbx_modification_feature.modified_residue_label_alt_id 
_pdbx_modification_feature.auth_comp_id 
_pdbx_modification_feature.auth_asym_id 
_pdbx_modification_feature.auth_seq_id 
_pdbx_modification_feature.PDB_ins_code 
_pdbx_modification_feature.symmetry 
_pdbx_modification_feature.modified_residue_auth_comp_id 
_pdbx_modification_feature.modified_residue_auth_asym_id 
_pdbx_modification_feature.modified_residue_auth_seq_id 
_pdbx_modification_feature.modified_residue_PDB_ins_code 
_pdbx_modification_feature.modified_residue_symmetry 
_pdbx_modification_feature.comp_id_linking_atom 
_pdbx_modification_feature.modified_residue_id_linking_atom 
_pdbx_modification_feature.modified_residue_id 
_pdbx_modification_feature.ref_pcm_id 
_pdbx_modification_feature.ref_comp_id 
_pdbx_modification_feature.type 
_pdbx_modification_feature.category 
1 PTR B 2 ? .   . . . PTR B 2 ? 1_555 .   . . . .     . . TYR 1  PTR Phosphorylation 'Named protein modification' 
2 NMI B 1 ? .   . . . NMI B 1 ? 1_555 .   . . . .     . . ?   1  NMI None            'Non-standard residue'       
3 02K B 3 ? .   . . . 02K B 3 ? 1_555 .   . . . .     . . ALA 1  02K None            'Non-standard residue'       
4 NH2 B 5 ? ASN B 4 ? NH2 B 5 ? 1_555 ASN B 4 ? 1_555 . . ASN 17 NH2 None            'Terminal amidation'         
# 
loop_
_struct_sheet.id 
_struct_sheet.type 
_struct_sheet.number_strands 
_struct_sheet.details 
AA1 ? 4 ? 
AA2 ? 3 ? 
# 
loop_
_struct_sheet_order.sheet_id 
_struct_sheet_order.range_id_1 
_struct_sheet_order.range_id_2 
_struct_sheet_order.offset 
_struct_sheet_order.sense 
AA1 1 2 ? anti-parallel 
AA1 2 3 ? anti-parallel 
AA1 3 4 ? parallel      
AA2 1 2 ? anti-parallel 
AA2 2 3 ? anti-parallel 
# 
loop_
_struct_sheet_range.sheet_id 
_struct_sheet_range.id 
_struct_sheet_range.beg_label_comp_id 
_struct_sheet_range.beg_label_asym_id 
_struct_sheet_range.beg_label_seq_id 
_struct_sheet_range.pdbx_beg_PDB_ins_code 
_struct_sheet_range.end_label_comp_id 
_struct_sheet_range.end_label_asym_id 
_struct_sheet_range.end_label_seq_id 
_struct_sheet_range.pdbx_end_PDB_ins_code 
_struct_sheet_range.beg_auth_comp_id 
_struct_sheet_range.beg_auth_asym_id 
_struct_sheet_range.beg_auth_seq_id 
_struct_sheet_range.end_auth_comp_id 
_struct_sheet_range.end_auth_asym_id 
_struct_sheet_range.end_auth_seq_id 
AA1 1 ASP A 52 ? LYS A 57 ? ASP A 104 LYS A 109 
AA1 2 PHE A 43 ? PHE A 49 ? PHE A 95  PHE A 101 
AA1 3 ALA A 30 ? GLU A 35 ? ALA A 82  GLU A 87  
AA1 4 ARG A 97 ? ASP A 98 ? ARG A 149 ASP A 150 
AA2 1 LEU A 59 ? ARG A 60 ? LEU A 111 ARG A 112 
AA2 2 TYR A 66 ? PHE A 67 ? TYR A 118 PHE A 119 
AA2 3 LYS A 72 ? PHE A 73 ? LYS A 124 PHE A 125 
# 
loop_
_pdbx_struct_sheet_hbond.sheet_id 
_pdbx_struct_sheet_hbond.range_id_1 
_pdbx_struct_sheet_hbond.range_id_2 
_pdbx_struct_sheet_hbond.range_1_label_atom_id 
_pdbx_struct_sheet_hbond.range_1_label_comp_id 
_pdbx_struct_sheet_hbond.range_1_label_asym_id 
_pdbx_struct_sheet_hbond.range_1_label_seq_id 
_pdbx_struct_sheet_hbond.range_1_PDB_ins_code 
_pdbx_struct_sheet_hbond.range_1_auth_atom_id 
_pdbx_struct_sheet_hbond.range_1_auth_comp_id 
_pdbx_struct_sheet_hbond.range_1_auth_asym_id 
_pdbx_struct_sheet_hbond.range_1_auth_seq_id 
_pdbx_struct_sheet_hbond.range_2_label_atom_id 
_pdbx_struct_sheet_hbond.range_2_label_comp_id 
_pdbx_struct_sheet_hbond.range_2_label_asym_id 
_pdbx_struct_sheet_hbond.range_2_label_seq_id 
_pdbx_struct_sheet_hbond.range_2_PDB_ins_code 
_pdbx_struct_sheet_hbond.range_2_auth_atom_id 
_pdbx_struct_sheet_hbond.range_2_auth_comp_id 
_pdbx_struct_sheet_hbond.range_2_auth_asym_id 
_pdbx_struct_sheet_hbond.range_2_auth_seq_id 
AA1 1 2 O ASP A 52 ? O ASP A 104 N PHE A 49 ? N PHE A 101 
AA1 2 3 O SER A 46 ? O SER A 98  N LEU A 32 ? N LEU A 84  
AA1 3 4 N PHE A 31 ? N PHE A 83  O ARG A 97 ? O ARG A 149 
AA2 1 2 N LEU A 59 ? N LEU A 111 O PHE A 67 ? O PHE A 119 
AA2 2 3 N TYR A 66 ? N TYR A 118 O PHE A 73 ? O PHE A 125 
# 
loop_
_struct_site.id 
_struct_site.pdbx_evidence_code 
_struct_site.pdbx_auth_asym_id 
_struct_site.pdbx_auth_comp_id 
_struct_site.pdbx_auth_seq_id 
_struct_site.pdbx_auth_ins_code 
_struct_site.pdbx_num_residues 
_struct_site.details 
AC1 Software A GOL 201 ? 7  'binding site for residue GOL A 201'   
AC2 Software A ACT 202 ? 6  'binding site for residue ACT A 202'   
AC3 Software A ACT 203 ? 5  'binding site for residue ACT A 203'   
AC4 Software A CL  204 ? 2  'binding site for residue CL A 204'    
AC5 Software B NMI 1   ? 23 'binding site for NMI-PTR-02K-ASN-NH2' 
# 
loop_
_struct_site_gen.id 
_struct_site_gen.site_id 
_struct_site_gen.pdbx_num_res 
_struct_site_gen.label_comp_id 
_struct_site_gen.label_asym_id 
_struct_site_gen.label_seq_id 
_struct_site_gen.pdbx_auth_ins_code 
_struct_site_gen.auth_comp_id 
_struct_site_gen.auth_asym_id 
_struct_site_gen.auth_seq_id 
_struct_site_gen.label_atom_id 
_struct_site_gen.label_alt_id 
_struct_site_gen.symmetry 
_struct_site_gen.details 
1  AC1 7  PHE A 73  ? PHE A 125 . ? 1_555 ? 
2  AC1 7  ASN A 74  ? ASN A 126 . ? 1_555 ? 
3  AC1 7  GLU A 78  ? GLU A 130 . ? 1_555 ? 
4  AC1 7  ASN A 91  ? ASN A 143 . ? 6_545 ? 
5  AC1 7  GLN A 105 ? GLN A 157 . ? 4_645 ? 
6  AC1 7  THR A 107 ? THR A 159 . ? 4_645 ? 
7  AC1 7  HOH G .   ? HOH A 321 . ? 6_545 ? 
8  AC2 6  VAL A 71  ? VAL A 123 . ? 1_555 ? 
9  AC2 6  TYR A 82  ? TYR A 134 . ? 1_555 ? 
10 AC2 6  HIS A 83  ? HIS A 135 . ? 1_555 ? 
11 AC2 6  THR A 86  ? THR A 138 . ? 1_555 ? 
12 AC2 6  HOH G .   ? HOH A 318 . ? 1_555 ? 
13 AC2 6  HOH G .   ? HOH A 361 . ? 1_555 ? 
14 AC3 5  LYS A 24  ? LYS A 76  . ? 7_655 ? 
15 AC3 5  ARG A 26  ? ARG A 78  . ? 7_655 ? 
16 AC3 5  ASP A 42  ? ASP A 94  . ? 1_555 ? 
17 AC3 5  LEU A 59  ? LEU A 111 . ? 1_555 ? 
18 AC3 5  ARG A 60  ? ARG A 112 . ? 1_555 ? 
19 AC4 2  SER A 87  ? SER A 139 . ? 1_555 ? 
20 AC4 2  GLN A 93  ? GLN A 145 . ? 1_555 ? 
21 AC5 23 ARG A 15  ? ARG A 67  . ? 1_555 ? 
22 AC5 23 ARG A 26  ? ARG A 78  . ? 7_655 ? 
23 AC5 23 ARG A 34  ? ARG A 86  . ? 1_555 ? 
24 AC5 23 SER A 36  ? SER A 88  . ? 1_555 ? 
25 AC5 23 SER A 38  ? SER A 90  . ? 1_555 ? 
26 AC5 23 SER A 44  ? SER A 96  . ? 1_555 ? 
27 AC5 23 GLN A 54  ? GLN A 106 . ? 1_555 ? 
28 AC5 23 HIS A 55  ? HIS A 107 . ? 1_555 ? 
29 AC5 23 PHE A 56  ? PHE A 108 . ? 1_555 ? 
30 AC5 23 LYS A 57  ? LYS A 109 . ? 1_555 ? 
31 AC5 23 LEU A 68  ? LEU A 120 . ? 1_555 ? 
32 AC5 23 TRP A 69  ? TRP A 121 . ? 1_555 ? 
33 AC5 23 GLU A 100 ? GLU A 152 . ? 7_655 ? 
34 AC5 23 VAL A 102 ? VAL A 154 . ? 7_655 ? 
35 AC5 23 PRO A 106 ? PRO A 158 . ? 1_565 ? 
36 AC5 23 THR A 107 ? THR A 159 . ? 1_565 ? 
37 AC5 23 TYR A 108 ? TYR A 160 . ? 1_565 ? 
38 AC5 23 HOH G .   ? HOH A 322 . ? 1_555 ? 
39 AC5 23 HOH G .   ? HOH A 354 . ? 1_555 ? 
40 AC5 23 HOH H .   ? HOH B 101 . ? 1_555 ? 
41 AC5 23 HOH H .   ? HOH B 102 . ? 1_555 ? 
42 AC5 23 HOH H .   ? HOH B 103 . ? 1_555 ? 
43 AC5 23 HOH H .   ? HOH B 104 . ? 1_555 ? 
# 
_pdbx_entry_details.entry_id                   4P9Z 
_pdbx_entry_details.compound_details           ? 
_pdbx_entry_details.source_details             ? 
_pdbx_entry_details.nonpolymer_details         ? 
_pdbx_entry_details.sequence_details           ? 
_pdbx_entry_details.has_ligand_of_interest     ? 
_pdbx_entry_details.has_protein_modification   Y 
# 
loop_
_pdbx_validate_rmsd_bond.id 
_pdbx_validate_rmsd_bond.PDB_model_num 
_pdbx_validate_rmsd_bond.auth_atom_id_1 
_pdbx_validate_rmsd_bond.auth_asym_id_1 
_pdbx_validate_rmsd_bond.auth_comp_id_1 
_pdbx_validate_rmsd_bond.auth_seq_id_1 
_pdbx_validate_rmsd_bond.PDB_ins_code_1 
_pdbx_validate_rmsd_bond.label_alt_id_1 
_pdbx_validate_rmsd_bond.auth_atom_id_2 
_pdbx_validate_rmsd_bond.auth_asym_id_2 
_pdbx_validate_rmsd_bond.auth_comp_id_2 
_pdbx_validate_rmsd_bond.auth_seq_id_2 
_pdbx_validate_rmsd_bond.PDB_ins_code_2 
_pdbx_validate_rmsd_bond.label_alt_id_2 
_pdbx_validate_rmsd_bond.bond_value 
_pdbx_validate_rmsd_bond.bond_target_value 
_pdbx_validate_rmsd_bond.bond_deviation 
_pdbx_validate_rmsd_bond.bond_standard_deviation 
_pdbx_validate_rmsd_bond.linker_flag 
1 1 C B PTR 2 ? ? N B 02K 3 ? ? 1.488 1.336 0.152 0.023 Y 
2 1 C B 02K 3 ? ? N B ASN 4 ? ? 1.541 1.336 0.205 0.023 Y 
# 
loop_
_pdbx_validate_torsion.id 
_pdbx_validate_torsion.PDB_model_num 
_pdbx_validate_torsion.auth_comp_id 
_pdbx_validate_torsion.auth_asym_id 
_pdbx_validate_torsion.auth_seq_id 
_pdbx_validate_torsion.PDB_ins_code 
_pdbx_validate_torsion.label_alt_id 
_pdbx_validate_torsion.phi 
_pdbx_validate_torsion.psi 
1 1 MET A 55  ? ? 37.89   69.38  
2 1 TRP A 121 ? ? -128.56 -66.26 
3 1 GLN A 153 ? ? 127.55  -60.11 
4 1 VAL A 154 ? ? 69.40   69.65  
5 1 GLN A 156 ? ? 35.90   100.33 
# 
_pdbx_validate_main_chain_plane.id                       1 
_pdbx_validate_main_chain_plane.PDB_model_num            1 
_pdbx_validate_main_chain_plane.auth_comp_id             PTR 
_pdbx_validate_main_chain_plane.auth_asym_id             B 
_pdbx_validate_main_chain_plane.auth_seq_id              2 
_pdbx_validate_main_chain_plane.PDB_ins_code             ? 
_pdbx_validate_main_chain_plane.label_alt_id             ? 
_pdbx_validate_main_chain_plane.improper_torsion_angle   11.13 
# 
_pdbx_struct_special_symmetry.id              1 
_pdbx_struct_special_symmetry.PDB_model_num   1 
_pdbx_struct_special_symmetry.auth_asym_id    A 
_pdbx_struct_special_symmetry.auth_comp_id    HOH 
_pdbx_struct_special_symmetry.auth_seq_id     302 
_pdbx_struct_special_symmetry.PDB_ins_code    ? 
_pdbx_struct_special_symmetry.label_asym_id   G 
_pdbx_struct_special_symmetry.label_comp_id   HOH 
_pdbx_struct_special_symmetry.label_seq_id    . 
# 
loop_
_pdbx_unobs_or_zero_occ_residues.id 
_pdbx_unobs_or_zero_occ_residues.PDB_model_num 
_pdbx_unobs_or_zero_occ_residues.polymer_flag 
_pdbx_unobs_or_zero_occ_residues.occupancy_flag 
_pdbx_unobs_or_zero_occ_residues.auth_asym_id 
_pdbx_unobs_or_zero_occ_residues.auth_comp_id 
_pdbx_unobs_or_zero_occ_residues.auth_seq_id 
_pdbx_unobs_or_zero_occ_residues.PDB_ins_code 
_pdbx_unobs_or_zero_occ_residues.label_asym_id 
_pdbx_unobs_or_zero_occ_residues.label_comp_id 
_pdbx_unobs_or_zero_occ_residues.label_seq_id 
1 1 Y 1 A ILE 53  ? A ILE 1   
2 1 Y 1 A ALA 163 ? A ALA 111 
3 1 Y 1 A HIS 164 ? A HIS 112 
4 1 Y 1 A HIS 165 ? A HIS 113 
5 1 Y 1 A HIS 166 ? A HIS 114 
6 1 Y 1 A HIS 167 ? A HIS 115 
7 1 Y 1 A HIS 168 ? A HIS 116 
8 1 Y 1 A HIS 169 ? A HIS 117 
# 
loop_
_chem_comp_atom.comp_id 
_chem_comp_atom.atom_id 
_chem_comp_atom.type_symbol 
_chem_comp_atom.pdbx_aromatic_flag 
_chem_comp_atom.pdbx_stereo_config 
_chem_comp_atom.pdbx_ordinal 
02K O    O  N N 1   
02K CD   C  N N 2   
02K CG   C  N N 3   
02K CE   C  N N 4   
02K CB   C  N N 5   
02K CH   C  N N 6   
02K N    N  N N 7   
02K C    C  N N 8   
02K CA   C  N N 9   
02K HAP  H  N N 10  
02K HAPA H  N N 11  
02K HAQ  H  N N 12  
02K HAQA H  N N 13  
02K HAR  H  N N 14  
02K HARA H  N N 15  
02K HB1  H  N N 16  
02K HB2  H  N N 17  
02K HAT  H  N N 18  
02K HATA H  N N 19  
02K H    H  N N 20  
02K OXT  O  N N 21  
02K HXT  H  N N 22  
02K H2   H  N N 23  
ACT C    C  N N 24  
ACT O    O  N N 25  
ACT OXT  O  N N 26  
ACT CH3  C  N N 27  
ACT H1   H  N N 28  
ACT H2   H  N N 29  
ACT H3   H  N N 30  
ALA N    N  N N 31  
ALA CA   C  N S 32  
ALA C    C  N N 33  
ALA O    O  N N 34  
ALA CB   C  N N 35  
ALA OXT  O  N N 36  
ALA H    H  N N 37  
ALA H2   H  N N 38  
ALA HA   H  N N 39  
ALA HB1  H  N N 40  
ALA HB2  H  N N 41  
ALA HB3  H  N N 42  
ALA HXT  H  N N 43  
ARG N    N  N N 44  
ARG CA   C  N S 45  
ARG C    C  N N 46  
ARG O    O  N N 47  
ARG CB   C  N N 48  
ARG CG   C  N N 49  
ARG CD   C  N N 50  
ARG NE   N  N N 51  
ARG CZ   C  N N 52  
ARG NH1  N  N N 53  
ARG NH2  N  N N 54  
ARG OXT  O  N N 55  
ARG H    H  N N 56  
ARG H2   H  N N 57  
ARG HA   H  N N 58  
ARG HB2  H  N N 59  
ARG HB3  H  N N 60  
ARG HG2  H  N N 61  
ARG HG3  H  N N 62  
ARG HD2  H  N N 63  
ARG HD3  H  N N 64  
ARG HE   H  N N 65  
ARG HH11 H  N N 66  
ARG HH12 H  N N 67  
ARG HH21 H  N N 68  
ARG HH22 H  N N 69  
ARG HXT  H  N N 70  
ASN N    N  N N 71  
ASN CA   C  N S 72  
ASN C    C  N N 73  
ASN O    O  N N 74  
ASN CB   C  N N 75  
ASN CG   C  N N 76  
ASN OD1  O  N N 77  
ASN ND2  N  N N 78  
ASN OXT  O  N N 79  
ASN H    H  N N 80  
ASN H2   H  N N 81  
ASN HA   H  N N 82  
ASN HB2  H  N N 83  
ASN HB3  H  N N 84  
ASN HD21 H  N N 85  
ASN HD22 H  N N 86  
ASN HXT  H  N N 87  
ASP N    N  N N 88  
ASP CA   C  N S 89  
ASP C    C  N N 90  
ASP O    O  N N 91  
ASP CB   C  N N 92  
ASP CG   C  N N 93  
ASP OD1  O  N N 94  
ASP OD2  O  N N 95  
ASP OXT  O  N N 96  
ASP H    H  N N 97  
ASP H2   H  N N 98  
ASP HA   H  N N 99  
ASP HB2  H  N N 100 
ASP HB3  H  N N 101 
ASP HD2  H  N N 102 
ASP HXT  H  N N 103 
CL  CL   CL N N 104 
GLN N    N  N N 105 
GLN CA   C  N S 106 
GLN C    C  N N 107 
GLN O    O  N N 108 
GLN CB   C  N N 109 
GLN CG   C  N N 110 
GLN CD   C  N N 111 
GLN OE1  O  N N 112 
GLN NE2  N  N N 113 
GLN OXT  O  N N 114 
GLN H    H  N N 115 
GLN H2   H  N N 116 
GLN HA   H  N N 117 
GLN HB2  H  N N 118 
GLN HB3  H  N N 119 
GLN HG2  H  N N 120 
GLN HG3  H  N N 121 
GLN HE21 H  N N 122 
GLN HE22 H  N N 123 
GLN HXT  H  N N 124 
GLU N    N  N N 125 
GLU CA   C  N S 126 
GLU C    C  N N 127 
GLU O    O  N N 128 
GLU CB   C  N N 129 
GLU CG   C  N N 130 
GLU CD   C  N N 131 
GLU OE1  O  N N 132 
GLU OE2  O  N N 133 
GLU OXT  O  N N 134 
GLU H    H  N N 135 
GLU H2   H  N N 136 
GLU HA   H  N N 137 
GLU HB2  H  N N 138 
GLU HB3  H  N N 139 
GLU HG2  H  N N 140 
GLU HG3  H  N N 141 
GLU HE2  H  N N 142 
GLU HXT  H  N N 143 
GLY N    N  N N 144 
GLY CA   C  N N 145 
GLY C    C  N N 146 
GLY O    O  N N 147 
GLY OXT  O  N N 148 
GLY H    H  N N 149 
GLY H2   H  N N 150 
GLY HA2  H  N N 151 
GLY HA3  H  N N 152 
GLY HXT  H  N N 153 
GOL C1   C  N N 154 
GOL O1   O  N N 155 
GOL C2   C  N N 156 
GOL O2   O  N N 157 
GOL C3   C  N N 158 
GOL O3   O  N N 159 
GOL H11  H  N N 160 
GOL H12  H  N N 161 
GOL HO1  H  N N 162 
GOL H2   H  N N 163 
GOL HO2  H  N N 164 
GOL H31  H  N N 165 
GOL H32  H  N N 166 
GOL HO3  H  N N 167 
HIS N    N  N N 168 
HIS CA   C  N S 169 
HIS C    C  N N 170 
HIS O    O  N N 171 
HIS CB   C  N N 172 
HIS CG   C  Y N 173 
HIS ND1  N  Y N 174 
HIS CD2  C  Y N 175 
HIS CE1  C  Y N 176 
HIS NE2  N  Y N 177 
HIS OXT  O  N N 178 
HIS H    H  N N 179 
HIS H2   H  N N 180 
HIS HA   H  N N 181 
HIS HB2  H  N N 182 
HIS HB3  H  N N 183 
HIS HD1  H  N N 184 
HIS HD2  H  N N 185 
HIS HE1  H  N N 186 
HIS HE2  H  N N 187 
HIS HXT  H  N N 188 
HOH O    O  N N 189 
HOH H1   H  N N 190 
HOH H2   H  N N 191 
ILE N    N  N N 192 
ILE CA   C  N S 193 
ILE C    C  N N 194 
ILE O    O  N N 195 
ILE CB   C  N S 196 
ILE CG1  C  N N 197 
ILE CG2  C  N N 198 
ILE CD1  C  N N 199 
ILE OXT  O  N N 200 
ILE H    H  N N 201 
ILE H2   H  N N 202 
ILE HA   H  N N 203 
ILE HB   H  N N 204 
ILE HG12 H  N N 205 
ILE HG13 H  N N 206 
ILE HG21 H  N N 207 
ILE HG22 H  N N 208 
ILE HG23 H  N N 209 
ILE HD11 H  N N 210 
ILE HD12 H  N N 211 
ILE HD13 H  N N 212 
ILE HXT  H  N N 213 
LEU N    N  N N 214 
LEU CA   C  N S 215 
LEU C    C  N N 216 
LEU O    O  N N 217 
LEU CB   C  N N 218 
LEU CG   C  N N 219 
LEU CD1  C  N N 220 
LEU CD2  C  N N 221 
LEU OXT  O  N N 222 
LEU H    H  N N 223 
LEU H2   H  N N 224 
LEU HA   H  N N 225 
LEU HB2  H  N N 226 
LEU HB3  H  N N 227 
LEU HG   H  N N 228 
LEU HD11 H  N N 229 
LEU HD12 H  N N 230 
LEU HD13 H  N N 231 
LEU HD21 H  N N 232 
LEU HD22 H  N N 233 
LEU HD23 H  N N 234 
LEU HXT  H  N N 235 
LYS N    N  N N 236 
LYS CA   C  N S 237 
LYS C    C  N N 238 
LYS O    O  N N 239 
LYS CB   C  N N 240 
LYS CG   C  N N 241 
LYS CD   C  N N 242 
LYS CE   C  N N 243 
LYS NZ   N  N N 244 
LYS OXT  O  N N 245 
LYS H    H  N N 246 
LYS H2   H  N N 247 
LYS HA   H  N N 248 
LYS HB2  H  N N 249 
LYS HB3  H  N N 250 
LYS HG2  H  N N 251 
LYS HG3  H  N N 252 
LYS HD2  H  N N 253 
LYS HD3  H  N N 254 
LYS HE2  H  N N 255 
LYS HE3  H  N N 256 
LYS HZ1  H  N N 257 
LYS HZ2  H  N N 258 
LYS HZ3  H  N N 259 
LYS HXT  H  N N 260 
MET N    N  N N 261 
MET CA   C  N S 262 
MET C    C  N N 263 
MET O    O  N N 264 
MET CB   C  N N 265 
MET CG   C  N N 266 
MET SD   S  N N 267 
MET CE   C  N N 268 
MET OXT  O  N N 269 
MET H    H  N N 270 
MET H2   H  N N 271 
MET HA   H  N N 272 
MET HB2  H  N N 273 
MET HB3  H  N N 274 
MET HG2  H  N N 275 
MET HG3  H  N N 276 
MET HE1  H  N N 277 
MET HE2  H  N N 278 
MET HE3  H  N N 279 
MET HXT  H  N N 280 
NH2 N    N  N N 281 
NH2 HN1  H  N N 282 
NH2 HN2  H  N N 283 
NMI CAA  C  N N 284 
NMI NAN  N  Y N 285 
NMI CAH  C  Y N 286 
NMI CAM  C  Y N 287 
NMI CAG  C  Y N 288 
NMI CAE  C  Y N 289 
NMI CAD  C  Y N 290 
NMI CAF  C  Y N 291 
NMI CAL  C  Y N 292 
NMI CAK  C  Y N 293 
NMI CAJ  C  N N 294 
NMI CAI  C  N N 295 
NMI CAC  C  N N 296 
NMI OAB  O  N N 297 
NMI O1   O  N N 298 
NMI H1   H  N N 299 
NMI H2   H  N N 300 
NMI H3   H  N N 301 
NMI H4   H  N N 302 
NMI H5   H  N N 303 
NMI H6   H  N N 304 
NMI H7   H  N N 305 
NMI H8   H  N N 306 
NMI H9   H  N N 307 
NMI H10  H  N N 308 
NMI H11  H  N N 309 
NMI H12  H  N N 310 
NMI H13  H  N N 311 
PHE N    N  N N 312 
PHE CA   C  N S 313 
PHE C    C  N N 314 
PHE O    O  N N 315 
PHE CB   C  N N 316 
PHE CG   C  Y N 317 
PHE CD1  C  Y N 318 
PHE CD2  C  Y N 319 
PHE CE1  C  Y N 320 
PHE CE2  C  Y N 321 
PHE CZ   C  Y N 322 
PHE OXT  O  N N 323 
PHE H    H  N N 324 
PHE H2   H  N N 325 
PHE HA   H  N N 326 
PHE HB2  H  N N 327 
PHE HB3  H  N N 328 
PHE HD1  H  N N 329 
PHE HD2  H  N N 330 
PHE HE1  H  N N 331 
PHE HE2  H  N N 332 
PHE HZ   H  N N 333 
PHE HXT  H  N N 334 
PRO N    N  N N 335 
PRO CA   C  N S 336 
PRO C    C  N N 337 
PRO O    O  N N 338 
PRO CB   C  N N 339 
PRO CG   C  N N 340 
PRO CD   C  N N 341 
PRO OXT  O  N N 342 
PRO H    H  N N 343 
PRO HA   H  N N 344 
PRO HB2  H  N N 345 
PRO HB3  H  N N 346 
PRO HG2  H  N N 347 
PRO HG3  H  N N 348 
PRO HD2  H  N N 349 
PRO HD3  H  N N 350 
PRO HXT  H  N N 351 
PTR N    N  N N 352 
PTR CA   C  N S 353 
PTR C    C  N N 354 
PTR O    O  N N 355 
PTR OXT  O  N N 356 
PTR CB   C  N N 357 
PTR CG   C  Y N 358 
PTR CD1  C  Y N 359 
PTR CD2  C  Y N 360 
PTR CE1  C  Y N 361 
PTR CE2  C  Y N 362 
PTR CZ   C  Y N 363 
PTR OH   O  N N 364 
PTR P    P  N N 365 
PTR O1P  O  N N 366 
PTR O2P  O  N N 367 
PTR O3P  O  N N 368 
PTR H    H  N N 369 
PTR H2   H  N N 370 
PTR HA   H  N N 371 
PTR HXT  H  N N 372 
PTR HB2  H  N N 373 
PTR HB3  H  N N 374 
PTR HD1  H  N N 375 
PTR HD2  H  N N 376 
PTR HE1  H  N N 377 
PTR HE2  H  N N 378 
PTR HO2P H  N N 379 
PTR HO3P H  N N 380 
SER N    N  N N 381 
SER CA   C  N S 382 
SER C    C  N N 383 
SER O    O  N N 384 
SER CB   C  N N 385 
SER OG   O  N N 386 
SER OXT  O  N N 387 
SER H    H  N N 388 
SER H2   H  N N 389 
SER HA   H  N N 390 
SER HB2  H  N N 391 
SER HB3  H  N N 392 
SER HG   H  N N 393 
SER HXT  H  N N 394 
THR N    N  N N 395 
THR CA   C  N S 396 
THR C    C  N N 397 
THR O    O  N N 398 
THR CB   C  N R 399 
THR OG1  O  N N 400 
THR CG2  C  N N 401 
THR OXT  O  N N 402 
THR H    H  N N 403 
THR H2   H  N N 404 
THR HA   H  N N 405 
THR HB   H  N N 406 
THR HG1  H  N N 407 
THR HG21 H  N N 408 
THR HG22 H  N N 409 
THR HG23 H  N N 410 
THR HXT  H  N N 411 
TRP N    N  N N 412 
TRP CA   C  N S 413 
TRP C    C  N N 414 
TRP O    O  N N 415 
TRP CB   C  N N 416 
TRP CG   C  Y N 417 
TRP CD1  C  Y N 418 
TRP CD2  C  Y N 419 
TRP NE1  N  Y N 420 
TRP CE2  C  Y N 421 
TRP CE3  C  Y N 422 
TRP CZ2  C  Y N 423 
TRP CZ3  C  Y N 424 
TRP CH2  C  Y N 425 
TRP OXT  O  N N 426 
TRP H    H  N N 427 
TRP H2   H  N N 428 
TRP HA   H  N N 429 
TRP HB2  H  N N 430 
TRP HB3  H  N N 431 
TRP HD1  H  N N 432 
TRP HE1  H  N N 433 
TRP HE3  H  N N 434 
TRP HZ2  H  N N 435 
TRP HZ3  H  N N 436 
TRP HH2  H  N N 437 
TRP HXT  H  N N 438 
TYR N    N  N N 439 
TYR CA   C  N S 440 
TYR C    C  N N 441 
TYR O    O  N N 442 
TYR CB   C  N N 443 
TYR CG   C  Y N 444 
TYR CD1  C  Y N 445 
TYR CD2  C  Y N 446 
TYR CE1  C  Y N 447 
TYR CE2  C  Y N 448 
TYR CZ   C  Y N 449 
TYR OH   O  N N 450 
TYR OXT  O  N N 451 
TYR H    H  N N 452 
TYR H2   H  N N 453 
TYR HA   H  N N 454 
TYR HB2  H  N N 455 
TYR HB3  H  N N 456 
TYR HD1  H  N N 457 
TYR HD2  H  N N 458 
TYR HE1  H  N N 459 
TYR HE2  H  N N 460 
TYR HH   H  N N 461 
TYR HXT  H  N N 462 
VAL N    N  N N 463 
VAL CA   C  N S 464 
VAL C    C  N N 465 
VAL O    O  N N 466 
VAL CB   C  N N 467 
VAL CG1  C  N N 468 
VAL CG2  C  N N 469 
VAL OXT  O  N N 470 
VAL H    H  N N 471 
VAL H2   H  N N 472 
VAL HA   H  N N 473 
VAL HB   H  N N 474 
VAL HG11 H  N N 475 
VAL HG12 H  N N 476 
VAL HG13 H  N N 477 
VAL HG21 H  N N 478 
VAL HG22 H  N N 479 
VAL HG23 H  N N 480 
VAL HXT  H  N N 481 
# 
loop_
_chem_comp_bond.comp_id 
_chem_comp_bond.atom_id_1 
_chem_comp_bond.atom_id_2 
_chem_comp_bond.value_order 
_chem_comp_bond.pdbx_aromatic_flag 
_chem_comp_bond.pdbx_stereo_config 
_chem_comp_bond.pdbx_ordinal 
02K C   O    doub N N 1   
02K CE  CD   sing N N 2   
02K CD  CG   sing N N 3   
02K CD  HAP  sing N N 4   
02K CD  HAPA sing N N 5   
02K CG  CB   sing N N 6   
02K CG  HAQ  sing N N 7   
02K CG  HAQA sing N N 8   
02K CE  CH   sing N N 9   
02K CE  HAR  sing N N 10  
02K CE  HARA sing N N 11  
02K CA  CB   sing N N 12  
02K CB  HB1  sing N N 13  
02K CB  HB2  sing N N 14  
02K CH  CA   sing N N 15  
02K CH  HAT  sing N N 16  
02K CH  HATA sing N N 17  
02K N   CA   sing N N 18  
02K N   H    sing N N 19  
02K CA  C    sing N N 20  
02K C   OXT  sing N N 21  
02K OXT HXT  sing N N 22  
02K N   H2   sing N N 23  
ACT C   O    doub N N 24  
ACT C   OXT  sing N N 25  
ACT C   CH3  sing N N 26  
ACT CH3 H1   sing N N 27  
ACT CH3 H2   sing N N 28  
ACT CH3 H3   sing N N 29  
ALA N   CA   sing N N 30  
ALA N   H    sing N N 31  
ALA N   H2   sing N N 32  
ALA CA  C    sing N N 33  
ALA CA  CB   sing N N 34  
ALA CA  HA   sing N N 35  
ALA C   O    doub N N 36  
ALA C   OXT  sing N N 37  
ALA CB  HB1  sing N N 38  
ALA CB  HB2  sing N N 39  
ALA CB  HB3  sing N N 40  
ALA OXT HXT  sing N N 41  
ARG N   CA   sing N N 42  
ARG N   H    sing N N 43  
ARG N   H2   sing N N 44  
ARG CA  C    sing N N 45  
ARG CA  CB   sing N N 46  
ARG CA  HA   sing N N 47  
ARG C   O    doub N N 48  
ARG C   OXT  sing N N 49  
ARG CB  CG   sing N N 50  
ARG CB  HB2  sing N N 51  
ARG CB  HB3  sing N N 52  
ARG CG  CD   sing N N 53  
ARG CG  HG2  sing N N 54  
ARG CG  HG3  sing N N 55  
ARG CD  NE   sing N N 56  
ARG CD  HD2  sing N N 57  
ARG CD  HD3  sing N N 58  
ARG NE  CZ   sing N N 59  
ARG NE  HE   sing N N 60  
ARG CZ  NH1  sing N N 61  
ARG CZ  NH2  doub N N 62  
ARG NH1 HH11 sing N N 63  
ARG NH1 HH12 sing N N 64  
ARG NH2 HH21 sing N N 65  
ARG NH2 HH22 sing N N 66  
ARG OXT HXT  sing N N 67  
ASN N   CA   sing N N 68  
ASN N   H    sing N N 69  
ASN N   H2   sing N N 70  
ASN CA  C    sing N N 71  
ASN CA  CB   sing N N 72  
ASN CA  HA   sing N N 73  
ASN C   O    doub N N 74  
ASN C   OXT  sing N N 75  
ASN CB  CG   sing N N 76  
ASN CB  HB2  sing N N 77  
ASN CB  HB3  sing N N 78  
ASN CG  OD1  doub N N 79  
ASN CG  ND2  sing N N 80  
ASN ND2 HD21 sing N N 81  
ASN ND2 HD22 sing N N 82  
ASN OXT HXT  sing N N 83  
ASP N   CA   sing N N 84  
ASP N   H    sing N N 85  
ASP N   H2   sing N N 86  
ASP CA  C    sing N N 87  
ASP CA  CB   sing N N 88  
ASP CA  HA   sing N N 89  
ASP C   O    doub N N 90  
ASP C   OXT  sing N N 91  
ASP CB  CG   sing N N 92  
ASP CB  HB2  sing N N 93  
ASP CB  HB3  sing N N 94  
ASP CG  OD1  doub N N 95  
ASP CG  OD2  sing N N 96  
ASP OD2 HD2  sing N N 97  
ASP OXT HXT  sing N N 98  
GLN N   CA   sing N N 99  
GLN N   H    sing N N 100 
GLN N   H2   sing N N 101 
GLN CA  C    sing N N 102 
GLN CA  CB   sing N N 103 
GLN CA  HA   sing N N 104 
GLN C   O    doub N N 105 
GLN C   OXT  sing N N 106 
GLN CB  CG   sing N N 107 
GLN CB  HB2  sing N N 108 
GLN CB  HB3  sing N N 109 
GLN CG  CD   sing N N 110 
GLN CG  HG2  sing N N 111 
GLN CG  HG3  sing N N 112 
GLN CD  OE1  doub N N 113 
GLN CD  NE2  sing N N 114 
GLN NE2 HE21 sing N N 115 
GLN NE2 HE22 sing N N 116 
GLN OXT HXT  sing N N 117 
GLU N   CA   sing N N 118 
GLU N   H    sing N N 119 
GLU N   H2   sing N N 120 
GLU CA  C    sing N N 121 
GLU CA  CB   sing N N 122 
GLU CA  HA   sing N N 123 
GLU C   O    doub N N 124 
GLU C   OXT  sing N N 125 
GLU CB  CG   sing N N 126 
GLU CB  HB2  sing N N 127 
GLU CB  HB3  sing N N 128 
GLU CG  CD   sing N N 129 
GLU CG  HG2  sing N N 130 
GLU CG  HG3  sing N N 131 
GLU CD  OE1  doub N N 132 
GLU CD  OE2  sing N N 133 
GLU OE2 HE2  sing N N 134 
GLU OXT HXT  sing N N 135 
GLY N   CA   sing N N 136 
GLY N   H    sing N N 137 
GLY N   H2   sing N N 138 
GLY CA  C    sing N N 139 
GLY CA  HA2  sing N N 140 
GLY CA  HA3  sing N N 141 
GLY C   O    doub N N 142 
GLY C   OXT  sing N N 143 
GLY OXT HXT  sing N N 144 
GOL C1  O1   sing N N 145 
GOL C1  C2   sing N N 146 
GOL C1  H11  sing N N 147 
GOL C1  H12  sing N N 148 
GOL O1  HO1  sing N N 149 
GOL C2  O2   sing N N 150 
GOL C2  C3   sing N N 151 
GOL C2  H2   sing N N 152 
GOL O2  HO2  sing N N 153 
GOL C3  O3   sing N N 154 
GOL C3  H31  sing N N 155 
GOL C3  H32  sing N N 156 
GOL O3  HO3  sing N N 157 
HIS N   CA   sing N N 158 
HIS N   H    sing N N 159 
HIS N   H2   sing N N 160 
HIS CA  C    sing N N 161 
HIS CA  CB   sing N N 162 
HIS CA  HA   sing N N 163 
HIS C   O    doub N N 164 
HIS C   OXT  sing N N 165 
HIS CB  CG   sing N N 166 
HIS CB  HB2  sing N N 167 
HIS CB  HB3  sing N N 168 
HIS CG  ND1  sing Y N 169 
HIS CG  CD2  doub Y N 170 
HIS ND1 CE1  doub Y N 171 
HIS ND1 HD1  sing N N 172 
HIS CD2 NE2  sing Y N 173 
HIS CD2 HD2  sing N N 174 
HIS CE1 NE2  sing Y N 175 
HIS CE1 HE1  sing N N 176 
HIS NE2 HE2  sing N N 177 
HIS OXT HXT  sing N N 178 
HOH O   H1   sing N N 179 
HOH O   H2   sing N N 180 
ILE N   CA   sing N N 181 
ILE N   H    sing N N 182 
ILE N   H2   sing N N 183 
ILE CA  C    sing N N 184 
ILE CA  CB   sing N N 185 
ILE CA  HA   sing N N 186 
ILE C   O    doub N N 187 
ILE C   OXT  sing N N 188 
ILE CB  CG1  sing N N 189 
ILE CB  CG2  sing N N 190 
ILE CB  HB   sing N N 191 
ILE CG1 CD1  sing N N 192 
ILE CG1 HG12 sing N N 193 
ILE CG1 HG13 sing N N 194 
ILE CG2 HG21 sing N N 195 
ILE CG2 HG22 sing N N 196 
ILE CG2 HG23 sing N N 197 
ILE CD1 HD11 sing N N 198 
ILE CD1 HD12 sing N N 199 
ILE CD1 HD13 sing N N 200 
ILE OXT HXT  sing N N 201 
LEU N   CA   sing N N 202 
LEU N   H    sing N N 203 
LEU N   H2   sing N N 204 
LEU CA  C    sing N N 205 
LEU CA  CB   sing N N 206 
LEU CA  HA   sing N N 207 
LEU C   O    doub N N 208 
LEU C   OXT  sing N N 209 
LEU CB  CG   sing N N 210 
LEU CB  HB2  sing N N 211 
LEU CB  HB3  sing N N 212 
LEU CG  CD1  sing N N 213 
LEU CG  CD2  sing N N 214 
LEU CG  HG   sing N N 215 
LEU CD1 HD11 sing N N 216 
LEU CD1 HD12 sing N N 217 
LEU CD1 HD13 sing N N 218 
LEU CD2 HD21 sing N N 219 
LEU CD2 HD22 sing N N 220 
LEU CD2 HD23 sing N N 221 
LEU OXT HXT  sing N N 222 
LYS N   CA   sing N N 223 
LYS N   H    sing N N 224 
LYS N   H2   sing N N 225 
LYS CA  C    sing N N 226 
LYS CA  CB   sing N N 227 
LYS CA  HA   sing N N 228 
LYS C   O    doub N N 229 
LYS C   OXT  sing N N 230 
LYS CB  CG   sing N N 231 
LYS CB  HB2  sing N N 232 
LYS CB  HB3  sing N N 233 
LYS CG  CD   sing N N 234 
LYS CG  HG2  sing N N 235 
LYS CG  HG3  sing N N 236 
LYS CD  CE   sing N N 237 
LYS CD  HD2  sing N N 238 
LYS CD  HD3  sing N N 239 
LYS CE  NZ   sing N N 240 
LYS CE  HE2  sing N N 241 
LYS CE  HE3  sing N N 242 
LYS NZ  HZ1  sing N N 243 
LYS NZ  HZ2  sing N N 244 
LYS NZ  HZ3  sing N N 245 
LYS OXT HXT  sing N N 246 
MET N   CA   sing N N 247 
MET N   H    sing N N 248 
MET N   H2   sing N N 249 
MET CA  C    sing N N 250 
MET CA  CB   sing N N 251 
MET CA  HA   sing N N 252 
MET C   O    doub N N 253 
MET C   OXT  sing N N 254 
MET CB  CG   sing N N 255 
MET CB  HB2  sing N N 256 
MET CB  HB3  sing N N 257 
MET CG  SD   sing N N 258 
MET CG  HG2  sing N N 259 
MET CG  HG3  sing N N 260 
MET SD  CE   sing N N 261 
MET CE  HE1  sing N N 262 
MET CE  HE2  sing N N 263 
MET CE  HE3  sing N N 264 
MET OXT HXT  sing N N 265 
NH2 N   HN1  sing N N 266 
NH2 N   HN2  sing N N 267 
NMI CAD CAF  doub Y N 268 
NMI CAD CAE  sing Y N 269 
NMI CAF CAL  sing Y N 270 
NMI CAE CAG  doub Y N 271 
NMI CAL CAM  doub Y N 272 
NMI CAL CAK  sing Y N 273 
NMI CAG CAM  sing Y N 274 
NMI CAI CAJ  sing N N 275 
NMI CAI CAC  sing N N 276 
NMI CAJ CAK  sing N N 277 
NMI CAM NAN  sing Y N 278 
NMI CAK CAH  doub Y N 279 
NMI OAB CAC  doub N N 280 
NMI NAN CAH  sing Y N 281 
NMI NAN CAA  sing N N 282 
NMI CAC O1   sing N N 283 
NMI CAA H1   sing N N 284 
NMI CAA H2   sing N N 285 
NMI CAA H3   sing N N 286 
NMI CAH H4   sing N N 287 
NMI CAG H5   sing N N 288 
NMI CAE H6   sing N N 289 
NMI CAD H7   sing N N 290 
NMI CAF H8   sing N N 291 
NMI CAJ H9   sing N N 292 
NMI CAJ H10  sing N N 293 
NMI CAI H11  sing N N 294 
NMI CAI H12  sing N N 295 
NMI O1  H13  sing N N 296 
PHE N   CA   sing N N 297 
PHE N   H    sing N N 298 
PHE N   H2   sing N N 299 
PHE CA  C    sing N N 300 
PHE CA  CB   sing N N 301 
PHE CA  HA   sing N N 302 
PHE C   O    doub N N 303 
PHE C   OXT  sing N N 304 
PHE CB  CG   sing N N 305 
PHE CB  HB2  sing N N 306 
PHE CB  HB3  sing N N 307 
PHE CG  CD1  doub Y N 308 
PHE CG  CD2  sing Y N 309 
PHE CD1 CE1  sing Y N 310 
PHE CD1 HD1  sing N N 311 
PHE CD2 CE2  doub Y N 312 
PHE CD2 HD2  sing N N 313 
PHE CE1 CZ   doub Y N 314 
PHE CE1 HE1  sing N N 315 
PHE CE2 CZ   sing Y N 316 
PHE CE2 HE2  sing N N 317 
PHE CZ  HZ   sing N N 318 
PHE OXT HXT  sing N N 319 
PRO N   CA   sing N N 320 
PRO N   CD   sing N N 321 
PRO N   H    sing N N 322 
PRO CA  C    sing N N 323 
PRO CA  CB   sing N N 324 
PRO CA  HA   sing N N 325 
PRO C   O    doub N N 326 
PRO C   OXT  sing N N 327 
PRO CB  CG   sing N N 328 
PRO CB  HB2  sing N N 329 
PRO CB  HB3  sing N N 330 
PRO CG  CD   sing N N 331 
PRO CG  HG2  sing N N 332 
PRO CG  HG3  sing N N 333 
PRO CD  HD2  sing N N 334 
PRO CD  HD3  sing N N 335 
PRO OXT HXT  sing N N 336 
PTR N   CA   sing N N 337 
PTR N   H    sing N N 338 
PTR N   H2   sing N N 339 
PTR CA  C    sing N N 340 
PTR CA  CB   sing N N 341 
PTR CA  HA   sing N N 342 
PTR C   O    doub N N 343 
PTR C   OXT  sing N N 344 
PTR OXT HXT  sing N N 345 
PTR CB  CG   sing N N 346 
PTR CB  HB2  sing N N 347 
PTR CB  HB3  sing N N 348 
PTR CG  CD1  doub Y N 349 
PTR CG  CD2  sing Y N 350 
PTR CD1 CE1  sing Y N 351 
PTR CD1 HD1  sing N N 352 
PTR CD2 CE2  doub Y N 353 
PTR CD2 HD2  sing N N 354 
PTR CE1 CZ   doub Y N 355 
PTR CE1 HE1  sing N N 356 
PTR CE2 CZ   sing Y N 357 
PTR CE2 HE2  sing N N 358 
PTR CZ  OH   sing N N 359 
PTR OH  P    sing N N 360 
PTR P   O1P  doub N N 361 
PTR P   O2P  sing N N 362 
PTR P   O3P  sing N N 363 
PTR O2P HO2P sing N N 364 
PTR O3P HO3P sing N N 365 
SER N   CA   sing N N 366 
SER N   H    sing N N 367 
SER N   H2   sing N N 368 
SER CA  C    sing N N 369 
SER CA  CB   sing N N 370 
SER CA  HA   sing N N 371 
SER C   O    doub N N 372 
SER C   OXT  sing N N 373 
SER CB  OG   sing N N 374 
SER CB  HB2  sing N N 375 
SER CB  HB3  sing N N 376 
SER OG  HG   sing N N 377 
SER OXT HXT  sing N N 378 
THR N   CA   sing N N 379 
THR N   H    sing N N 380 
THR N   H2   sing N N 381 
THR CA  C    sing N N 382 
THR CA  CB   sing N N 383 
THR CA  HA   sing N N 384 
THR C   O    doub N N 385 
THR C   OXT  sing N N 386 
THR CB  OG1  sing N N 387 
THR CB  CG2  sing N N 388 
THR CB  HB   sing N N 389 
THR OG1 HG1  sing N N 390 
THR CG2 HG21 sing N N 391 
THR CG2 HG22 sing N N 392 
THR CG2 HG23 sing N N 393 
THR OXT HXT  sing N N 394 
TRP N   CA   sing N N 395 
TRP N   H    sing N N 396 
TRP N   H2   sing N N 397 
TRP CA  C    sing N N 398 
TRP CA  CB   sing N N 399 
TRP CA  HA   sing N N 400 
TRP C   O    doub N N 401 
TRP C   OXT  sing N N 402 
TRP CB  CG   sing N N 403 
TRP CB  HB2  sing N N 404 
TRP CB  HB3  sing N N 405 
TRP CG  CD1  doub Y N 406 
TRP CG  CD2  sing Y N 407 
TRP CD1 NE1  sing Y N 408 
TRP CD1 HD1  sing N N 409 
TRP CD2 CE2  doub Y N 410 
TRP CD2 CE3  sing Y N 411 
TRP NE1 CE2  sing Y N 412 
TRP NE1 HE1  sing N N 413 
TRP CE2 CZ2  sing Y N 414 
TRP CE3 CZ3  doub Y N 415 
TRP CE3 HE3  sing N N 416 
TRP CZ2 CH2  doub Y N 417 
TRP CZ2 HZ2  sing N N 418 
TRP CZ3 CH2  sing Y N 419 
TRP CZ3 HZ3  sing N N 420 
TRP CH2 HH2  sing N N 421 
TRP OXT HXT  sing N N 422 
TYR N   CA   sing N N 423 
TYR N   H    sing N N 424 
TYR N   H2   sing N N 425 
TYR CA  C    sing N N 426 
TYR CA  CB   sing N N 427 
TYR CA  HA   sing N N 428 
TYR C   O    doub N N 429 
TYR C   OXT  sing N N 430 
TYR CB  CG   sing N N 431 
TYR CB  HB2  sing N N 432 
TYR CB  HB3  sing N N 433 
TYR CG  CD1  doub Y N 434 
TYR CG  CD2  sing Y N 435 
TYR CD1 CE1  sing Y N 436 
TYR CD1 HD1  sing N N 437 
TYR CD2 CE2  doub Y N 438 
TYR CD2 HD2  sing N N 439 
TYR CE1 CZ   doub Y N 440 
TYR CE1 HE1  sing N N 441 
TYR CE2 CZ   sing Y N 442 
TYR CE2 HE2  sing N N 443 
TYR CZ  OH   sing N N 444 
TYR OH  HH   sing N N 445 
TYR OXT HXT  sing N N 446 
VAL N   CA   sing N N 447 
VAL N   H    sing N N 448 
VAL N   H2   sing N N 449 
VAL CA  C    sing N N 450 
VAL CA  CB   sing N N 451 
VAL CA  HA   sing N N 452 
VAL C   O    doub N N 453 
VAL C   OXT  sing N N 454 
VAL CB  CG1  sing N N 455 
VAL CB  CG2  sing N N 456 
VAL CB  HB   sing N N 457 
VAL CG1 HG11 sing N N 458 
VAL CG1 HG12 sing N N 459 
VAL CG1 HG13 sing N N 460 
VAL CG2 HG21 sing N N 461 
VAL CG2 HG22 sing N N 462 
VAL CG2 HG23 sing N N 463 
VAL OXT HXT  sing N N 464 
# 
loop_
_pdbx_audit_support.funding_organization 
_pdbx_audit_support.country 
_pdbx_audit_support.grant_number 
_pdbx_audit_support.ordinal 
'National Institutes of Health/National Institute of General Medical Sciences (NIH/NIGMS)' 'United States' 'GM 84965'    1 
'National Science Foundation (NSF, United States)'                                         'United States' 'CHE 0750329' 2 
'Robert A. Welch Foundation'                                                               'United States' F-652         3 
# 
_atom_sites.entry_id                    4P9Z 
_atom_sites.fract_transf_matrix[1][1]   0.02160646 
_atom_sites.fract_transf_matrix[1][2]   0.01012140 
_atom_sites.fract_transf_matrix[1][3]   -0.00045685 
_atom_sites.fract_transf_matrix[2][1]   -0.00993799 
_atom_sites.fract_transf_matrix[2][2]   0.02096237 
_atom_sites.fract_transf_matrix[2][3]   -0.00559517 
_atom_sites.fract_transf_matrix[3][1]   -0.00076759 
_atom_sites.fract_transf_matrix[3][2]   0.00204615 
_atom_sites.fract_transf_matrix[3][3]   0.00902930 
_atom_sites.fract_transf_vector[1]      0.186014 
_atom_sites.fract_transf_vector[2]      -0.492811 
_atom_sites.fract_transf_vector[3]      0.023057 
# 
loop_
_atom_type.symbol 
C  
CL 
N  
O  
P  
S  
# 
loop_
_atom_site.group_PDB 
_atom_site.id 
_atom_site.type_symbol 
_atom_site.label_atom_id 
_atom_site.label_alt_id 
_atom_site.label_comp_id 
_atom_site.label_asym_id 
_atom_site.label_entity_id 
_atom_site.label_seq_id 
_atom_site.pdbx_PDB_ins_code 
_atom_site.Cartn_x 
_atom_site.Cartn_y 
_atom_site.Cartn_z 
_atom_site.occupancy 
_atom_site.B_iso_or_equiv 
_atom_site.pdbx_formal_charge 
_atom_site.auth_seq_id 
_atom_site.auth_comp_id 
_atom_site.auth_asym_id 
_atom_site.auth_atom_id 
_atom_site.pdbx_PDB_model_num 
ATOM   1    C  CA  . GLU A 1 2   ? 9.565   -14.695 12.128  1.00 53.83 ? 54  GLU A CA  1 
ATOM   2    C  C   . GLU A 1 2   ? 10.377  -14.281 10.906  1.00 55.66 ? 54  GLU A C   1 
ATOM   3    O  O   . GLU A 1 2   ? 10.435  -15.019 9.919   1.00 56.80 ? 54  GLU A O   1 
ATOM   4    N  N   . MET A 1 3   ? 11.011  -13.106 11.009  1.00 64.29 ? 55  MET A N   1 
ATOM   5    C  CA  . MET A 1 3   ? 11.868  -12.475 9.967   1.00 62.94 ? 55  MET A CA  1 
ATOM   6    C  C   . MET A 1 3   ? 11.412  -12.628 8.495   1.00 58.66 ? 55  MET A C   1 
ATOM   7    O  O   . MET A 1 3   ? 12.051  -13.316 7.684   1.00 53.51 ? 55  MET A O   1 
ATOM   8    C  CB  . MET A 1 3   ? 13.343  -12.873 10.147  1.00 71.29 ? 55  MET A CB  1 
ATOM   9    C  CG  . MET A 1 3   ? 14.141  -12.023 11.132  1.00 73.69 ? 55  MET A CG  1 
ATOM   10   S  SD  . MET A 1 3   ? 15.642  -12.889 11.679  1.00 84.70 ? 55  MET A SD  1 
ATOM   11   C  CE  . MET A 1 3   ? 16.866  -11.667 11.221  1.00 82.89 ? 55  MET A CE  1 
ATOM   12   N  N   . LYS A 1 4   ? 10.316  -11.966 8.149   1.00 48.55 ? 56  LYS A N   1 
ATOM   13   C  CA  . LYS A 1 4   ? 9.667   -12.247 6.879   1.00 46.65 ? 56  LYS A CA  1 
ATOM   14   C  C   . LYS A 1 4   ? 9.667   -11.037 5.926   1.00 40.56 ? 56  LYS A C   1 
ATOM   15   O  O   . LYS A 1 4   ? 9.785   -9.891  6.384   1.00 38.25 ? 56  LYS A O   1 
ATOM   16   C  CB  . LYS A 1 4   ? 8.247   -12.760 7.145   1.00 45.85 ? 56  LYS A CB  1 
ATOM   17   C  CG  . LYS A 1 4   ? 8.223   -14.216 7.596   1.00 56.35 ? 56  LYS A CG  1 
ATOM   18   C  CD  . LYS A 1 4   ? 7.051   -14.546 8.516   1.00 56.67 ? 56  LYS A CD  1 
ATOM   19   C  CE  . LYS A 1 4   ? 6.975   -16.053 8.851   1.00 64.54 ? 56  LYS A CE  1 
ATOM   20   N  NZ  . LYS A 1 4   ? 8.225   -16.706 9.345   1.00 55.84 ? 56  LYS A NZ  1 
ATOM   21   N  N   . PRO A 1 5   ? 9.585   -11.291 4.597   1.00 38.57 ? 57  PRO A N   1 
ATOM   22   C  CA  . PRO A 1 5   ? 9.342   -10.162 3.724   1.00 35.14 ? 57  PRO A CA  1 
ATOM   23   C  C   . PRO A 1 5   ? 7.928   -9.637  3.971   1.00 33.51 ? 57  PRO A C   1 
ATOM   24   O  O   . PRO A 1 5   ? 7.008   -10.410 4.316   1.00 30.97 ? 57  PRO A O   1 
ATOM   25   C  CB  . PRO A 1 5   ? 9.380   -10.752 2.324   1.00 32.35 ? 57  PRO A CB  1 
ATOM   26   C  CG  . PRO A 1 5   ? 9.746   -12.194 2.463   1.00 39.22 ? 57  PRO A CG  1 
ATOM   27   C  CD  . PRO A 1 5   ? 9.499   -12.570 3.881   1.00 39.44 ? 57  PRO A CD  1 
ATOM   28   N  N   . HIS A 1 6   ? 7.733   -8.347  3.729   1.00 29.44 ? 58  HIS A N   1 
ATOM   29   C  CA  . HIS A 1 6   ? 6.411   -7.769  3.910   1.00 29.48 ? 58  HIS A CA  1 
ATOM   30   C  C   . HIS A 1 6   ? 5.514   -8.246  2.827   1.00 30.29 ? 58  HIS A C   1 
ATOM   31   O  O   . HIS A 1 6   ? 5.949   -8.311  1.669   1.00 32.07 ? 58  HIS A O   1 
ATOM   32   C  CB  . HIS A 1 6   ? 6.530   -6.268  3.920   1.00 27.04 ? 58  HIS A CB  1 
ATOM   33   C  CG  . HIS A 1 6   ? 7.315   -5.778  5.069   1.00 26.86 ? 58  HIS A CG  1 
ATOM   34   N  ND1 . HIS A 1 6   ? 6.940   -6.001  6.344   1.00 24.60 ? 58  HIS A ND1 1 
ATOM   35   C  CD2 . HIS A 1 6   ? 8.516   -5.101  5.131   1.00 28.03 ? 58  HIS A CD2 1 
ATOM   36   C  CE1 . HIS A 1 6   ? 7.836   -5.460  7.181   1.00 24.66 ? 58  HIS A CE1 1 
ATOM   37   N  NE2 . HIS A 1 6   ? 8.808   -4.918  6.442   1.00 26.07 ? 58  HIS A NE2 1 
ATOM   38   N  N   . PRO A 1 7   ? 4.231   -8.544  3.174   1.00 28.77 ? 59  PRO A N   1 
ATOM   39   C  CA  . PRO A 1 7   ? 3.185   -9.009  2.265   1.00 29.88 ? 59  PRO A CA  1 
ATOM   40   C  C   . PRO A 1 7   ? 2.607   -7.872  1.434   1.00 29.30 ? 59  PRO A C   1 
ATOM   41   O  O   . PRO A 1 7   ? 1.724   -8.100  0.594   1.00 27.96 ? 59  PRO A O   1 
ATOM   42   C  CB  . PRO A 1 7   ? 2.118   -9.562  3.238   1.00 31.66 ? 59  PRO A CB  1 
ATOM   43   C  CG  . PRO A 1 7   ? 2.213   -8.647  4.405   1.00 30.17 ? 59  PRO A CG  1 
ATOM   44   C  CD  . PRO A 1 7   ? 3.709   -8.395  4.554   1.00 31.06 ? 59  PRO A CD  1 
ATOM   45   N  N   . TRP A 1 8   ? 3.104   -6.657  1.656   1.00 25.80 ? 60  TRP A N   1 
ATOM   46   C  CA  . TRP A 1 8   ? 2.548   -5.490  1.020   1.00 24.75 ? 60  TRP A CA  1 
ATOM   47   C  C   . TRP A 1 8   ? 3.338   -4.847  -0.043  1.00 25.14 ? 60  TRP A C   1 
ATOM   48   O  O   . TRP A 1 8   ? 2.858   -3.872  -0.550  1.00 23.66 ? 60  TRP A O   1 
ATOM   49   C  CB  . TRP A 1 8   ? 2.220   -4.391  2.040   1.00 25.18 ? 60  TRP A CB  1 
ATOM   50   C  CG  . TRP A 1 8   ? 3.227   -4.053  3.095   1.00 24.37 ? 60  TRP A CG  1 
ATOM   51   C  CD1 . TRP A 1 8   ? 3.229   -4.493  4.418   1.00 23.19 ? 60  TRP A CD1 1 
ATOM   52   C  CD2 . TRP A 1 8   ? 4.388   -3.141  2.999   1.00 24.76 ? 60  TRP A CD2 1 
ATOM   53   N  NE1 . TRP A 1 8   ? 4.276   -3.971  5.106   1.00 25.28 ? 60  TRP A NE1 1 
ATOM   54   C  CE2 . TRP A 1 8   ? 4.986   -3.106  4.329   1.00 22.74 ? 60  TRP A CE2 1 
ATOM   55   C  CE3 . TRP A 1 8   ? 4.926   -2.372  2.019   1.00 22.59 ? 60  TRP A CE3 1 
ATOM   56   C  CZ2 . TRP A 1 8   ? 6.125   -2.367  4.612   1.00 23.43 ? 60  TRP A CZ2 1 
ATOM   57   C  CZ3 . TRP A 1 8   ? 6.053   -1.591  2.325   1.00 23.17 ? 60  TRP A CZ3 1 
ATOM   58   C  CH2 . TRP A 1 8   ? 6.648   -1.603  3.596   1.00 25.63 ? 60  TRP A CH2 1 
ATOM   59   N  N   . PHE A 1 9   ? 4.569   -5.299  -0.353  1.00 23.00 ? 61  PHE A N   1 
ATOM   60   C  CA  . PHE A 1 9   ? 5.339   -4.645  -1.385  1.00 20.56 ? 61  PHE A CA  1 
ATOM   61   C  C   . PHE A 1 9   ? 5.281   -5.361  -2.692  1.00 21.84 ? 61  PHE A C   1 
ATOM   62   O  O   . PHE A 1 9   ? 5.719   -6.482  -2.793  1.00 24.03 ? 61  PHE A O   1 
ATOM   63   C  CB  . PHE A 1 9   ? 6.791   -4.458  -0.919  1.00 23.54 ? 61  PHE A CB  1 
ATOM   64   C  CG  . PHE A 1 9   ? 7.600   -3.585  -1.839  1.00 23.35 ? 61  PHE A CG  1 
ATOM   65   C  CD1 . PHE A 1 9   ? 7.693   -2.204  -1.628  1.00 22.56 ? 61  PHE A CD1 1 
ATOM   66   C  CD2 . PHE A 1 9   ? 8.229   -4.144  -2.955  1.00 21.30 ? 61  PHE A CD2 1 
ATOM   67   C  CE1 . PHE A 1 9   ? 8.374   -1.389  -2.468  1.00 26.00 ? 61  PHE A CE1 1 
ATOM   68   C  CE2 . PHE A 1 9   ? 8.946   -3.310  -3.824  1.00 24.74 ? 61  PHE A CE2 1 
ATOM   69   C  CZ  . PHE A 1 9   ? 9.018   -1.946  -3.582  1.00 22.68 ? 61  PHE A CZ  1 
ATOM   70   N  N   . PHE A 1 10  ? 4.732   -4.702  -3.701  1.00 22.48 ? 62  PHE A N   1 
ATOM   71   C  CA  . PHE A 1 10  ? 4.455   -5.355  -4.959  1.00 24.02 ? 62  PHE A CA  1 
ATOM   72   C  C   . PHE A 1 10  ? 5.283   -4.784  -6.118  1.00 23.19 ? 62  PHE A C   1 
ATOM   73   O  O   . PHE A 1 10  ? 5.022   -5.138  -7.286  1.00 25.52 ? 62  PHE A O   1 
ATOM   74   C  CB  . PHE A 1 10  ? 2.949   -5.250  -5.268  1.00 23.68 ? 62  PHE A CB  1 
ATOM   75   C  CG  . PHE A 1 10  ? 2.086   -6.305  -4.591  1.00 24.14 ? 62  PHE A CG  1 
ATOM   76   C  CD1 . PHE A 1 10  ? 1.869   -6.273  -3.192  1.00 23.62 ? 62  PHE A CD1 1 
ATOM   77   C  CD2 . PHE A 1 10  ? 1.453   -7.281  -5.350  1.00 25.97 ? 62  PHE A CD2 1 
ATOM   78   C  CE1 . PHE A 1 10  ? 1.054   -7.228  -2.589  1.00 24.46 ? 62  PHE A CE1 1 
ATOM   79   C  CE2 . PHE A 1 10  ? 0.657   -8.234  -4.748  1.00 30.09 ? 62  PHE A CE2 1 
ATOM   80   C  CZ  . PHE A 1 10  ? 0.448   -8.196  -3.365  1.00 27.95 ? 62  PHE A CZ  1 
ATOM   81   N  N   . GLY A 1 11  ? 6.261   -3.931  -5.814  1.00 21.74 ? 63  GLY A N   1 
ATOM   82   C  CA  . GLY A 1 11  ? 7.152   -3.378  -6.820  1.00 22.30 ? 63  GLY A CA  1 
ATOM   83   C  C   . GLY A 1 11  ? 6.398   -2.662  -7.931  1.00 23.54 ? 63  GLY A C   1 
ATOM   84   O  O   . GLY A 1 11  ? 5.404   -1.975  -7.687  1.00 23.49 ? 63  GLY A O   1 
ATOM   85   N  N   . LYS A 1 12  ? 6.834   -2.878  -9.174  1.00 24.24 ? 64  LYS A N   1 
ATOM   86   C  CA  . LYS A 1 12  ? 6.224   -2.237  -10.356 1.00 25.36 ? 64  LYS A CA  1 
ATOM   87   C  C   . LYS A 1 12  ? 4.948   -2.906  -10.908 1.00 27.95 ? 64  LYS A C   1 
ATOM   88   O  O   . LYS A 1 12  ? 4.876   -3.225  -12.099 1.00 34.57 ? 64  LYS A O   1 
ATOM   89   C  CB  . LYS A 1 12  ? 7.278   -2.120  -11.485 1.00 24.73 ? 64  LYS A CB  1 
ATOM   90   C  CG  . LYS A 1 12  ? 7.010   -0.981  -12.472 1.00 32.31 ? 64  LYS A CG  1 
ATOM   91   C  CD  . LYS A 1 12  ? 7.608   -1.287  -13.867 1.00 32.81 ? 64  LYS A CD  1 
ATOM   92   C  CE  . LYS A 1 12  ? 7.411   -0.137  -14.842 0.50 34.74 ? 64  LYS A CE  1 
ATOM   93   N  NZ  . LYS A 1 12  ? 8.375   0.946   -14.496 0.50 37.83 ? 64  LYS A NZ  1 
ATOM   94   N  N   A ILE A 1 13  ? 3.952   -3.125  -10.070 0.50 28.88 ? 65  ILE A N   1 
ATOM   95   N  N   B ILE A 1 13  ? 3.951   -3.097  -10.046 0.50 28.01 ? 65  ILE A N   1 
ATOM   96   C  CA  A ILE A 1 13  ? 2.671   -3.581  -10.601 0.50 29.39 ? 65  ILE A CA  1 
ATOM   97   C  CA  B ILE A 1 13  ? 2.604   -3.532  -10.460 0.50 27.73 ? 65  ILE A CA  1 
ATOM   98   C  C   A ILE A 1 13  ? 1.911   -2.351  -11.015 0.50 29.39 ? 65  ILE A C   1 
ATOM   99   C  C   B ILE A 1 13  ? 1.896   -2.303  -10.999 0.50 28.71 ? 65  ILE A C   1 
ATOM   100  O  O   A ILE A 1 13  ? 1.894   -1.366  -10.267 0.50 31.94 ? 65  ILE A O   1 
ATOM   101  O  O   B ILE A 1 13  ? 1.898   -1.269  -10.318 0.50 31.48 ? 65  ILE A O   1 
ATOM   102  C  CB  A ILE A 1 13  ? 1.854   -4.334  -9.570  0.50 29.70 ? 65  ILE A CB  1 
ATOM   103  C  CB  B ILE A 1 13  ? 1.797   -4.043  -9.257  0.50 26.88 ? 65  ILE A CB  1 
ATOM   104  C  CG1 A ILE A 1 13  ? 1.710   -3.484  -8.296  0.50 29.64 ? 65  ILE A CG1 1 
ATOM   105  C  CG1 B ILE A 1 13  ? 0.404   -4.505  -9.662  0.50 23.96 ? 65  ILE A CG1 1 
ATOM   106  C  CG2 A ILE A 1 13  ? 2.502   -5.697  -9.332  0.50 28.84 ? 65  ILE A CG2 1 
ATOM   107  C  CG2 B ILE A 1 13  ? 1.610   -2.949  -8.219  0.50 26.76 ? 65  ILE A CG2 1 
ATOM   108  C  CD1 A ILE A 1 13  ? 0.639   -3.960  -7.345  0.50 29.62 ? 65  ILE A CD1 1 
ATOM   109  C  CD1 B ILE A 1 13  ? -0.118  -5.625  -8.785  0.50 25.41 ? 65  ILE A CD1 1 
ATOM   110  N  N   . PRO A 1 14  ? 1.310   -2.378  -12.215 1.00 26.49 ? 66  PRO A N   1 
ATOM   111  C  CA  . PRO A 1 14  ? 0.531   -1.234  -12.710 1.00 26.47 ? 66  PRO A CA  1 
ATOM   112  C  C   . PRO A 1 14  ? -0.589  -0.814  -11.758 1.00 24.08 ? 66  PRO A C   1 
ATOM   113  O  O   . PRO A 1 14  ? -1.105  -1.642  -10.978 1.00 25.75 ? 66  PRO A O   1 
ATOM   114  C  CB  . PRO A 1 14  ? -0.033  -1.743  -14.057 1.00 27.65 ? 66  PRO A CB  1 
ATOM   115  C  CG  . PRO A 1 14  ? 1.010   -2.717  -14.495 1.00 23.68 ? 66  PRO A CG  1 
ATOM   116  C  CD  . PRO A 1 14  ? 1.369   -3.458  -13.222 1.00 28.96 ? 66  PRO A CD  1 
ATOM   117  N  N   . ARG A 1 15  ? -0.915  0.473   -11.770 1.00 22.90 ? 67  ARG A N   1 
ATOM   118  C  CA  . ARG A 1 15  ? -2.044  1.000   -10.976 1.00 22.53 ? 67  ARG A CA  1 
ATOM   119  C  C   . ARG A 1 15  ? -3.300  0.152   -11.132 1.00 22.23 ? 67  ARG A C   1 
ATOM   120  O  O   . ARG A 1 15  ? -3.970  -0.188  -10.166 1.00 22.24 ? 67  ARG A O   1 
ATOM   121  C  CB  . ARG A 1 15  ? -2.291  2.450   -11.391 1.00 21.09 ? 67  ARG A CB  1 
ATOM   122  C  CG  . ARG A 1 15  ? -3.569  3.073   -10.860 1.00 21.40 ? 67  ARG A CG  1 
ATOM   123  C  CD  . ARG A 1 15  ? -3.734  4.445   -11.448 1.00 21.06 ? 67  ARG A CD  1 
ATOM   124  N  NE  . ARG A 1 15  ? -4.987  5.062   -10.978 1.00 26.45 ? 67  ARG A NE  1 
ATOM   125  C  CZ  . ARG A 1 15  ? -5.077  6.071   -10.098 1.00 25.85 ? 67  ARG A CZ  1 
ATOM   126  N  NH1 . ARG A 1 15  ? -3.977  6.562   -9.512  1.00 22.83 ? 67  ARG A NH1 1 
ATOM   127  N  NH2 . ARG A 1 15  ? -6.291  6.599   -9.798  1.00 22.76 ? 67  ARG A NH2 1 
ATOM   128  N  N   . ALA A 1 16  ? -3.635  -0.174  -12.379 1.00 21.42 ? 68  ALA A N   1 
ATOM   129  C  CA  . ALA A 1 16  ? -4.810  -0.948  -12.661 1.00 23.51 ? 68  ALA A CA  1 
ATOM   130  C  C   . ALA A 1 16  ? -4.705  -2.389  -12.124 1.00 23.02 ? 68  ALA A C   1 
ATOM   131  O  O   . ALA A 1 16  ? -5.689  -2.945  -11.642 1.00 23.14 ? 68  ALA A O   1 
ATOM   132  C  CB  . ALA A 1 16  ? -5.074  -0.941  -14.164 1.00 23.11 ? 68  ALA A CB  1 
ATOM   133  N  N   . LYS A 1 17  ? -3.518  -2.980  -12.163 1.00 21.89 ? 69  LYS A N   1 
ATOM   134  C  CA  . LYS A 1 17  ? -3.361  -4.311  -11.576 1.00 22.24 ? 69  LYS A CA  1 
ATOM   135  C  C   . LYS A 1 17  ? -3.537  -4.306  -10.050 1.00 23.15 ? 69  LYS A C   1 
ATOM   136  O  O   . LYS A 1 17  ? -4.034  -5.276  -9.511  1.00 24.23 ? 69  LYS A O   1 
ATOM   137  C  CB  . LYS A 1 17  ? -2.049  -4.933  -11.952 1.00 22.23 ? 69  LYS A CB  1 
ATOM   138  C  CG  . LYS A 1 17  ? -2.066  -5.440  -13.435 1.00 25.32 ? 69  LYS A CG  1 
ATOM   139  C  CD  . LYS A 1 17  ? -2.769  -6.799  -13.539 1.00 27.07 ? 69  LYS A CD  1 
ATOM   140  C  CE  . LYS A 1 17  ? -3.028  -7.217  -15.001 1.00 26.68 ? 69  LYS A CE  1 
ATOM   141  N  NZ  . LYS A 1 17  ? -4.063  -8.317  -15.075 1.00 26.99 ? 69  LYS A NZ  1 
ATOM   142  N  N   . ALA A 1 18  ? -3.063  -3.255  -9.385  1.00 22.51 ? 70  ALA A N   1 
ATOM   143  C  CA  . ALA A 1 18  ? -3.252  -3.155  -7.919  1.00 22.92 ? 70  ALA A CA  1 
ATOM   144  C  C   . ALA A 1 18  ? -4.737  -3.040  -7.631  1.00 23.42 ? 70  ALA A C   1 
ATOM   145  O  O   . ALA A 1 18  ? -5.215  -3.667  -6.672  1.00 22.32 ? 70  ALA A O   1 
ATOM   146  C  CB  . ALA A 1 18  ? -2.526  -1.978  -7.374  1.00 23.52 ? 70  ALA A CB  1 
ATOM   147  N  N   . GLU A 1 19  ? -5.471  -2.301  -8.466  1.00 23.50 ? 71  GLU A N   1 
ATOM   148  C  CA  . GLU A 1 19  ? -6.945  -2.224  -8.305  1.00 25.75 ? 71  GLU A CA  1 
ATOM   149  C  C   . GLU A 1 19  ? -7.611  -3.557  -8.502  1.00 25.63 ? 71  GLU A C   1 
ATOM   150  O  O   . GLU A 1 19  ? -8.431  -3.948  -7.669  1.00 22.91 ? 71  GLU A O   1 
ATOM   151  C  CB  . GLU A 1 19  ? -7.614  -1.192  -9.228  1.00 25.95 ? 71  GLU A CB  1 
ATOM   152  C  CG  . GLU A 1 19  ? -7.459  0.242   -8.732  1.00 30.99 ? 71  GLU A CG  1 
ATOM   153  C  CD  . GLU A 1 19  ? -7.716  1.280   -9.791  1.00 35.01 ? 71  GLU A CD  1 
ATOM   154  O  OE1 . GLU A 1 19  ? -7.556  1.019   -11.028 1.00 43.74 ? 71  GLU A OE1 1 
ATOM   155  O  OE2 . GLU A 1 19  ? -8.019  2.402   -9.402  1.00 32.02 ? 71  GLU A OE2 1 
ATOM   156  N  N   . GLU A 1 20  ? -7.212  -4.271  -9.558  1.00 24.25 ? 72  GLU A N   1 
ATOM   157  C  CA  . GLU A 1 20  ? -7.702  -5.637  -9.792  1.00 24.49 ? 72  GLU A CA  1 
ATOM   158  C  C   . GLU A 1 20  ? -7.489  -6.544  -8.585  1.00 24.17 ? 72  GLU A C   1 
ATOM   159  O  O   . GLU A 1 20  ? -8.404  -7.257  -8.189  1.00 25.19 ? 72  GLU A O   1 
ATOM   160  C  CB  . GLU A 1 20  ? -7.042  -6.283  -11.031 1.00 23.93 ? 72  GLU A CB  1 
ATOM   161  C  CG  . GLU A 1 20  ? -7.416  -7.747  -11.250 1.00 26.21 ? 72  GLU A CG  1 
ATOM   162  C  CD  . GLU A 1 20  ? -6.640  -8.360  -12.419 1.00 25.01 ? 72  GLU A CD  1 
ATOM   163  O  OE1 . GLU A 1 20  ? -6.010  -7.612  -13.175 1.00 26.69 ? 72  GLU A OE1 1 
ATOM   164  O  OE2 . GLU A 1 20  ? -6.639  -9.599  -12.555 1.00 26.29 ? 72  GLU A OE2 1 
ATOM   165  N  N   A MET A 1 21  ? -6.297  -6.495  -8.001  0.50 22.37 ? 73  MET A N   1 
ATOM   166  N  N   B MET A 1 21  ? -6.302  -6.497  -7.994  0.50 22.97 ? 73  MET A N   1 
ATOM   167  C  CA  A MET A 1 21  ? -5.987  -7.383  -6.897  0.50 25.52 ? 73  MET A CA  1 
ATOM   168  C  CA  B MET A 1 21  ? -6.008  -7.388  -6.887  0.50 26.73 ? 73  MET A CA  1 
ATOM   169  C  C   A MET A 1 21  ? -6.707  -6.949  -5.628  0.50 24.52 ? 73  MET A C   1 
ATOM   170  C  C   B MET A 1 21  ? -6.736  -6.946  -5.633  0.50 25.13 ? 73  MET A C   1 
ATOM   171  O  O   A MET A 1 21  ? -7.287  -7.776  -4.949  0.50 26.41 ? 73  MET A O   1 
ATOM   172  O  O   B MET A 1 21  ? -7.331  -7.765  -4.957  0.50 26.74 ? 73  MET A O   1 
ATOM   173  C  CB  A MET A 1 21  ? -4.471  -7.522  -6.673  0.50 25.76 ? 73  MET A CB  1 
ATOM   174  C  CB  B MET A 1 21  ? -4.509  -7.483  -6.620  0.50 28.33 ? 73  MET A CB  1 
ATOM   175  C  CG  A MET A 1 21  ? -4.104  -8.543  -5.608  0.50 27.39 ? 73  MET A CG  1 
ATOM   176  C  CG  B MET A 1 21  ? -4.086  -8.727  -5.856  0.50 31.19 ? 73  MET A CG  1 
ATOM   177  S  SD  A MET A 1 21  ? -4.096  -7.713  -4.007  0.50 27.83 ? 73  MET A SD  1 
ATOM   178  S  SD  B MET A 1 21  ? -2.386  -8.414  -5.384  0.50 38.44 ? 73  MET A SD  1 
ATOM   179  C  CE  A MET A 1 21  ? -2.389  -7.290  -3.857  0.50 30.74 ? 73  MET A CE  1 
ATOM   180  C  CE  B MET A 1 21  ? -1.796  -7.634  -6.894  0.50 32.98 ? 73  MET A CE  1 
ATOM   181  N  N   . LEU A 1 22  ? -6.716  -5.651  -5.340  1.00 24.37 ? 74  LEU A N   1 
ATOM   182  C  CA  . LEU A 1 22  ? -7.372  -5.173  -4.128  1.00 22.50 ? 74  LEU A CA  1 
ATOM   183  C  C   . LEU A 1 22  ? -8.865  -5.274  -4.166  1.00 24.58 ? 74  LEU A C   1 
ATOM   184  O  O   . LEU A 1 22  ? -9.485  -5.483  -3.112  1.00 26.78 ? 74  LEU A O   1 
ATOM   185  C  CB  . LEU A 1 22  ? -6.916  -3.762  -3.731  1.00 22.78 ? 74  LEU A CB  1 
ATOM   186  C  CG  . LEU A 1 22  ? -5.442  -3.798  -3.352  1.00 22.41 ? 74  LEU A CG  1 
ATOM   187  C  CD1 . LEU A 1 22  ? -4.898  -2.419  -3.121  1.00 22.31 ? 74  LEU A CD1 1 
ATOM   188  C  CD2 . LEU A 1 22  ? -5.223  -4.598  -2.071  1.00 24.73 ? 74  LEU A CD2 1 
ATOM   189  N  N   . SER A 1 23  ? -9.454  -5.188  -5.370  1.00 24.57 ? 75  SER A N   1 
ATOM   190  C  CA  . SER A 1 23  ? -10.893 -5.369  -5.533  1.00 26.80 ? 75  SER A CA  1 
ATOM   191  C  C   . SER A 1 23  ? -11.418 -6.712  -4.994  1.00 25.75 ? 75  SER A C   1 
ATOM   192  O  O   . SER A 1 23  ? -12.580 -6.803  -4.562  1.00 27.52 ? 75  SER A O   1 
ATOM   193  C  CB  . SER A 1 23  ? -11.278 -5.248  -7.000  1.00 29.31 ? 75  SER A CB  1 
ATOM   194  O  OG  . SER A 1 23  ? -11.110 -3.908  -7.399  1.00 31.32 ? 75  SER A OG  1 
ATOM   195  N  N   . LYS A 1 24  ? -10.601 -7.748  -5.011  1.00 25.15 ? 76  LYS A N   1 
ATOM   196  C  CA  . LYS A 1 24  ? -11.005 -9.052  -4.466  1.00 24.28 ? 76  LYS A CA  1 
ATOM   197  C  C   . LYS A 1 24  ? -10.739 -9.279  -2.976  1.00 26.05 ? 76  LYS A C   1 
ATOM   198  O  O   . LYS A 1 24  ? -11.076 -10.314 -2.447  1.00 24.55 ? 76  LYS A O   1 
ATOM   199  C  CB  . LYS A 1 24  ? -10.317 -10.149 -5.235  1.00 24.41 ? 76  LYS A CB  1 
ATOM   200  C  CG  . LYS A 1 24  ? -10.658 -10.047 -6.742  1.00 24.80 ? 76  LYS A CG  1 
ATOM   201  C  CD  . LYS A 1 24  ? -9.868  -11.078 -7.492  1.00 28.52 ? 76  LYS A CD  1 
ATOM   202  C  CE  . LYS A 1 24  ? -8.405  -10.715 -7.532  1.00 34.73 ? 76  LYS A CE  1 
ATOM   203  N  NZ  . LYS A 1 24  ? -7.695  -11.547 -8.544  1.00 36.52 ? 76  LYS A NZ  1 
ATOM   204  N  N   . GLN A 1 25  ? -10.106 -8.332  -2.315  1.00 25.62 ? 77  GLN A N   1 
ATOM   205  C  CA  . GLN A 1 25  ? -9.902  -8.411  -0.865  1.00 23.24 ? 77  GLN A CA  1 
ATOM   206  C  C   . GLN A 1 25  ? -11.221 -8.099  -0.213  1.00 24.73 ? 77  GLN A C   1 
ATOM   207  O  O   . GLN A 1 25  ? -11.941 -7.228  -0.642  1.00 27.17 ? 77  GLN A O   1 
ATOM   208  C  CB  . GLN A 1 25  ? -8.882  -7.343  -0.461  1.00 21.75 ? 77  GLN A CB  1 
ATOM   209  C  CG  . GLN A 1 25  ? -7.440  -7.626  -0.902  1.00 19.63 ? 77  GLN A CG  1 
ATOM   210  C  CD  . GLN A 1 25  ? -6.947  -8.872  -0.222  1.00 22.45 ? 77  GLN A CD  1 
ATOM   211  O  OE1 . GLN A 1 25  ? -6.875  -8.943  1.013   1.00 23.06 ? 77  GLN A OE1 1 
ATOM   212  N  NE2 . GLN A 1 25  ? -6.686  -9.907  -0.993  1.00 20.64 ? 77  GLN A NE2 1 
ATOM   213  N  N   . ARG A 1 26  ? -11.548 -8.793  0.860   1.00 25.48 ? 78  ARG A N   1 
ATOM   214  C  CA  . ARG A 1 26  ? -12.791 -8.541  1.573   1.00 23.49 ? 78  ARG A CA  1 
ATOM   215  C  C   . ARG A 1 26  ? -12.773 -7.321  2.492   1.00 26.36 ? 78  ARG A C   1 
ATOM   216  O  O   . ARG A 1 26  ? -13.825 -6.769  2.786   1.00 28.71 ? 78  ARG A O   1 
ATOM   217  C  CB  . ARG A 1 26  ? -13.127 -9.791  2.402   1.00 21.69 ? 78  ARG A CB  1 
ATOM   218  C  CG  . ARG A 1 26  ? -13.633 -10.896 1.524   1.00 23.40 ? 78  ARG A CG  1 
ATOM   219  C  CD  . ARG A 1 26  ? -13.764 -12.161 2.357   1.00 20.39 ? 78  ARG A CD  1 
ATOM   220  N  NE  . ARG A 1 26  ? -14.685 -13.124 1.776   1.00 20.78 ? 78  ARG A NE  1 
ATOM   221  C  CZ  . ARG A 1 26  ? -15.025 -14.267 2.367   1.00 22.21 ? 78  ARG A CZ  1 
ATOM   222  N  NH1 . ARG A 1 26  ? -14.563 -14.571 3.579   1.00 20.21 ? 78  ARG A NH1 1 
ATOM   223  N  NH2 . ARG A 1 26  ? -15.856 -15.109 1.771   1.00 20.12 ? 78  ARG A NH2 1 
ATOM   224  N  N   . HIS A 1 27  ? -11.602 -6.902  2.944   1.00 20.90 ? 79  HIS A N   1 
ATOM   225  C  CA  . HIS A 1 27  ? -11.573 -6.028  4.128   1.00 22.94 ? 79  HIS A CA  1 
ATOM   226  C  C   . HIS A 1 27  ? -11.055 -4.650  3.829   1.00 21.52 ? 79  HIS A C   1 
ATOM   227  O  O   . HIS A 1 27  ? -9.937  -4.459  3.276   1.00 22.86 ? 79  HIS A O   1 
ATOM   228  C  CB  . HIS A 1 27  ? -10.779 -6.702  5.242   1.00 21.32 ? 79  HIS A CB  1 
ATOM   229  C  CG  . HIS A 1 27  ? -11.388 -7.990  5.709   1.00 24.09 ? 79  HIS A CG  1 
ATOM   230  N  ND1 . HIS A 1 27  ? -10.696 -9.162  5.765   1.00 26.05 ? 79  HIS A ND1 1 
ATOM   231  C  CD2 . HIS A 1 27  ? -12.654 -8.261  6.160   1.00 22.40 ? 79  HIS A CD2 1 
ATOM   232  C  CE1 . HIS A 1 27  ? -11.500 -10.136 6.221   1.00 23.78 ? 79  HIS A CE1 1 
ATOM   233  N  NE2 . HIS A 1 27  ? -12.703 -9.601  6.445   1.00 28.33 ? 79  HIS A NE2 1 
ATOM   234  N  N   . ASP A 1 28  ? -11.834 -3.656  4.239   1.00 23.00 ? 80  ASP A N   1 
ATOM   235  C  CA  . ASP A 1 28  ? -11.454 -2.274  4.069   1.00 23.05 ? 80  ASP A CA  1 
ATOM   236  C  C   . ASP A 1 28  ? -10.101 -2.034  4.728   1.00 22.44 ? 80  ASP A C   1 
ATOM   237  O  O   . ASP A 1 28  ? -9.874  -2.488  5.858   1.00 24.74 ? 80  ASP A O   1 
ATOM   238  C  CB  . ASP A 1 28  ? -12.537 -1.371  4.699   1.00 24.68 ? 80  ASP A CB  1 
ATOM   239  C  CG  . ASP A 1 28  ? -13.793 -1.296  3.845   1.00 27.57 ? 80  ASP A CG  1 
ATOM   240  O  OD1 . ASP A 1 28  ? -14.787 -0.737  4.352   1.00 27.51 ? 80  ASP A OD1 1 
ATOM   241  O  OD2 . ASP A 1 28  ? -13.779 -1.808  2.672   1.00 24.46 ? 80  ASP A OD2 1 
ATOM   242  N  N   . GLY A 1 29  ? -9.210  -1.318  4.029   1.00 21.16 ? 81  GLY A N   1 
ATOM   243  C  CA  . GLY A 1 29  ? -7.837  -1.079  4.519   1.00 21.42 ? 81  GLY A CA  1 
ATOM   244  C  C   . GLY A 1 29  ? -6.782  -2.029  3.933   1.00 22.01 ? 81  GLY A C   1 
ATOM   245  O  O   . GLY A 1 29  ? -5.579  -1.727  3.971   1.00 21.46 ? 81  GLY A O   1 
ATOM   246  N  N   . ALA A 1 30  ? -7.236  -3.160  3.366   1.00 24.59 ? 82  ALA A N   1 
ATOM   247  C  CA  . ALA A 1 30  ? -6.321  -4.070  2.625   1.00 21.98 ? 82  ALA A CA  1 
ATOM   248  C  C   . ALA A 1 30  ? -5.551  -3.224  1.646   1.00 20.16 ? 82  ALA A C   1 
ATOM   249  O  O   . ALA A 1 30  ? -6.137  -2.450  0.941   1.00 21.53 ? 82  ALA A O   1 
ATOM   250  C  CB  . ALA A 1 30  ? -7.082  -5.159  1.893   1.00 21.23 ? 82  ALA A CB  1 
ATOM   251  N  N   . PHE A 1 31  ? -4.240  -3.393  1.596   1.00 19.27 ? 83  PHE A N   1 
ATOM   252  C  CA  . PHE A 1 31  ? -3.383  -2.400  0.875   1.00 21.36 ? 83  PHE A CA  1 
ATOM   253  C  C   . PHE A 1 31  ? -2.092  -2.992  0.355   1.00 22.24 ? 83  PHE A C   1 
ATOM   254  O  O   . PHE A 1 31  ? -1.678  -4.096  0.782   1.00 21.07 ? 83  PHE A O   1 
ATOM   255  C  CB  . PHE A 1 31  ? -2.993  -1.226  1.803   1.00 20.82 ? 83  PHE A CB  1 
ATOM   256  C  CG  . PHE A 1 31  ? -1.848  -1.567  2.698   1.00 19.91 ? 83  PHE A CG  1 
ATOM   257  C  CD1 . PHE A 1 31  ? -0.535  -1.182  2.392   1.00 21.70 ? 83  PHE A CD1 1 
ATOM   258  C  CD2 . PHE A 1 31  ? -2.069  -2.397  3.802   1.00 19.19 ? 83  PHE A CD2 1 
ATOM   259  C  CE1 . PHE A 1 31  ? 0.517   -1.571  3.238   1.00 18.76 ? 83  PHE A CE1 1 
ATOM   260  C  CE2 . PHE A 1 31  ? -1.047  -2.803  4.611   1.00 19.16 ? 83  PHE A CE2 1 
ATOM   261  C  CZ  . PHE A 1 31  ? 0.247   -2.373  4.345   1.00 19.48 ? 83  PHE A CZ  1 
ATOM   262  N  N   . LEU A 1 32  ? -1.466  -2.217  -0.536  1.00 19.27 ? 84  LEU A N   1 
ATOM   263  C  CA  . LEU A 1 32  ? -0.167  -2.466  -1.012  1.00 19.67 ? 84  LEU A CA  1 
ATOM   264  C  C   . LEU A 1 32  ? 0.557   -1.171  -1.357  1.00 18.15 ? 84  LEU A C   1 
ATOM   265  O  O   . LEU A 1 32  ? -0.096  -0.166  -1.685  1.00 21.28 ? 84  LEU A O   1 
ATOM   266  C  CB  . LEU A 1 32  ? -0.274  -3.409  -2.270  1.00 21.26 ? 84  LEU A CB  1 
ATOM   267  C  CG  . LEU A 1 32  ? -0.981  -2.910  -3.523  1.00 22.14 ? 84  LEU A CG  1 
ATOM   268  C  CD1 . LEU A 1 32  ? -0.046  -2.023  -4.353  1.00 24.00 ? 84  LEU A CD1 1 
ATOM   269  C  CD2 . LEU A 1 32  ? -1.420  -4.174  -4.299  1.00 25.52 ? 84  LEU A CD2 1 
ATOM   270  N  N   . ILE A 1 33  ? 1.909   -1.209  -1.327  1.00 18.71 ? 85  ILE A N   1 
ATOM   271  C  CA  . ILE A 1 33  ? 2.807   -0.198  -1.881  1.00 18.82 ? 85  ILE A CA  1 
ATOM   272  C  C   . ILE A 1 33  ? 3.315   -0.745  -3.214  1.00 20.71 ? 85  ILE A C   1 
ATOM   273  O  O   . ILE A 1 33  ? 3.653   -1.907  -3.306  1.00 21.71 ? 85  ILE A O   1 
ATOM   274  C  CB  . ILE A 1 33  ? 3.992   0.029   -0.937  1.00 20.41 ? 85  ILE A CB  1 
ATOM   275  C  CG1 . ILE A 1 33  ? 3.486   0.594   0.451   1.00 19.89 ? 85  ILE A CG1 1 
ATOM   276  C  CG2 . ILE A 1 33  ? 5.090   0.903   -1.560  1.00 20.56 ? 85  ILE A CG2 1 
ATOM   277  C  CD1 . ILE A 1 33  ? 3.115   2.067   0.374   1.00 19.76 ? 85  ILE A CD1 1 
ATOM   278  N  N   . ARG A 1 34  ? 3.306   0.109   -4.217  1.00 19.57 ? 86  ARG A N   1 
ATOM   279  C  CA  . ARG A 1 34  ? 3.822   -0.175  -5.558  1.00 19.86 ? 86  ARG A CA  1 
ATOM   280  C  C   . ARG A 1 34  ? 4.700   0.976   -5.960  1.00 21.18 ? 86  ARG A C   1 
ATOM   281  O  O   . ARG A 1 34  ? 4.709   2.038   -5.327  1.00 21.21 ? 86  ARG A O   1 
ATOM   282  C  CB  . ARG A 1 34  ? 2.678   -0.298  -6.583  1.00 19.49 ? 86  ARG A CB  1 
ATOM   283  C  CG  . ARG A 1 34  ? 1.683   0.881   -6.720  1.00 19.62 ? 86  ARG A CG  1 
ATOM   284  C  CD  . ARG A 1 34  ? 0.396   0.509   -7.453  1.00 20.67 ? 86  ARG A CD  1 
ATOM   285  N  NE  . ARG A 1 34  ? -0.562  1.600   -7.383  1.00 18.18 ? 86  ARG A NE  1 
ATOM   286  C  CZ  . ARG A 1 34  ? -0.433  2.738   -8.054  1.00 19.78 ? 86  ARG A CZ  1 
ATOM   287  N  NH1 . ARG A 1 34  ? 0.579   2.874   -8.939  1.00 21.97 ? 86  ARG A NH1 1 
ATOM   288  N  NH2 . ARG A 1 34  ? -1.329  3.708   -7.893  1.00 17.78 ? 86  ARG A NH2 1 
ATOM   289  N  N   . GLU A 1 35  ? 5.390   0.805   -7.087  1.00 18.67 ? 87  GLU A N   1 
ATOM   290  C  CA  . GLU A 1 35  ? 6.324   1.800   -7.573  1.00 19.97 ? 87  GLU A CA  1 
ATOM   291  C  C   . GLU A 1 35  ? 5.595   2.390   -8.742  1.00 19.51 ? 87  GLU A C   1 
ATOM   292  O  O   . GLU A 1 35  ? 5.218   1.632   -9.649  1.00 21.10 ? 87  GLU A O   1 
ATOM   293  C  CB  . GLU A 1 35  ? 7.614   1.091   -7.972  1.00 18.49 ? 87  GLU A CB  1 
ATOM   294  C  CG  . GLU A 1 35  ? 8.276   0.347   -6.819  1.00 19.18 ? 87  GLU A CG  1 
ATOM   295  C  CD  . GLU A 1 35  ? 9.685   -0.056  -7.147  1.00 18.59 ? 87  GLU A CD  1 
ATOM   296  O  OE1 . GLU A 1 35  ? 10.526  0.804   -7.166  1.00 20.81 ? 87  GLU A OE1 1 
ATOM   297  O  OE2 . GLU A 1 35  ? 9.960   -1.257  -7.370  1.00 19.67 ? 87  GLU A OE2 1 
ATOM   298  N  N   . SER A 1 36  ? 5.287   3.675   -8.647  1.00 20.18 ? 88  SER A N   1 
ATOM   299  C  CA  . SER A 1 36  ? 4.460   4.371   -9.650  1.00 18.57 ? 88  SER A CA  1 
ATOM   300  C  C   . SER A 1 36  ? 5.054   4.228   -11.085 1.00 20.92 ? 88  SER A C   1 
ATOM   301  O  O   . SER A 1 36  ? 6.266   4.280   -11.297 1.00 21.87 ? 88  SER A O   1 
ATOM   302  C  CB  . SER A 1 36  ? 4.323   5.842   -9.347  1.00 20.78 ? 88  SER A CB  1 
ATOM   303  O  OG  . SER A 1 36  ? 3.607   6.543   -10.403 1.00 21.71 ? 88  SER A OG  1 
ATOM   304  N  N   . GLU A 1 37  ? 4.208   4.013   -12.058 1.00 21.20 ? 89  GLU A N   1 
ATOM   305  C  CA  . GLU A 1 37  ? 4.694   4.043   -13.444 1.00 23.81 ? 89  GLU A CA  1 
ATOM   306  C  C   . GLU A 1 37  ? 4.533   5.447   -14.085 1.00 26.23 ? 89  GLU A C   1 
ATOM   307  O  O   . GLU A 1 37  ? 5.211   5.757   -15.062 1.00 25.96 ? 89  GLU A O   1 
ATOM   308  C  CB  . GLU A 1 37  ? 3.947   3.030   -14.273 1.00 23.76 ? 89  GLU A CB  1 
ATOM   309  C  CG  . GLU A 1 37  ? 4.068   1.615   -13.769 1.00 23.18 ? 89  GLU A CG  1 
ATOM   310  C  CD  . GLU A 1 37  ? 3.430   0.663   -14.770 1.00 27.02 ? 89  GLU A CD  1 
ATOM   311  O  OE1 . GLU A 1 37  ? 4.147   -0.159  -15.359 1.00 31.23 ? 89  GLU A OE1 1 
ATOM   312  O  OE2 . GLU A 1 37  ? 2.225   0.788   -15.024 1.00 28.08 ? 89  GLU A OE2 1 
ATOM   313  N  N   . SER A 1 38  ? 3.653   6.297   -13.552 1.00 26.38 ? 90  SER A N   1 
ATOM   314  C  CA  . SER A 1 38  ? 3.522   7.687   -14.108 1.00 24.00 ? 90  SER A CA  1 
ATOM   315  C  C   . SER A 1 38  ? 4.541   8.640   -13.495 1.00 27.42 ? 90  SER A C   1 
ATOM   316  O  O   . SER A 1 38  ? 4.821   9.709   -13.998 1.00 24.62 ? 90  SER A O   1 
ATOM   317  C  CB  . SER A 1 38  ? 2.111   8.216   -13.826 1.00 28.72 ? 90  SER A CB  1 
ATOM   318  O  OG  . SER A 1 38  ? 1.882   8.260   -12.429 1.00 27.13 ? 90  SER A OG  1 
ATOM   319  N  N   . ALA A 1 39  ? 5.110   8.272   -12.364 1.00 24.95 ? 91  ALA A N   1 
ATOM   320  C  CA  . ALA A 1 39  ? 6.108   9.097   -11.760 1.00 26.04 ? 91  ALA A CA  1 
ATOM   321  C  C   . ALA A 1 39  ? 7.234   8.169   -11.380 1.00 25.59 ? 91  ALA A C   1 
ATOM   322  O  O   . ALA A 1 39  ? 7.369   7.823   -10.234 1.00 26.98 ? 91  ALA A O   1 
ATOM   323  C  CB  . ALA A 1 39  ? 5.522   9.799   -10.536 1.00 25.66 ? 91  ALA A CB  1 
ATOM   324  N  N   . PRO A 1 40  ? 8.041   7.731   -12.357 1.00 26.60 ? 92  PRO A N   1 
ATOM   325  C  CA  . PRO A 1 40  ? 9.213   6.871   -12.018 1.00 26.46 ? 92  PRO A CA  1 
ATOM   326  C  C   . PRO A 1 40  ? 10.040  7.330   -10.764 1.00 26.45 ? 92  PRO A C   1 
ATOM   327  O  O   . PRO A 1 40  ? 10.385  8.497   -10.627 1.00 26.52 ? 92  PRO A O   1 
ATOM   328  C  CB  . PRO A 1 40  ? 10.023  6.865   -13.309 1.00 29.02 ? 92  PRO A CB  1 
ATOM   329  C  CG  . PRO A 1 40  ? 8.969   6.961   -14.358 1.00 30.15 ? 92  PRO A CG  1 
ATOM   330  C  CD  . PRO A 1 40  ? 7.911   7.906   -13.822 1.00 27.86 ? 92  PRO A CD  1 
ATOM   331  N  N   . GLY A 1 41  ? 10.302  6.409   -9.850  1.00 23.85 ? 93  GLY A N   1 
ATOM   332  C  CA  . GLY A 1 41  ? 11.088  6.738   -8.637  1.00 23.46 ? 93  GLY A CA  1 
ATOM   333  C  C   . GLY A 1 41  ? 10.228  7.192   -7.455  1.00 24.71 ? 93  GLY A C   1 
ATOM   334  O  O   . GLY A 1 41  ? 10.727  7.361   -6.330  1.00 25.03 ? 93  GLY A O   1 
ATOM   335  N  N   . ASP A 1 42  ? 8.926   7.318   -7.677  1.00 22.09 ? 94  ASP A N   1 
ATOM   336  C  CA  . ASP A 1 42  ? 7.984   7.566   -6.550  1.00 22.02 ? 94  ASP A CA  1 
ATOM   337  C  C   . ASP A 1 42  ? 7.168   6.338   -6.224  1.00 21.03 ? 94  ASP A C   1 
ATOM   338  O  O   . ASP A 1 42  ? 6.891   5.495   -7.091  1.00 20.04 ? 94  ASP A O   1 
ATOM   339  C  CB  . ASP A 1 42  ? 6.992   8.674   -6.892  1.00 22.23 ? 94  ASP A CB  1 
ATOM   340  C  CG  . ASP A 1 42  ? 7.636   10.060  -6.954  1.00 24.82 ? 94  ASP A CG  1 
ATOM   341  O  OD1 . ASP A 1 42  ? 8.856   10.175  -6.936  1.00 29.04 ? 94  ASP A OD1 1 
ATOM   342  O  OD2 . ASP A 1 42  ? 6.889   11.042  -7.039  1.00 32.75 ? 94  ASP A OD2 1 
ATOM   343  N  N   . PHE A 1 43  ? 6.741   6.237   -4.970  1.00 20.34 ? 95  PHE A N   1 
ATOM   344  C  CA  . PHE A 1 43  ? 5.841   5.160   -4.621  1.00 20.12 ? 95  PHE A CA  1 
ATOM   345  C  C   . PHE A 1 43  ? 4.403   5.615   -4.556  1.00 20.77 ? 95  PHE A C   1 
ATOM   346  O  O   . PHE A 1 43  ? 4.120   6.789   -4.432  1.00 21.70 ? 95  PHE A O   1 
ATOM   347  C  CB  . PHE A 1 43  ? 6.266   4.527   -3.284  1.00 20.40 ? 95  PHE A CB  1 
ATOM   348  C  CG  . PHE A 1 43  ? 7.659   3.967   -3.319  1.00 18.46 ? 95  PHE A CG  1 
ATOM   349  C  CD1 . PHE A 1 43  ? 8.767   4.748   -2.965  1.00 18.47 ? 95  PHE A CD1 1 
ATOM   350  C  CD2 . PHE A 1 43  ? 7.874   2.664   -3.748  1.00 19.63 ? 95  PHE A CD2 1 
ATOM   351  C  CE1 . PHE A 1 43  ? 10.071  4.204   -3.039  1.00 19.88 ? 95  PHE A CE1 1 
ATOM   352  C  CE2 . PHE A 1 43  ? 9.160   2.146   -3.826  1.00 20.20 ? 95  PHE A CE2 1 
ATOM   353  C  CZ  . PHE A 1 43  ? 10.255  2.913   -3.451  1.00 17.53 ? 95  PHE A CZ  1 
ATOM   354  N  N   . SER A 1 44  ? 3.498   4.660   -4.698  1.00 21.26 ? 96  SER A N   1 
ATOM   355  C  CA  . SER A 1 44  ? 2.075   4.859   -4.520  1.00 20.42 ? 96  SER A CA  1 
ATOM   356  C  C   . SER A 1 44  ? 1.542   3.810   -3.580  1.00 21.21 ? 96  SER A C   1 
ATOM   357  O  O   . SER A 1 44  ? 2.026   2.652   -3.509  1.00 20.59 ? 96  SER A O   1 
ATOM   358  C  CB  . SER A 1 44  ? 1.380   4.743   -5.859  1.00 19.40 ? 96  SER A CB  1 
ATOM   359  O  OG  . SER A 1 44  ? 1.907   5.756   -6.680  1.00 20.05 ? 96  SER A OG  1 
ATOM   360  N  N   . LEU A 1 45  ? 0.494   4.215   -2.901  1.00 20.85 ? 97  LEU A N   1 
ATOM   361  C  CA  . LEU A 1 45  ? -0.191  3.393   -1.928  1.00 18.68 ? 97  LEU A CA  1 
ATOM   362  C  C   . LEU A 1 45  ? -1.614  3.156   -2.466  1.00 19.35 ? 97  LEU A C   1 
ATOM   363  O  O   . LEU A 1 45  ? -2.389  4.112   -2.704  1.00 19.79 ? 97  LEU A O   1 
ATOM   364  C  CB  . LEU A 1 45  ? -0.171  4.133   -0.534  1.00 17.84 ? 97  LEU A CB  1 
ATOM   365  C  CG  . LEU A 1 45  ? -1.092  3.541   0.480   1.00 20.49 ? 97  LEU A CG  1 
ATOM   366  C  CD1 . LEU A 1 45  ? -0.674  2.144   0.942   1.00 20.26 ? 97  LEU A CD1 1 
ATOM   367  C  CD2 . LEU A 1 45  ? -1.038  4.488   1.694   1.00 20.91 ? 97  LEU A CD2 1 
ATOM   368  N  N   . SER A 1 46  ? -1.980  1.874   -2.565  1.00 18.71 ? 98  SER A N   1 
ATOM   369  C  CA  . SER A 1 46  ? -3.307  1.477   -3.039  1.00 17.18 ? 98  SER A CA  1 
ATOM   370  C  C   . SER A 1 46  ? -4.071  0.713   -1.974  1.00 18.31 ? 98  SER A C   1 
ATOM   371  O  O   . SER A 1 46  ? -3.492  -0.098  -1.248  1.00 19.74 ? 98  SER A O   1 
ATOM   372  C  CB  . SER A 1 46  ? -3.219  0.715   -4.370  1.00 18.66 ? 98  SER A CB  1 
ATOM   373  O  OG  . SER A 1 46  ? -2.475  1.497   -5.260  1.00 20.75 ? 98  SER A OG  1 
ATOM   374  N  N   . VAL A 1 47  ? -5.327  1.091   -1.762  1.00 19.64 ? 99  VAL A N   1 
ATOM   375  C  CA  . VAL A 1 47  ? -6.076  0.579   -0.580  1.00 18.82 ? 99  VAL A CA  1 
ATOM   376  C  C   . VAL A 1 47  ? -7.520  0.321   -0.914  1.00 19.39 ? 99  VAL A C   1 
ATOM   377  O  O   . VAL A 1 47  ? -8.166  1.217   -1.501  1.00 21.32 ? 99  VAL A O   1 
ATOM   378  C  CB  . VAL A 1 47  ? -6.119  1.629   0.578   1.00 20.08 ? 99  VAL A CB  1 
ATOM   379  C  CG1 . VAL A 1 47  ? -6.555  0.909   1.867   1.00 17.91 ? 99  VAL A CG1 1 
ATOM   380  C  CG2 . VAL A 1 47  ? -4.762  2.276   0.744   1.00 25.37 ? 99  VAL A CG2 1 
ATOM   381  N  N   A LYS A 1 48  ? -8.024  -0.876  -0.567  0.50 20.36 ? 100 LYS A N   1 
ATOM   382  N  N   B LYS A 1 48  ? -8.026  -0.879  -0.571  0.50 20.57 ? 100 LYS A N   1 
ATOM   383  C  CA  A LYS A 1 48  ? -9.446  -1.214  -0.717  0.50 20.61 ? 100 LYS A CA  1 
ATOM   384  C  CA  B LYS A 1 48  ? -9.453  -1.226  -0.719  0.50 20.98 ? 100 LYS A CA  1 
ATOM   385  C  C   A LYS A 1 48  ? -10.329 -0.418  0.225   0.50 22.13 ? 100 LYS A C   1 
ATOM   386  C  C   B LYS A 1 48  ? -10.332 -0.424  0.223   0.50 22.35 ? 100 LYS A C   1 
ATOM   387  O  O   A LYS A 1 48  ? -10.042 -0.341  1.424   0.50 20.26 ? 100 LYS A O   1 
ATOM   388  O  O   B LYS A 1 48  ? -10.041 -0.344  1.422   0.50 20.43 ? 100 LYS A O   1 
ATOM   389  C  CB  A LYS A 1 48  ? -9.708  -2.690  -0.440  0.50 21.68 ? 100 LYS A CB  1 
ATOM   390  C  CB  B LYS A 1 48  ? -9.710  -2.708  -0.433  0.50 22.47 ? 100 LYS A CB  1 
ATOM   391  C  CG  A LYS A 1 48  ? -11.082 -3.132  -0.922  0.50 22.45 ? 100 LYS A CG  1 
ATOM   392  C  CG  B LYS A 1 48  ? -11.087 -3.183  -0.891  0.50 23.58 ? 100 LYS A CG  1 
ATOM   393  C  CD  A LYS A 1 48  ? -11.595 -4.287  -0.103  0.50 25.73 ? 100 LYS A CD  1 
ATOM   394  C  CD  B LYS A 1 48  ? -11.690 -4.130  0.127   0.50 27.67 ? 100 LYS A CD  1 
ATOM   395  C  CE  A LYS A 1 48  ? -13.105 -4.487  -0.299  0.50 24.26 ? 100 LYS A CE  1 
ATOM   396  C  CE  B LYS A 1 48  ? -13.218 -4.249  -0.009  0.50 26.76 ? 100 LYS A CE  1 
ATOM   397  N  NZ  A LYS A 1 48  ? -13.480 -4.733  -1.709  0.50 24.17 ? 100 LYS A NZ  1 
ATOM   398  N  NZ  B LYS A 1 48  ? -13.882 -4.140  1.343   0.50 24.97 ? 100 LYS A NZ  1 
ATOM   399  N  N   . PHE A 1 49  ? -11.386 0.174   -0.342  1.00 22.79 ? 101 PHE A N   1 
ATOM   400  C  CA  . PHE A 1 49  ? -12.433 0.774   0.399   1.00 24.90 ? 101 PHE A CA  1 
ATOM   401  C  C   . PHE A 1 49  ? -13.831 0.508   -0.245  1.00 26.77 ? 101 PHE A C   1 
ATOM   402  O  O   . PHE A 1 49  ? -14.175 1.098   -1.280  1.00 27.96 ? 101 PHE A O   1 
ATOM   403  C  CB  . PHE A 1 49  ? -12.261 2.261   0.628   1.00 23.32 ? 101 PHE A CB  1 
ATOM   404  C  CG  . PHE A 1 49  ? -13.369 2.822   1.532   1.00 25.73 ? 101 PHE A CG  1 
ATOM   405  C  CD1 . PHE A 1 49  ? -14.419 3.622   1.031   1.00 28.70 ? 101 PHE A CD1 1 
ATOM   406  C  CD2 . PHE A 1 49  ? -13.398 2.432   2.883   1.00 25.25 ? 101 PHE A CD2 1 
ATOM   407  C  CE1 . PHE A 1 49  ? -15.458 4.084   1.881   1.00 30.88 ? 101 PHE A CE1 1 
ATOM   408  C  CE2 . PHE A 1 49  ? -14.422 2.903   3.737   1.00 28.23 ? 101 PHE A CE2 1 
ATOM   409  C  CZ  . PHE A 1 49  ? -15.459 3.701   3.224   1.00 29.55 ? 101 PHE A CZ  1 
ATOM   410  N  N   . GLY A 1 50  ? -14.612 -0.364  0.391   1.00 28.21 ? 102 GLY A N   1 
ATOM   411  C  CA  . GLY A 1 50  ? -15.873 -0.814  -0.134  1.00 30.41 ? 102 GLY A CA  1 
ATOM   412  C  C   . GLY A 1 50  ? -15.699 -1.308  -1.575  1.00 31.10 ? 102 GLY A C   1 
ATOM   413  O  O   . GLY A 1 50  ? -14.864 -2.190  -1.877  1.00 30.06 ? 102 GLY A O   1 
ATOM   414  N  N   . ASN A 1 51  ? -16.444 -0.690  -2.468  1.00 30.13 ? 103 ASN A N   1 
ATOM   415  C  CA  . ASN A 1 51  ? -16.369 -1.085  -3.854  1.00 32.72 ? 103 ASN A CA  1 
ATOM   416  C  C   . ASN A 1 51  ? -15.313 -0.316  -4.592  1.00 32.28 ? 103 ASN A C   1 
ATOM   417  O  O   . ASN A 1 51  ? -15.220 -0.430  -5.803  1.00 31.90 ? 103 ASN A O   1 
ATOM   418  C  CB  . ASN A 1 51  ? -17.722 -0.887  -4.536  1.00 36.90 ? 103 ASN A CB  1 
ATOM   419  C  CG  . ASN A 1 51  ? -18.720 -1.930  -4.118  1.00 40.76 ? 103 ASN A CG  1 
ATOM   420  O  OD1 . ASN A 1 51  ? -18.598 -3.119  -4.465  1.00 45.75 ? 103 ASN A OD1 1 
ATOM   421  N  ND2 . ASN A 1 51  ? -19.716 -1.498  -3.367  1.00 39.10 ? 103 ASN A ND2 1 
ATOM   422  N  N   . ASP A 1 52  ? -14.509 0.452   -3.859  1.00 28.07 ? 104 ASP A N   1 
ATOM   423  C  CA  . ASP A 1 52  ? -13.522 1.295   -4.513  1.00 28.81 ? 104 ASP A CA  1 
ATOM   424  C  C   . ASP A 1 52  ? -12.119 0.821   -4.156  1.00 24.80 ? 104 ASP A C   1 
ATOM   425  O  O   . ASP A 1 52  ? -11.913 0.029   -3.196  1.00 23.56 ? 104 ASP A O   1 
ATOM   426  C  CB  . ASP A 1 52  ? -13.697 2.752   -4.105  1.00 29.49 ? 104 ASP A CB  1 
ATOM   427  C  CG  . ASP A 1 52  ? -15.032 3.330   -4.519  1.00 35.93 ? 104 ASP A CG  1 
ATOM   428  O  OD1 . ASP A 1 52  ? -15.560 3.026   -5.628  1.00 34.49 ? 104 ASP A OD1 1 
ATOM   429  O  OD2 . ASP A 1 52  ? -15.568 4.093   -3.713  1.00 35.65 ? 104 ASP A OD2 1 
ATOM   430  N  N   . VAL A 1 53  ? -11.170 1.266   -4.970  1.00 23.80 ? 105 VAL A N   1 
ATOM   431  C  CA  . VAL A 1 53  ? -9.777  1.236   -4.564  1.00 25.34 ? 105 VAL A CA  1 
ATOM   432  C  C   . VAL A 1 53  ? -9.198  2.641   -4.689  1.00 26.30 ? 105 VAL A C   1 
ATOM   433  O  O   . VAL A 1 53  ? -9.160  3.238   -5.768  1.00 29.03 ? 105 VAL A O   1 
ATOM   434  C  CB  . VAL A 1 53  ? -8.951  0.182   -5.348  1.00 23.06 ? 105 VAL A CB  1 
ATOM   435  C  CG1 . VAL A 1 53  ? -7.456  0.288   -4.967  1.00 28.09 ? 105 VAL A CG1 1 
ATOM   436  C  CG2 . VAL A 1 53  ? -9.523  -1.232  -5.131  1.00 25.49 ? 105 VAL A CG2 1 
ATOM   437  N  N   . GLN A 1 54  ? -8.743  3.157   -3.560  1.00 23.85 ? 106 GLN A N   1 
ATOM   438  C  CA  . GLN A 1 54  ? -8.148  4.456   -3.423  1.00 23.55 ? 106 GLN A CA  1 
ATOM   439  C  C   . GLN A 1 54  ? -6.647  4.428   -3.548  1.00 20.87 ? 106 GLN A C   1 
ATOM   440  O  O   . GLN A 1 54  ? -5.990  3.535   -3.004  1.00 22.16 ? 106 GLN A O   1 
ATOM   441  C  CB  . GLN A 1 54  ? -8.503  5.025   -2.014  1.00 22.74 ? 106 GLN A CB  1 
ATOM   442  C  CG  . GLN A 1 54  ? -10.012 5.087   -1.760  1.00 22.68 ? 106 GLN A CG  1 
ATOM   443  C  CD  . GLN A 1 54  ? -10.367 5.920   -0.511  1.00 22.09 ? 106 GLN A CD  1 
ATOM   444  O  OE1 . GLN A 1 54  ? -9.489  6.417   0.158   1.00 24.81 ? 106 GLN A OE1 1 
ATOM   445  N  NE2 . GLN A 1 54  ? -11.663 6.041   -0.209  1.00 23.61 ? 106 GLN A NE2 1 
ATOM   446  N  N   . HIS A 1 55  ? -6.092  5.473   -4.169  1.00 21.48 ? 107 HIS A N   1 
ATOM   447  C  CA  . HIS A 1 55  ? -4.642  5.620   -4.360  1.00 22.58 ? 107 HIS A CA  1 
ATOM   448  C  C   . HIS A 1 55  ? -4.112  6.855   -3.731  1.00 20.31 ? 107 HIS A C   1 
ATOM   449  O  O   . HIS A 1 55  ? -4.703  7.924   -3.831  1.00 23.34 ? 107 HIS A O   1 
ATOM   450  C  CB  . HIS A 1 55  ? -4.275  5.641   -5.827  1.00 23.46 ? 107 HIS A CB  1 
ATOM   451  C  CG  . HIS A 1 55  ? -4.816  4.444   -6.565  1.00 23.47 ? 107 HIS A CG  1 
ATOM   452  N  ND1 . HIS A 1 55  ? -4.158  3.284   -6.628  1.00 24.39 ? 107 HIS A ND1 1 
ATOM   453  C  CD2 . HIS A 1 55  ? -5.986  4.269   -7.260  1.00 21.45 ? 107 HIS A CD2 1 
ATOM   454  C  CE1 . HIS A 1 55  ? -4.868  2.396   -7.298  1.00 22.96 ? 107 HIS A CE1 1 
ATOM   455  N  NE2 . HIS A 1 55  ? -5.995  2.989   -7.686  1.00 23.44 ? 107 HIS A NE2 1 
ATOM   456  N  N   . PHE A 1 56  ? -2.978  6.705   -3.070  1.00 22.36 ? 108 PHE A N   1 
ATOM   457  C  CA  . PHE A 1 56  ? -2.324  7.821   -2.370  1.00 21.47 ? 108 PHE A CA  1 
ATOM   458  C  C   . PHE A 1 56  ? -0.887  7.965   -2.908  1.00 21.30 ? 108 PHE A C   1 
ATOM   459  O  O   . PHE A 1 56  ? -0.180  6.969   -3.054  1.00 24.09 ? 108 PHE A O   1 
ATOM   460  C  CB  . PHE A 1 56  ? -2.274  7.493   -0.904  1.00 23.19 ? 108 PHE A CB  1 
ATOM   461  C  CG  . PHE A 1 56  ? -3.634  7.368   -0.246  1.00 24.30 ? 108 PHE A CG  1 
ATOM   462  C  CD1 . PHE A 1 56  ? -4.306  6.140   -0.208  1.00 25.82 ? 108 PHE A CD1 1 
ATOM   463  C  CD2 . PHE A 1 56  ? -4.248  8.479   0.291   1.00 24.27 ? 108 PHE A CD2 1 
ATOM   464  C  CE1 . PHE A 1 56  ? -5.566  6.030   0.365   1.00 23.19 ? 108 PHE A CE1 1 
ATOM   465  C  CE2 . PHE A 1 56  ? -5.487  8.360   0.875   1.00 24.13 ? 108 PHE A CE2 1 
ATOM   466  C  CZ  . PHE A 1 56  ? -6.157  7.154   0.909   1.00 23.15 ? 108 PHE A CZ  1 
ATOM   467  N  N   . LYS A 1 57  ? -0.434  9.200   -3.196  1.00 20.59 ? 109 LYS A N   1 
ATOM   468  C  CA  . LYS A 1 57  ? 0.976   9.462   -3.513  1.00 22.89 ? 109 LYS A CA  1 
ATOM   469  C  C   . LYS A 1 57  ? 1.766   9.303   -2.217  1.00 23.00 ? 109 LYS A C   1 
ATOM   470  O  O   . LYS A 1 57  ? 1.348   9.830   -1.177  1.00 23.08 ? 109 LYS A O   1 
ATOM   471  C  CB  . LYS A 1 57  ? 1.161   10.909  -3.976  1.00 21.67 ? 109 LYS A CB  1 
ATOM   472  C  CG  . LYS A 1 57  ? 0.433   11.277  -5.222  1.00 24.33 ? 109 LYS A CG  1 
ATOM   473  C  CD  . LYS A 1 57  ? 0.840   12.697  -5.644  1.00 25.62 ? 109 LYS A CD  1 
ATOM   474  C  CE  . LYS A 1 57  ? 0.165   13.800  -4.830  1.00 27.28 ? 109 LYS A CE  1 
ATOM   475  N  NZ  . LYS A 1 57  ? 0.502   15.206  -5.285  1.00 28.74 ? 109 LYS A NZ  1 
ATOM   476  N  N   . VAL A 1 58  ? 2.880   8.573   -2.255  1.00 21.16 ? 110 VAL A N   1 
ATOM   477  C  CA  . VAL A 1 58  ? 3.848   8.660   -1.144  1.00 22.24 ? 110 VAL A CA  1 
ATOM   478  C  C   . VAL A 1 58  ? 4.765   9.843   -1.411  1.00 22.72 ? 110 VAL A C   1 
ATOM   479  O  O   . VAL A 1 58  ? 5.523   9.835   -2.366  1.00 24.80 ? 110 VAL A O   1 
ATOM   480  C  CB  . VAL A 1 58  ? 4.638   7.347   -0.906  1.00 19.16 ? 110 VAL A CB  1 
ATOM   481  C  CG1 . VAL A 1 58  ? 5.680   7.513   0.221   1.00 17.91 ? 110 VAL A CG1 1 
ATOM   482  C  CG2 . VAL A 1 58  ? 3.695   6.186   -0.670  1.00 18.41 ? 110 VAL A CG2 1 
ATOM   483  N  N   . LEU A 1 59  ? 4.687   10.857  -0.563  1.00 21.30 ? 111 LEU A N   1 
ATOM   484  C  CA  . LEU A 1 59  ? 5.404   12.098  -0.811  1.00 23.12 ? 111 LEU A CA  1 
ATOM   485  C  C   . LEU A 1 59  ? 6.698   12.063  -0.081  1.00 24.60 ? 111 LEU A C   1 
ATOM   486  O  O   . LEU A 1 59  ? 6.819   11.360  0.941   1.00 24.34 ? 111 LEU A O   1 
ATOM   487  C  CB  . LEU A 1 59  ? 4.550   13.298  -0.384  1.00 25.41 ? 111 LEU A CB  1 
ATOM   488  C  CG  . LEU A 1 59  ? 3.187   13.366  -1.117  1.00 23.61 ? 111 LEU A CG  1 
ATOM   489  C  CD1 . LEU A 1 59  ? 2.320   14.409  -0.449  1.00 29.68 ? 111 LEU A CD1 1 
ATOM   490  C  CD2 . LEU A 1 59  ? 3.363   13.659  -2.627  1.00 25.21 ? 111 LEU A CD2 1 
ATOM   491  N  N   . ARG A 1 60  ? 7.661   12.829  -0.574  1.00 25.00 ? 112 ARG A N   1 
ATOM   492  C  CA  . ARG A 1 60  ? 8.971   12.961  0.072   1.00 26.94 ? 112 ARG A CA  1 
ATOM   493  C  C   . ARG A 1 60  ? 9.281   14.399  0.463   1.00 28.73 ? 112 ARG A C   1 
ATOM   494  O  O   . ARG A 1 60  ? 9.046   15.323  -0.298  1.00 29.70 ? 112 ARG A O   1 
ATOM   495  C  CB  . ARG A 1 60  ? 10.077  12.529  -0.894  1.00 27.40 ? 112 ARG A CB  1 
ATOM   496  C  CG  . ARG A 1 60  ? 9.930   11.129  -1.434  1.00 33.15 ? 112 ARG A CG  1 
ATOM   497  C  CD  . ARG A 1 60  ? 9.928   10.131  -0.304  1.00 33.95 ? 112 ARG A CD  1 
ATOM   498  N  NE  . ARG A 1 60  ? 11.276  9.748   0.138   1.00 39.71 ? 112 ARG A NE  1 
ATOM   499  C  CZ  . ARG A 1 60  ? 12.210  9.148   -0.610  1.00 36.35 ? 112 ARG A CZ  1 
ATOM   500  N  NH1 . ARG A 1 60  ? 12.007  8.884   -1.916  1.00 34.00 ? 112 ARG A NH1 1 
ATOM   501  N  NH2 . ARG A 1 60  ? 13.354  8.824   -0.045  1.00 26.36 ? 112 ARG A NH2 1 
ATOM   502  N  N   . ASP A 1 61  ? 9.848   14.579  1.652   1.00 26.19 ? 113 ASP A N   1 
ATOM   503  C  CA  . ASP A 1 61  ? 10.407  15.894  2.018   1.00 28.63 ? 113 ASP A CA  1 
ATOM   504  C  C   . ASP A 1 61  ? 11.805  16.053  1.393   1.00 32.77 ? 113 ASP A C   1 
ATOM   505  O  O   . ASP A 1 61  ? 12.218  15.264  0.514   1.00 28.71 ? 113 ASP A O   1 
ATOM   506  C  CB  . ASP A 1 61  ? 10.396  16.100  3.563   1.00 26.84 ? 113 ASP A CB  1 
ATOM   507  C  CG  . ASP A 1 61  ? 11.502  15.369  4.266   1.00 25.77 ? 113 ASP A CG  1 
ATOM   508  O  OD1 . ASP A 1 61  ? 12.254  14.649  3.608   1.00 26.10 ? 113 ASP A OD1 1 
ATOM   509  O  OD2 . ASP A 1 61  ? 11.690  15.554  5.496   1.00 25.99 ? 113 ASP A OD2 1 
ATOM   510  N  N   . GLY A 1 62  ? 12.533  17.093  1.806   1.00 32.56 ? 114 GLY A N   1 
ATOM   511  C  CA  . GLY A 1 62  ? 13.830  17.397  1.219   1.00 34.35 ? 114 GLY A CA  1 
ATOM   512  C  C   . GLY A 1 62  ? 14.902  16.403  1.551   1.00 32.48 ? 114 GLY A C   1 
ATOM   513  O  O   . GLY A 1 62  ? 15.840  16.223  0.793   1.00 36.94 ? 114 GLY A O   1 
ATOM   514  N  N   . ALA A 1 63  ? 14.756  15.742  2.684   1.00 31.90 ? 115 ALA A N   1 
ATOM   515  C  CA  . ALA A 1 63  ? 15.724  14.775  3.186   1.00 31.81 ? 115 ALA A CA  1 
ATOM   516  C  C   . ALA A 1 63  ? 15.433  13.319  2.790   1.00 29.78 ? 115 ALA A C   1 
ATOM   517  O  O   . ALA A 1 63  ? 16.159  12.417  3.165   1.00 34.98 ? 115 ALA A O   1 
ATOM   518  C  CB  . ALA A 1 63  ? 15.819  14.890  4.695   1.00 33.34 ? 115 ALA A CB  1 
ATOM   519  N  N   . GLY A 1 64  ? 14.356  13.085  2.063   1.00 28.57 ? 116 GLY A N   1 
ATOM   520  C  CA  . GLY A 1 64  ? 14.003  11.728  1.686   1.00 29.17 ? 116 GLY A CA  1 
ATOM   521  C  C   . GLY A 1 64  ? 13.012  11.002  2.591   1.00 27.07 ? 116 GLY A C   1 
ATOM   522  O  O   . GLY A 1 64  ? 12.683  9.830   2.345   1.00 27.88 ? 116 GLY A O   1 
ATOM   523  N  N   . LYS A 1 65  ? 12.502  11.688  3.615   1.00 26.77 ? 117 LYS A N   1 
ATOM   524  C  CA  . LYS A 1 65  ? 11.492  11.113  4.486   1.00 24.51 ? 117 LYS A CA  1 
ATOM   525  C  C   . LYS A 1 65  ? 10.141  11.002  3.787   1.00 22.18 ? 117 LYS A C   1 
ATOM   526  O  O   . LYS A 1 65  ? 9.807   11.767  2.854   1.00 25.43 ? 117 LYS A O   1 
ATOM   527  C  CB  . LYS A 1 65  ? 11.388  11.907  5.791   1.00 27.10 ? 117 LYS A CB  1 
ATOM   528  C  CG  . LYS A 1 65  ? 12.550  11.590  6.753   1.00 25.86 ? 117 LYS A CG  1 
ATOM   529  C  CD  . LYS A 1 65  ? 12.612  12.555  7.904   1.00 33.99 ? 117 LYS A CD  1 
ATOM   530  C  CE  . LYS A 1 65  ? 12.370  11.828  9.204   1.00 35.00 ? 117 LYS A CE  1 
ATOM   531  N  NZ  . LYS A 1 65  ? 13.568  12.004  10.094  1.00 38.33 ? 117 LYS A NZ  1 
ATOM   532  N  N   . TYR A 1 66  ? 9.329   10.045  4.244   1.00 21.63 ? 118 TYR A N   1 
ATOM   533  C  CA  . TYR A 1 66  ? 8.147   9.589   3.470   1.00 23.11 ? 118 TYR A CA  1 
ATOM   534  C  C   . TYR A 1 66  ? 6.871   9.981   4.206   1.00 21.41 ? 118 TYR A C   1 
ATOM   535  O  O   . TYR A 1 66  ? 6.810   9.812   5.464   1.00 24.58 ? 118 TYR A O   1 
ATOM   536  C  CB  . TYR A 1 66  ? 8.176   8.073   3.350   1.00 24.33 ? 118 TYR A CB  1 
ATOM   537  C  CG  . TYR A 1 66  ? 9.339   7.453   2.560   1.00 21.98 ? 118 TYR A CG  1 
ATOM   538  C  CD1 . TYR A 1 66  ? 9.291   7.367   1.141   1.00 26.02 ? 118 TYR A CD1 1 
ATOM   539  C  CD2 . TYR A 1 66  ? 10.440  6.922   3.221   1.00 25.32 ? 118 TYR A CD2 1 
ATOM   540  C  CE1 . TYR A 1 66  ? 10.346  6.760   0.450   1.00 24.82 ? 118 TYR A CE1 1 
ATOM   541  C  CE2 . TYR A 1 66  ? 11.493  6.340   2.559   1.00 24.61 ? 118 TYR A CE2 1 
ATOM   542  C  CZ  . TYR A 1 66  ? 11.424  6.227   1.172   1.00 23.23 ? 118 TYR A CZ  1 
ATOM   543  O  OH  . TYR A 1 66  ? 12.476  5.616   0.570   1.00 26.04 ? 118 TYR A OH  1 
ATOM   544  N  N   . PHE A 1 67  ? 5.899   10.563  3.477   1.00 21.53 ? 119 PHE A N   1 
ATOM   545  C  CA  . PHE A 1 67  ? 4.615   10.892  4.124   1.00 21.35 ? 119 PHE A CA  1 
ATOM   546  C  C   . PHE A 1 67  ? 3.462   10.842  3.160   1.00 22.36 ? 119 PHE A C   1 
ATOM   547  O  O   . PHE A 1 67  ? 3.722   10.925  1.942   1.00 23.51 ? 119 PHE A O   1 
ATOM   548  C  CB  . PHE A 1 67  ? 4.662   12.281  4.812   1.00 22.09 ? 119 PHE A CB  1 
ATOM   549  C  CG  . PHE A 1 67  ? 4.850   13.463  3.876   1.00 22.39 ? 119 PHE A CG  1 
ATOM   550  C  CD1 . PHE A 1 67  ? 3.750   14.287  3.544   1.00 20.70 ? 119 PHE A CD1 1 
ATOM   551  C  CD2 . PHE A 1 67  ? 6.122   13.816  3.421   1.00 24.49 ? 119 PHE A CD2 1 
ATOM   552  C  CE1 . PHE A 1 67  ? 3.931   15.376  2.699   1.00 23.47 ? 119 PHE A CE1 1 
ATOM   553  C  CE2 . PHE A 1 67  ? 6.304   14.912  2.583   1.00 23.97 ? 119 PHE A CE2 1 
ATOM   554  C  CZ  . PHE A 1 67  ? 5.197   15.686  2.235   1.00 24.34 ? 119 PHE A CZ  1 
ATOM   555  N  N   . LEU A 1 68  ? 2.226   10.678  3.708   1.00 22.32 ? 120 LEU A N   1 
ATOM   556  C  CA  . LEU A 1 68  ? 0.991   10.889  2.941   1.00 22.24 ? 120 LEU A CA  1 
ATOM   557  C  C   . LEU A 1 68  ? 0.390   12.287  3.084   1.00 23.23 ? 120 LEU A C   1 
ATOM   558  O  O   . LEU A 1 68  ? -0.038  12.872  2.107   1.00 24.61 ? 120 LEU A O   1 
ATOM   559  C  CB  . LEU A 1 68  ? -0.055  9.833   3.303   1.00 20.96 ? 120 LEU A CB  1 
ATOM   560  C  CG  . LEU A 1 68  ? 0.301   8.367   3.149   1.00 20.82 ? 120 LEU A CG  1 
ATOM   561  C  CD1 . LEU A 1 68  ? -0.930  7.579   3.621   1.00 20.63 ? 120 LEU A CD1 1 
ATOM   562  C  CD2 . LEU A 1 68  ? 0.671   7.957   1.698   1.00 21.91 ? 120 LEU A CD2 1 
ATOM   563  N  N   . TRP A 1 69  ? 0.340   12.811  4.306   1.00 21.38 ? 121 TRP A N   1 
ATOM   564  C  CA  . TRP A 1 69  ? -0.269  14.111  4.472   1.00 22.58 ? 121 TRP A CA  1 
ATOM   565  C  C   . TRP A 1 69  ? 0.624   15.047  5.223   1.00 24.74 ? 121 TRP A C   1 
ATOM   566  O  O   . TRP A 1 69  ? 1.074   16.043  4.686   1.00 25.00 ? 121 TRP A O   1 
ATOM   567  C  CB  . TRP A 1 69  ? -1.570  13.969  5.259   1.00 22.68 ? 121 TRP A CB  1 
ATOM   568  C  CG  . TRP A 1 69  ? -2.655  13.193  4.572   1.00 24.66 ? 121 TRP A CG  1 
ATOM   569  C  CD1 . TRP A 1 69  ? -3.064  11.885  4.841   1.00 26.38 ? 121 TRP A CD1 1 
ATOM   570  C  CD2 . TRP A 1 69  ? -3.541  13.664  3.495   1.00 25.34 ? 121 TRP A CD2 1 
ATOM   571  N  NE1 . TRP A 1 69  ? -4.064  11.500  3.993   1.00 27.39 ? 121 TRP A NE1 1 
ATOM   572  C  CE2 . TRP A 1 69  ? -4.434  12.535  3.181   1.00 26.24 ? 121 TRP A CE2 1 
ATOM   573  C  CE3 . TRP A 1 69  ? -3.683  14.855  2.779   1.00 24.89 ? 121 TRP A CE3 1 
ATOM   574  C  CZ2 . TRP A 1 69  ? -5.400  12.626  2.207   1.00 24.92 ? 121 TRP A CZ2 1 
ATOM   575  C  CZ3 . TRP A 1 69  ? -4.679  14.926  1.794   1.00 24.45 ? 121 TRP A CZ3 1 
ATOM   576  C  CH2 . TRP A 1 69  ? -5.526  13.830  1.542   1.00 25.47 ? 121 TRP A CH2 1 
ATOM   577  N  N   . VAL A 1 70  ? 0.846   14.717  6.496   1.00 25.88 ? 122 VAL A N   1 
ATOM   578  C  CA  . VAL A 1 70  ? 1.620   15.571  7.403   1.00 26.43 ? 122 VAL A CA  1 
ATOM   579  C  C   . VAL A 1 70  ? 2.771   14.817  8.103   1.00 24.72 ? 122 VAL A C   1 
ATOM   580  O  O   . VAL A 1 70  ? 3.906   15.315  8.144   1.00 26.61 ? 122 VAL A O   1 
ATOM   581  C  CB  . VAL A 1 70  ? 0.675   16.180  8.461   1.00 27.65 ? 122 VAL A CB  1 
ATOM   582  C  CG1 . VAL A 1 70  ? 1.485   16.857  9.568   1.00 33.15 ? 122 VAL A CG1 1 
ATOM   583  C  CG2 . VAL A 1 70  ? -0.214  17.208  7.774   1.00 29.59 ? 122 VAL A CG2 1 
ATOM   584  N  N   . VAL A 1 71  ? 2.481   13.631  8.632   1.00 24.53 ? 123 VAL A N   1 
ATOM   585  C  CA  . VAL A 1 71  ? 3.404   12.908  9.522   1.00 24.49 ? 123 VAL A CA  1 
ATOM   586  C  C   . VAL A 1 71  ? 4.346   12.076  8.690   1.00 23.38 ? 123 VAL A C   1 
ATOM   587  O  O   . VAL A 1 71  ? 3.918   11.361  7.776   1.00 23.19 ? 123 VAL A O   1 
ATOM   588  C  CB  . VAL A 1 71  ? 2.696   12.104  10.640  1.00 26.45 ? 123 VAL A CB  1 
ATOM   589  C  CG1 . VAL A 1 71  ? 3.702   11.529  11.605  1.00 25.54 ? 123 VAL A CG1 1 
ATOM   590  C  CG2 . VAL A 1 71  ? 1.732   13.014  11.412  1.00 27.56 ? 123 VAL A CG2 1 
ATOM   591  N  N   . LYS A 1 72  ? 5.639   12.237  8.954   1.00 21.97 ? 124 LYS A N   1 
ATOM   592  C  CA  . LYS A 1 72  ? 6.678   11.663  8.026   1.00 23.42 ? 124 LYS A CA  1 
ATOM   593  C  C   . LYS A 1 72  ? 7.684   10.720  8.689   1.00 23.41 ? 124 LYS A C   1 
ATOM   594  O  O   . LYS A 1 72  ? 7.872   10.751  9.902   1.00 21.83 ? 124 LYS A O   1 
ATOM   595  C  CB  . LYS A 1 72  ? 7.391   12.804  7.244   1.00 20.00 ? 124 LYS A CB  1 
ATOM   596  C  CG  . LYS A 1 72  ? 8.305   13.688  8.059   1.00 20.85 ? 124 LYS A CG  1 
ATOM   597  C  CD  . LYS A 1 72  ? 8.800   14.872  7.239   1.00 22.23 ? 124 LYS A CD  1 
ATOM   598  C  CE  . LYS A 1 72  ? 9.907   15.613  7.970   1.00 20.94 ? 124 LYS A CE  1 
ATOM   599  N  NZ  . LYS A 1 72  ? 10.307  16.939  7.350   1.00 23.00 ? 124 LYS A NZ  1 
ATOM   600  N  N   . PHE A 1 73  ? 8.316   9.852   7.902   1.00 24.19 ? 125 PHE A N   1 
ATOM   601  C  CA  . PHE A 1 73  ? 9.077   8.730   8.504   1.00 25.21 ? 125 PHE A CA  1 
ATOM   602  C  C   . PHE A 1 73  ? 10.324  8.476   7.703   1.00 24.66 ? 125 PHE A C   1 
ATOM   603  O  O   . PHE A 1 73  ? 10.366  8.793   6.517   1.00 23.26 ? 125 PHE A O   1 
ATOM   604  C  CB  . PHE A 1 73  ? 8.209   7.410   8.611   1.00 25.11 ? 125 PHE A CB  1 
ATOM   605  C  CG  . PHE A 1 73  ? 7.010   7.571   9.522   1.00 24.01 ? 125 PHE A CG  1 
ATOM   606  C  CD1 . PHE A 1 73  ? 7.144   7.360   10.874  1.00 26.24 ? 125 PHE A CD1 1 
ATOM   607  C  CD2 . PHE A 1 73  ? 5.803   8.065   9.034   1.00 27.66 ? 125 PHE A CD2 1 
ATOM   608  C  CE1 . PHE A 1 73  ? 6.099   7.624   11.736  1.00 30.60 ? 125 PHE A CE1 1 
ATOM   609  C  CE2 . PHE A 1 73  ? 4.735   8.335   9.894   1.00 26.47 ? 125 PHE A CE2 1 
ATOM   610  C  CZ  . PHE A 1 73  ? 4.904   8.113   11.248  1.00 29.05 ? 125 PHE A CZ  1 
ATOM   611  N  N   . ASN A 1 74  ? 11.271  7.791   8.355   1.00 23.26 ? 126 ASN A N   1 
ATOM   612  C  CA  . ASN A 1 74  ? 12.537  7.465   7.744   1.00 25.03 ? 126 ASN A CA  1 
ATOM   613  C  C   . ASN A 1 74  ? 12.425  6.311   6.748   1.00 24.17 ? 126 ASN A C   1 
ATOM   614  O  O   . ASN A 1 74  ? 13.378  6.033   6.019   1.00 24.90 ? 126 ASN A O   1 
ATOM   615  C  CB  . ASN A 1 74  ? 13.564  7.120   8.837   1.00 26.57 ? 126 ASN A CB  1 
ATOM   616  C  CG  . ASN A 1 74  ? 14.002  8.335   9.626   1.00 29.24 ? 126 ASN A CG  1 
ATOM   617  O  OD1 . ASN A 1 74  ? 14.103  9.423   9.079   1.00 29.52 ? 126 ASN A OD1 1 
ATOM   618  N  ND2 . ASN A 1 74  ? 14.253  8.159   10.930  1.00 32.00 ? 126 ASN A ND2 1 
ATOM   619  N  N   . SER A 1 75  ? 11.283  5.613   6.742   1.00 23.20 ? 127 SER A N   1 
ATOM   620  C  CA  . SER A 1 75  ? 11.058  4.436   5.838   1.00 23.69 ? 127 SER A CA  1 
ATOM   621  C  C   . SER A 1 75  ? 9.580   4.316   5.388   1.00 22.45 ? 127 SER A C   1 
ATOM   622  O  O   . SER A 1 75  ? 8.631   4.788   6.085   1.00 20.65 ? 127 SER A O   1 
ATOM   623  C  CB  . SER A 1 75  ? 11.502  3.127   6.547   1.00 21.66 ? 127 SER A CB  1 
ATOM   624  O  OG  . SER A 1 75  ? 10.818  3.022   7.817   1.00 22.18 ? 127 SER A OG  1 
ATOM   625  N  N   . LEU A 1 76  ? 9.359   3.764   4.176   1.00 21.35 ? 128 LEU A N   1 
ATOM   626  C  CA  . LEU A 1 76  ? 8.039   3.245   3.822   1.00 20.97 ? 128 LEU A CA  1 
ATOM   627  C  C   . LEU A 1 76  ? 7.477   2.334   4.883   1.00 19.87 ? 128 LEU A C   1 
ATOM   628  O  O   . LEU A 1 76  ? 6.311   2.416   5.184   1.00 21.33 ? 128 LEU A O   1 
ATOM   629  C  CB  . LEU A 1 76  ? 8.099   2.420   2.513   1.00 19.14 ? 128 LEU A CB  1 
ATOM   630  C  CG  . LEU A 1 76  ? 8.524   3.191   1.222   1.00 22.57 ? 128 LEU A CG  1 
ATOM   631  C  CD1 . LEU A 1 76  ? 8.801   2.115   0.191   1.00 22.08 ? 128 LEU A CD1 1 
ATOM   632  C  CD2 . LEU A 1 76  ? 7.446   4.197   0.751   1.00 20.68 ? 128 LEU A CD2 1 
ATOM   633  N  N   . ASN A 1 77  ? 8.288   1.404   5.417   1.00 19.24 ? 129 ASN A N   1 
ATOM   634  C  CA  . ASN A 1 77  ? 7.841   0.457   6.485   1.00 20.28 ? 129 ASN A CA  1 
ATOM   635  C  C   . ASN A 1 77  ? 7.242   1.257   7.650   1.00 21.73 ? 129 ASN A C   1 
ATOM   636  O  O   . ASN A 1 77  ? 6.147   0.948   8.117   1.00 20.47 ? 129 ASN A O   1 
ATOM   637  C  CB  . ASN A 1 77  ? 9.068   -0.331  7.008   1.00 21.79 ? 129 ASN A CB  1 
ATOM   638  C  CG  . ASN A 1 77  ? 8.709   -1.606  7.778   1.00 22.67 ? 129 ASN A CG  1 
ATOM   639  O  OD1 . ASN A 1 77  ? 7.560   -1.824  8.278   1.00 22.40 ? 129 ASN A OD1 1 
ATOM   640  N  ND2 . ASN A 1 77  ? 9.713   -2.446  7.916   1.00 18.71 ? 129 ASN A ND2 1 
ATOM   641  N  N   . GLU A 1 78  ? 7.944   2.287   8.090   1.00 20.08 ? 130 GLU A N   1 
ATOM   642  C  CA  . GLU A 1 78  ? 7.414   3.139   9.209   1.00 23.45 ? 130 GLU A CA  1 
ATOM   643  C  C   . GLU A 1 78  ? 6.157   3.921   8.850   1.00 22.54 ? 130 GLU A C   1 
ATOM   644  O  O   . GLU A 1 78  ? 5.272   4.088   9.690   1.00 22.47 ? 130 GLU A O   1 
ATOM   645  C  CB  . GLU A 1 78  ? 8.487   4.097   9.738   1.00 23.64 ? 130 GLU A CB  1 
ATOM   646  C  CG  . GLU A 1 78  ? 9.544   3.337   10.529  1.00 22.48 ? 130 GLU A CG  1 
ATOM   647  C  CD  . GLU A 1 78  ? 10.794  4.139   10.720  1.00 24.31 ? 130 GLU A CD  1 
ATOM   648  O  OE1 . GLU A 1 78  ? 11.024  4.555   11.909  1.00 26.81 ? 130 GLU A OE1 1 
ATOM   649  O  OE2 . GLU A 1 78  ? 11.514  4.414   9.710   1.00 23.40 ? 130 GLU A OE2 1 
ATOM   650  N  N   A LEU A 1 79  ? 6.092   4.397   7.605   0.50 22.23 ? 131 LEU A N   1 
ATOM   651  N  N   B LEU A 1 79  ? 6.091   4.391   7.609   0.50 21.26 ? 131 LEU A N   1 
ATOM   652  C  CA  A LEU A 1 79  ? 4.933   5.141   7.106   0.50 23.36 ? 131 LEU A CA  1 
ATOM   653  C  CA  B LEU A 1 79  ? 4.938   5.148   7.153   0.50 21.63 ? 131 LEU A CA  1 
ATOM   654  C  C   A LEU A 1 79  ? 3.699   4.234   7.127   0.50 22.56 ? 131 LEU A C   1 
ATOM   655  C  C   B LEU A 1 79  ? 3.700   4.235   7.134   0.50 21.59 ? 131 LEU A C   1 
ATOM   656  O  O   A LEU A 1 79  ? 2.634   4.607   7.626   0.50 20.42 ? 131 LEU A O   1 
ATOM   657  O  O   B LEU A 1 79  ? 2.630   4.606   7.621   0.50 19.73 ? 131 LEU A O   1 
ATOM   658  C  CB  A LEU A 1 79  ? 5.184   5.661   5.656   0.50 23.19 ? 131 LEU A CB  1 
ATOM   659  C  CB  B LEU A 1 79  ? 5.193   5.761   5.748   0.50 19.92 ? 131 LEU A CB  1 
ATOM   660  C  CG  A LEU A 1 79  ? 3.988   6.409   5.014   0.50 23.38 ? 131 LEU A CG  1 
ATOM   661  C  CG  B LEU A 1 79  ? 3.951   6.550   5.286   0.50 18.85 ? 131 LEU A CG  1 
ATOM   662  C  CD1 A LEU A 1 79  ? 4.311   7.123   3.710   0.50 24.27 ? 131 LEU A CD1 1 
ATOM   663  C  CD1 B LEU A 1 79  ? 3.677   7.776   6.186   0.50 16.34 ? 131 LEU A CD1 1 
ATOM   664  C  CD2 A LEU A 1 79  ? 2.786   5.509   4.784   0.50 24.45 ? 131 LEU A CD2 1 
ATOM   665  C  CD2 B LEU A 1 79  ? 3.985   6.920   3.801   0.50 19.48 ? 131 LEU A CD2 1 
ATOM   666  N  N   . VAL A 1 80  ? 3.880   3.026   6.589   1.00 19.84 ? 132 VAL A N   1 
ATOM   667  C  CA  . VAL A 1 80  ? 2.843   2.030   6.513   1.00 21.12 ? 132 VAL A CA  1 
ATOM   668  C  C   . VAL A 1 80  ? 2.379   1.660   7.877   1.00 20.20 ? 132 VAL A C   1 
ATOM   669  O  O   . VAL A 1 80  ? 1.182   1.697   8.115   1.00 21.90 ? 132 VAL A O   1 
ATOM   670  C  CB  . VAL A 1 80  ? 3.364   0.783   5.761   1.00 20.55 ? 132 VAL A CB  1 
ATOM   671  C  CG1 . VAL A 1 80  ? 2.526   -0.419  6.065   1.00 25.29 ? 132 VAL A CG1 1 
ATOM   672  C  CG2 . VAL A 1 80  ? 3.302   1.101   4.282   1.00 21.06 ? 132 VAL A CG2 1 
ATOM   673  N  N   . ASP A 1 81  ? 3.301   1.387   8.781   1.00 22.51 ? 133 ASP A N   1 
ATOM   674  C  CA  . ASP A 1 81  ? 2.904   0.995   10.120  1.00 22.51 ? 133 ASP A CA  1 
ATOM   675  C  C   . ASP A 1 81  ? 2.201   2.025   10.912  1.00 23.96 ? 133 ASP A C   1 
ATOM   676  O  O   . ASP A 1 81  ? 1.302   1.682   11.719  1.00 25.00 ? 133 ASP A O   1 
ATOM   677  C  CB  . ASP A 1 81  ? 4.092   0.461   10.910  1.00 23.99 ? 133 ASP A CB  1 
ATOM   678  C  CG  . ASP A 1 81  ? 4.534   -0.882  10.417  1.00 26.33 ? 133 ASP A CG  1 
ATOM   679  O  OD1 . ASP A 1 81  ? 3.774   -1.540  9.640   1.00 28.07 ? 133 ASP A OD1 1 
ATOM   680  O  OD2 . ASP A 1 81  ? 5.672   -1.264  10.754  1.00 27.62 ? 133 ASP A OD2 1 
ATOM   681  N  N   . TYR A 1 82  ? 2.569   3.282   10.700  1.00 22.04 ? 134 TYR A N   1 
ATOM   682  C  CA  . TYR A 1 82  ? 1.837   4.385   11.335  1.00 22.36 ? 134 TYR A CA  1 
ATOM   683  C  C   . TYR A 1 82  ? 0.378   4.427   10.874  1.00 22.98 ? 134 TYR A C   1 
ATOM   684  O  O   . TYR A 1 82  ? -0.586  4.678   11.664  1.00 22.19 ? 134 TYR A O   1 
ATOM   685  C  CB  . TYR A 1 82  ? 2.549   5.689   11.018  1.00 23.60 ? 134 TYR A CB  1 
ATOM   686  C  CG  . TYR A 1 82  ? 1.830   6.894   11.515  1.00 23.57 ? 134 TYR A CG  1 
ATOM   687  C  CD1 . TYR A 1 82  ? 1.865   7.237   12.887  1.00 22.99 ? 134 TYR A CD1 1 
ATOM   688  C  CD2 . TYR A 1 82  ? 1.118   7.681   10.641  1.00 22.63 ? 134 TYR A CD2 1 
ATOM   689  C  CE1 . TYR A 1 82  ? 1.238   8.377   13.346  1.00 25.79 ? 134 TYR A CE1 1 
ATOM   690  C  CE2 . TYR A 1 82  ? 0.470   8.816   11.102  1.00 26.54 ? 134 TYR A CE2 1 
ATOM   691  C  CZ  . TYR A 1 82  ? 0.518   9.153   12.461  1.00 26.74 ? 134 TYR A CZ  1 
ATOM   692  O  OH  . TYR A 1 82  ? -0.144  10.314  12.909  1.00 30.00 ? 134 TYR A OH  1 
ATOM   693  N  N   . HIS A 1 83  ? 0.178   4.203   9.580   1.00 18.45 ? 135 HIS A N   1 
ATOM   694  C  CA  . HIS A 1 83  ? -1.135  4.302   9.029   1.00 17.91 ? 135 HIS A CA  1 
ATOM   695  C  C   . HIS A 1 83  ? -1.954  3.064   9.203   1.00 19.07 ? 135 HIS A C   1 
ATOM   696  O  O   . HIS A 1 83  ? -3.066  2.975   8.705   1.00 22.73 ? 135 HIS A O   1 
ATOM   697  C  CB  . HIS A 1 83  ? -1.012  4.746   7.611   1.00 20.22 ? 135 HIS A CB  1 
ATOM   698  C  CG  . HIS A 1 83  ? -0.752  6.215   7.484   1.00 19.28 ? 135 HIS A CG  1 
ATOM   699  N  ND1 . HIS A 1 83  ? -1.704  7.118   7.730   1.00 19.22 ? 135 HIS A ND1 1 
ATOM   700  C  CD2 . HIS A 1 83  ? 0.359   6.914   7.043   1.00 18.23 ? 135 HIS A CD2 1 
ATOM   701  C  CE1 . HIS A 1 83  ? -1.192  8.358   7.539   1.00 20.25 ? 135 HIS A CE1 1 
ATOM   702  N  NE2 . HIS A 1 83  ? 0.068   8.224   7.119   1.00 19.53 ? 135 HIS A NE2 1 
ATOM   703  N  N   . ARG A 1 84  ? -1.458  2.099   9.947   1.00 20.38 ? 136 ARG A N   1 
ATOM   704  C  CA  . ARG A 1 84  ? -2.346  0.991   10.403  1.00 18.71 ? 136 ARG A CA  1 
ATOM   705  C  C   . ARG A 1 84  ? -3.301  1.477   11.500  1.00 20.59 ? 136 ARG A C   1 
ATOM   706  O  O   . ARG A 1 84  ? -4.367  0.910   11.669  1.00 20.17 ? 136 ARG A O   1 
ATOM   707  C  CB  . ARG A 1 84  ? -1.539  -0.217  10.867  1.00 20.33 ? 136 ARG A CB  1 
ATOM   708  C  CG  . ARG A 1 84  ? -0.493  -0.703  9.856   1.00 18.60 ? 136 ARG A CG  1 
ATOM   709  C  CD  . ARG A 1 84  ? 0.301   -1.843  10.417  1.00 22.05 ? 136 ARG A CD  1 
ATOM   710  N  NE  . ARG A 1 84  ? 1.183   -2.504  9.444   1.00 22.18 ? 136 ARG A NE  1 
ATOM   711  C  CZ  . ARG A 1 84  ? 0.817   -3.517  8.693   1.00 19.60 ? 136 ARG A CZ  1 
ATOM   712  N  NH1 . ARG A 1 84  ? -0.429  -4.007  8.763   1.00 21.60 ? 136 ARG A NH1 1 
ATOM   713  N  NH2 . ARG A 1 84  ? 1.707   -4.066  7.890   1.00 23.43 ? 136 ARG A NH2 1 
ATOM   714  N  N   . SER A 1 85  ? -2.879  2.485   12.264  1.00 21.04 ? 137 SER A N   1 
ATOM   715  C  CA  . SER A 1 85  ? -3.756  2.972   13.352  1.00 20.99 ? 137 SER A CA  1 
ATOM   716  C  C   . SER A 1 85  ? -4.124  4.464   13.274  1.00 22.38 ? 137 SER A C   1 
ATOM   717  O  O   . SER A 1 85  ? -4.745  5.003   14.214  1.00 24.09 ? 137 SER A O   1 
ATOM   718  C  CB  . SER A 1 85  ? -3.140  2.622   14.692  1.00 20.00 ? 137 SER A CB  1 
ATOM   719  O  OG  . SER A 1 85  ? -1.872  3.153   14.818  1.00 21.83 ? 137 SER A OG  1 
ATOM   720  N  N   . THR A 1 86  ? -3.686  5.158   12.220  1.00 20.55 ? 138 THR A N   1 
ATOM   721  C  CA  . THR A 1 86  ? -4.092  6.515   11.926  1.00 20.08 ? 138 THR A CA  1 
ATOM   722  C  C   . THR A 1 86  ? -4.575  6.499   10.498  1.00 22.37 ? 138 THR A C   1 
ATOM   723  O  O   . THR A 1 86  ? -3.859  5.989   9.611   1.00 18.83 ? 138 THR A O   1 
ATOM   724  C  CB  . THR A 1 86  ? -2.956  7.559   12.082  1.00 22.56 ? 138 THR A CB  1 
ATOM   725  O  OG1 . THR A 1 86  ? -2.504  7.595   13.455  1.00 24.09 ? 138 THR A OG1 1 
ATOM   726  C  CG2 . THR A 1 86  ? -3.509  8.931   11.680  1.00 21.95 ? 138 THR A CG2 1 
ATOM   727  N  N   . SER A 1 87  ? -5.800  6.994   10.253  1.00 21.11 ? 139 SER A N   1 
ATOM   728  C  CA  . SER A 1 87  ? -6.395  6.882   8.917   1.00 20.93 ? 139 SER A CA  1 
ATOM   729  C  C   . SER A 1 87  ? -5.564  7.440   7.769   1.00 21.86 ? 139 SER A C   1 
ATOM   730  O  O   . SER A 1 87  ? -4.988  8.514   7.864   1.00 21.37 ? 139 SER A O   1 
ATOM   731  C  CB  . SER A 1 87  ? -7.754  7.592   8.884   1.00 22.61 ? 139 SER A CB  1 
ATOM   732  O  OG  . SER A 1 87  ? -8.441  7.327   7.665   1.00 20.02 ? 139 SER A OG  1 
ATOM   733  N  N   A VAL A 1 88  ? -5.520  6.707   6.652   0.50 19.81 ? 140 VAL A N   1 
ATOM   734  N  N   B VAL A 1 88  ? -5.518  6.713   6.662   0.50 21.28 ? 140 VAL A N   1 
ATOM   735  C  CA  A VAL A 1 88  ? -4.901  7.217   5.424   0.50 20.74 ? 140 VAL A CA  1 
ATOM   736  C  CA  B VAL A 1 88  ? -4.866  7.250   5.487   0.50 23.17 ? 140 VAL A CA  1 
ATOM   737  C  C   A VAL A 1 88  ? -5.776  8.266   4.752   0.50 21.53 ? 140 VAL A C   1 
ATOM   738  C  C   B VAL A 1 88  ? -5.765  8.265   4.768   0.50 23.03 ? 140 VAL A C   1 
ATOM   739  O  O   A VAL A 1 88  ? -5.283  9.052   3.948   0.50 21.48 ? 140 VAL A O   1 
ATOM   740  O  O   B VAL A 1 88  ? -5.269  9.034   3.951   0.50 22.86 ? 140 VAL A O   1 
ATOM   741  C  CB  A VAL A 1 88  ? -4.614  6.065   4.419   0.50 20.79 ? 140 VAL A CB  1 
ATOM   742  C  CB  B VAL A 1 88  ? -4.450  6.119   4.533   0.50 25.45 ? 140 VAL A CB  1 
ATOM   743  C  CG1 A VAL A 1 88  ? -3.511  5.182   4.963   0.50 20.15 ? 140 VAL A CG1 1 
ATOM   744  C  CG1 B VAL A 1 88  ? -3.995  6.720   3.237   0.50 25.72 ? 140 VAL A CG1 1 
ATOM   745  C  CG2 A VAL A 1 88  ? -5.885  5.267   4.089   0.50 17.31 ? 140 VAL A CG2 1 
ATOM   746  C  CG2 B VAL A 1 88  ? -3.327  5.309   5.138   0.50 24.37 ? 140 VAL A CG2 1 
ATOM   747  N  N   . SER A 1 89  ? -7.066  8.293   5.119   1.00 23.46 ? 141 SER A N   1 
ATOM   748  C  CA  . SER A 1 89  ? -8.080  9.135   4.453   1.00 22.20 ? 141 SER A CA  1 
ATOM   749  C  C   . SER A 1 89  ? -8.588  10.287  5.309   1.00 24.71 ? 141 SER A C   1 
ATOM   750  O  O   . SER A 1 89  ? -8.688  10.193  6.572   1.00 24.93 ? 141 SER A O   1 
ATOM   751  C  CB  . SER A 1 89  ? -9.254  8.264   3.932   1.00 23.54 ? 141 SER A CB  1 
ATOM   752  O  OG  . SER A 1 89  ? -10.336 9.033   3.371   1.00 21.90 ? 141 SER A OG  1 
ATOM   753  N  N   . ARG A 1 90  ? -8.855  11.387  4.617   1.00 21.82 ? 142 ARG A N   1 
ATOM   754  C  CA  . ARG A 1 90  ? -9.462  12.562  5.206   1.00 25.94 ? 142 ARG A CA  1 
ATOM   755  C  C   . ARG A 1 90  ? -10.979 12.561  5.125   1.00 25.75 ? 142 ARG A C   1 
ATOM   756  O  O   . ARG A 1 90  ? -11.640 13.408  5.732   1.00 26.82 ? 142 ARG A O   1 
ATOM   757  C  CB  . ARG A 1 90  ? -8.860  13.812  4.559   1.00 25.51 ? 142 ARG A CB  1 
ATOM   758  C  CG  . ARG A 1 90  ? -7.485  14.065  5.156   1.00 29.48 ? 142 ARG A CG  1 
ATOM   759  C  CD  . ARG A 1 90  ? -6.998  15.468  4.841   1.00 34.20 ? 142 ARG A CD  1 
ATOM   760  N  NE  . ARG A 1 90  ? -5.748  15.693  5.530   1.00 39.09 ? 142 ARG A NE  1 
ATOM   761  C  CZ  . ARG A 1 90  ? -4.921  16.688  5.257   1.00 40.86 ? 142 ARG A CZ  1 
ATOM   762  N  NH1 . ARG A 1 90  ? -5.211  17.544  4.277   1.00 44.01 ? 142 ARG A NH1 1 
ATOM   763  N  NH2 . ARG A 1 90  ? -3.791  16.800  5.946   1.00 39.75 ? 142 ARG A NH2 1 
ATOM   764  N  N   . ASN A 1 91  ? -11.550 11.584  4.412   1.00 24.57 ? 143 ASN A N   1 
ATOM   765  C  CA  . ASN A 1 91  ? -12.991 11.478  4.279   1.00 24.66 ? 143 ASN A CA  1 
ATOM   766  C  C   . ASN A 1 91  ? -13.638 10.264  4.984   1.00 22.57 ? 143 ASN A C   1 
ATOM   767  O  O   . ASN A 1 91  ? -14.839 10.240  5.197   1.00 24.63 ? 143 ASN A O   1 
ATOM   768  C  CB  . ASN A 1 91  ? -13.352 11.406  2.785   1.00 24.26 ? 143 ASN A CB  1 
ATOM   769  C  CG  . ASN A 1 91  ? -12.809 12.588  1.978   1.00 28.04 ? 143 ASN A CG  1 
ATOM   770  O  OD1 . ASN A 1 91  ? -12.836 13.723  2.421   1.00 33.64 ? 143 ASN A OD1 1 
ATOM   771  N  ND2 . ASN A 1 91  ? -12.335 12.315  0.771   1.00 27.94 ? 143 ASN A ND2 1 
ATOM   772  N  N   . GLN A 1 92  ? -12.841 9.237   5.297   1.00 23.20 ? 144 GLN A N   1 
ATOM   773  C  CA  . GLN A 1 92  ? -13.305 7.998   5.891   1.00 22.02 ? 144 GLN A CA  1 
ATOM   774  C  C   . GLN A 1 92  ? -12.206 7.525   6.804   1.00 20.61 ? 144 GLN A C   1 
ATOM   775  O  O   . GLN A 1 92  ? -11.027 7.892   6.632   1.00 20.98 ? 144 GLN A O   1 
ATOM   776  C  CB  . GLN A 1 92  ? -13.487 6.892   4.851   1.00 22.97 ? 144 GLN A CB  1 
ATOM   777  C  CG  . GLN A 1 92  ? -14.575 7.149   3.837   1.00 24.38 ? 144 GLN A CG  1 
ATOM   778  C  CD  . GLN A 1 92  ? -14.024 7.615   2.496   1.00 25.56 ? 144 GLN A CD  1 
ATOM   779  O  OE1 . GLN A 1 92  ? -12.845 7.475   2.200   1.00 25.75 ? 144 GLN A OE1 1 
ATOM   780  N  NE2 . GLN A 1 92  ? -14.902 8.123   1.675   1.00 30.31 ? 144 GLN A NE2 1 
ATOM   781  N  N   . GLN A 1 93  ? -12.590 6.706   7.765   1.00 21.43 ? 145 GLN A N   1 
ATOM   782  C  CA  . GLN A 1 93  ? -11.618 6.058   8.619   1.00 21.61 ? 145 GLN A CA  1 
ATOM   783  C  C   . GLN A 1 93  ? -11.240 4.789   7.914   1.00 22.17 ? 145 GLN A C   1 
ATOM   784  O  O   . GLN A 1 93  ? -12.022 3.844   7.847   1.00 23.42 ? 145 GLN A O   1 
ATOM   785  C  CB  . GLN A 1 93  ? -12.156 5.753   10.027  1.00 24.17 ? 145 GLN A CB  1 
ATOM   786  C  CG  . GLN A 1 93  ? -12.421 7.000   10.859  1.00 22.94 ? 145 GLN A CG  1 
ATOM   787  C  CD  . GLN A 1 93  ? -11.150 7.788   11.194  1.00 25.56 ? 145 GLN A CD  1 
ATOM   788  O  OE1 . GLN A 1 93  ? -10.559 8.466   10.343  1.00 26.46 ? 145 GLN A OE1 1 
ATOM   789  N  NE2 . GLN A 1 93  ? -10.755 7.751   12.465  1.00 24.17 ? 145 GLN A NE2 1 
ATOM   790  N  N   . ILE A 1 94  ? -10.019 4.807   7.390   1.00 21.98 ? 146 ILE A N   1 
ATOM   791  C  CA  . ILE A 1 94  ? -9.456  3.666   6.638   1.00 21.06 ? 146 ILE A CA  1 
ATOM   792  C  C   . ILE A 1 94  ? -8.098  3.411   7.239   1.00 20.12 ? 146 ILE A C   1 
ATOM   793  O  O   . ILE A 1 94  ? -7.193  4.233   7.175   1.00 23.03 ? 146 ILE A O   1 
ATOM   794  C  CB  . ILE A 1 94  ? -9.357  3.960   5.100   1.00 22.71 ? 146 ILE A CB  1 
ATOM   795  C  CG1 . ILE A 1 94  ? -10.685 4.442   4.486   1.00 22.52 ? 146 ILE A CG1 1 
ATOM   796  C  CG2 . ILE A 1 94  ? -8.786  2.748   4.368   1.00 23.49 ? 146 ILE A CG2 1 
ATOM   797  C  CD1 . ILE A 1 94  ? -10.617 4.724   2.969   1.00 26.33 ? 146 ILE A CD1 1 
ATOM   798  N  N   . PHE A 1 95  ? -7.974  2.260   7.855   1.00 21.35 ? 147 PHE A N   1 
ATOM   799  C  CA  . PHE A 1 95  ? -6.732  1.860   8.461   1.00 20.32 ? 147 PHE A CA  1 
ATOM   800  C  C   . PHE A 1 95  ? -6.104  0.724   7.669   1.00 21.45 ? 147 PHE A C   1 
ATOM   801  O  O   . PHE A 1 95  ? -6.786  -0.276  7.321   1.00 22.80 ? 147 PHE A O   1 
ATOM   802  C  CB  . PHE A 1 95  ? -7.005  1.409   9.862   1.00 22.31 ? 147 PHE A CB  1 
ATOM   803  C  CG  . PHE A 1 95  ? -7.608  2.495   10.694  1.00 21.31 ? 147 PHE A CG  1 
ATOM   804  C  CD1 . PHE A 1 95  ? -8.982  2.581   10.881  1.00 22.88 ? 147 PHE A CD1 1 
ATOM   805  C  CD2 . PHE A 1 95  ? -6.787  3.526   11.206  1.00 24.60 ? 147 PHE A CD2 1 
ATOM   806  C  CE1 . PHE A 1 95  ? -9.524  3.626   11.619  1.00 24.35 ? 147 PHE A CE1 1 
ATOM   807  C  CE2 . PHE A 1 95  ? -7.337  4.582   11.960  1.00 24.49 ? 147 PHE A CE2 1 
ATOM   808  C  CZ  . PHE A 1 95  ? -8.704  4.622   12.153  1.00 26.21 ? 147 PHE A CZ  1 
ATOM   809  N  N   . LEU A 1 96  ? -4.809  0.876   7.423   1.00 20.13 ? 148 LEU A N   1 
ATOM   810  C  CA  . LEU A 1 96  ? -4.055  -0.133  6.658   1.00 20.86 ? 148 LEU A CA  1 
ATOM   811  C  C   . LEU A 1 96  ? -4.087  -1.502  7.337   1.00 22.85 ? 148 LEU A C   1 
ATOM   812  O  O   . LEU A 1 96  ? -3.886  -1.606  8.554   1.00 23.79 ? 148 LEU A O   1 
ATOM   813  C  CB  . LEU A 1 96  ? -2.620  0.351   6.392   1.00 18.38 ? 148 LEU A CB  1 
ATOM   814  C  CG  . LEU A 1 96  ? -2.536  1.613   5.524   1.00 19.84 ? 148 LEU A CG  1 
ATOM   815  C  CD1 . LEU A 1 96  ? -1.065  1.968   5.210   1.00 19.89 ? 148 LEU A CD1 1 
ATOM   816  C  CD2 . LEU A 1 96  ? -3.374  1.536   4.212   1.00 19.89 ? 148 LEU A CD2 1 
ATOM   817  N  N   . ARG A 1 97  ? -4.385  -2.575  6.579   1.00 19.30 ? 149 ARG A N   1 
ATOM   818  C  CA  . ARG A 1 97  ? -4.270  -3.927  7.174   1.00 21.37 ? 149 ARG A CA  1 
ATOM   819  C  C   . ARG A 1 97  ? -3.704  -4.787  6.094   1.00 24.10 ? 149 ARG A C   1 
ATOM   820  O  O   . ARG A 1 97  ? -3.926  -4.512  4.940   1.00 21.09 ? 149 ARG A O   1 
ATOM   821  C  CB  . ARG A 1 97  ? -5.643  -4.488  7.675   1.00 20.46 ? 149 ARG A CB  1 
ATOM   822  C  CG  . ARG A 1 97  ? -6.772  -4.414  6.648   1.00 21.88 ? 149 ARG A CG  1 
ATOM   823  C  CD  . ARG A 1 97  ? -8.084  -4.997  7.129   1.00 23.36 ? 149 ARG A CD  1 
ATOM   824  N  NE  . ARG A 1 97  ? -7.970  -6.447  7.332   1.00 26.80 ? 149 ARG A NE  1 
ATOM   825  C  CZ  . ARG A 1 97  ? -8.571  -7.077  8.334   1.00 28.20 ? 149 ARG A CZ  1 
ATOM   826  N  NH1 . ARG A 1 97  ? -9.342  -6.393  9.158   1.00 26.94 ? 149 ARG A NH1 1 
ATOM   827  N  NH2 . ARG A 1 97  ? -8.413  -8.378  8.511   1.00 28.86 ? 149 ARG A NH2 1 
ATOM   828  N  N   . ASP A 1 98  ? -2.990  -5.829  6.466   1.00 25.10 ? 150 ASP A N   1 
ATOM   829  C  CA  . ASP A 1 98  ? -2.354  -6.698  5.488   1.00 25.60 ? 150 ASP A CA  1 
ATOM   830  C  C   . ASP A 1 98  ? -3.347  -7.387  4.581   1.00 23.43 ? 150 ASP A C   1 
ATOM   831  O  O   . ASP A 1 98  ? -4.417  -7.826  5.025   1.00 24.25 ? 150 ASP A O   1 
ATOM   832  C  CB  . ASP A 1 98  ? -1.596  -7.803  6.229   1.00 27.14 ? 150 ASP A CB  1 
ATOM   833  C  CG  . ASP A 1 98  ? -0.341  -7.303  6.924   1.00 31.72 ? 150 ASP A CG  1 
ATOM   834  O  OD1 . ASP A 1 98  ? 0.105   -6.201  6.644   1.00 29.88 ? 150 ASP A OD1 1 
ATOM   835  O  OD2 . ASP A 1 98  ? 0.220   -8.077  7.698   1.00 32.38 ? 150 ASP A OD2 1 
ATOM   836  N  N   A ILE A 1 99  ? -2.966  -7.516  3.314   0.50 24.08 ? 151 ILE A N   1 
ATOM   837  N  N   B ILE A 1 99  ? -3.001  -7.505  3.294   0.50 23.47 ? 151 ILE A N   1 
ATOM   838  C  CA  A ILE A 1 99  ? -3.734  -8.325  2.398   0.50 25.32 ? 151 ILE A CA  1 
ATOM   839  C  CA  B ILE A 1 99  ? -3.833  -8.263  2.353   0.50 24.08 ? 151 ILE A CA  1 
ATOM   840  C  C   A ILE A 1 99  ? -3.931  -9.698  3.041   0.50 27.16 ? 151 ILE A C   1 
ATOM   841  C  C   B ILE A 1 99  ? -3.853  -9.702  2.832   0.50 26.28 ? 151 ILE A C   1 
ATOM   842  O  O   A ILE A 1 99  ? -3.190  -10.100 3.936   0.50 29.55 ? 151 ILE A O   1 
ATOM   843  O  O   B ILE A 1 99  ? -2.854  -10.176 3.341   0.50 27.79 ? 151 ILE A O   1 
ATOM   844  C  CB  A ILE A 1 99  ? -3.044  -8.465  1.021   0.50 25.09 ? 151 ILE A CB  1 
ATOM   845  C  CB  B ILE A 1 99  ? -3.234  -8.321  0.930   0.50 22.82 ? 151 ILE A CB  1 
ATOM   846  C  CG1 A ILE A 1 99  ? -3.275  -7.231  0.153   0.50 24.74 ? 151 ILE A CG1 1 
ATOM   847  C  CG1 B ILE A 1 99  ? -1.836  -8.929  0.987   0.50 22.06 ? 151 ILE A CG1 1 
ATOM   848  C  CG2 A ILE A 1 99  ? -3.596  -9.667  0.286   0.50 24.68 ? 151 ILE A CG2 1 
ATOM   849  C  CG2 B ILE A 1 99  ? -3.216  -6.970  0.237   0.50 22.17 ? 151 ILE A CG2 1 
ATOM   850  C  CD1 A ILE A 1 99  ? -3.519  -7.547  -1.310  0.50 26.77 ? 151 ILE A CD1 1 
ATOM   851  C  CD1 B ILE A 1 99  ? -1.275  -9.189  -0.385  0.50 24.82 ? 151 ILE A CD1 1 
ATOM   852  N  N   . GLU A 1 100 ? -4.977  -10.391 2.628   1.00 28.13 ? 152 GLU A N   1 
ATOM   853  C  CA  . GLU A 1 100 ? -5.187  -11.789 3.011   1.00 34.18 ? 152 GLU A CA  1 
ATOM   854  C  C   . GLU A 1 100 ? -4.015  -12.656 2.517   1.00 42.29 ? 152 GLU A C   1 
ATOM   855  O  O   . GLU A 1 100 ? -3.350  -13.335 3.329   1.00 52.41 ? 152 GLU A O   1 
ATOM   856  C  CB  . GLU A 1 100 ? -6.552  -12.255 2.446   1.00 36.06 ? 152 GLU A CB  1 
ATOM   857  C  CG  . GLU A 1 100 ? -7.761  -11.492 3.042   1.00 40.09 ? 152 GLU A CG  1 
ATOM   858  C  CD  . GLU A 1 100 ? -9.133  -11.898 2.458   1.00 40.06 ? 152 GLU A CD  1 
ATOM   859  O  OE1 . GLU A 1 100 ? -9.577  -13.051 2.713   1.00 40.49 ? 152 GLU A OE1 1 
ATOM   860  O  OE2 . GLU A 1 100 ? -9.770  -11.066 1.761   1.00 29.85 ? 152 GLU A OE2 1 
ATOM   861  N  N   . GLN A 1 101 ? -3.801  -12.609 1.196   1.00 47.41 ? 153 GLN A N   1 
ATOM   862  C  CA  . GLN A 1 101 ? -2.602  -13.085 0.447   1.00 50.48 ? 153 GLN A CA  1 
ATOM   863  C  C   . GLN A 1 101 ? -2.815  -14.051 -0.744  1.00 53.64 ? 153 GLN A C   1 
ATOM   864  O  O   . GLN A 1 101 ? -2.441  -13.692 -1.860  1.00 60.67 ? 153 GLN A O   1 
ATOM   865  C  CB  . GLN A 1 101 ? -1.430  -13.516 1.347   1.00 53.04 ? 153 GLN A CB  1 
ATOM   866  C  CG  . GLN A 1 101 ? -0.327  -14.240 0.587   1.00 54.24 ? 153 GLN A CG  1 
ATOM   867  C  CD  . GLN A 1 101 ? 1.027   -13.557 0.605   1.00 55.42 ? 153 GLN A CD  1 
ATOM   868  O  OE1 . GLN A 1 101 ? 1.385   -12.845 1.565   1.00 48.92 ? 153 GLN A OE1 1 
ATOM   869  N  NE2 . GLN A 1 101 ? 1.810   -13.797 -0.455  1.00 52.49 ? 153 GLN A NE2 1 
ATOM   870  N  N   . VAL A 1 102 ? -3.405  -15.239 -0.519  1.00 56.68 ? 154 VAL A N   1 
ATOM   871  C  CA  . VAL A 1 102 ? -3.358  -16.411 -1.471  1.00 60.45 ? 154 VAL A CA  1 
ATOM   872  C  C   . VAL A 1 102 ? -1.941  -16.982 -1.517  1.00 62.04 ? 154 VAL A C   1 
ATOM   873  O  O   . VAL A 1 102 ? -1.244  -16.814 -2.521  1.00 68.17 ? 154 VAL A O   1 
ATOM   874  C  CB  . VAL A 1 102 ? -3.864  -16.089 -2.933  1.00 63.98 ? 154 VAL A CB  1 
ATOM   875  C  CG1 . VAL A 1 102 ? -2.877  -15.249 -3.740  1.00 55.47 ? 154 VAL A CG1 1 
ATOM   876  C  CG2 . VAL A 1 102 ? -4.158  -17.359 -3.726  1.00 62.59 ? 154 VAL A CG2 1 
ATOM   877  N  N   . PRO A 1 103 ? -1.474  -17.624 -0.431  1.00 62.25 ? 155 PRO A N   1 
ATOM   878  C  CA  . PRO A 1 103 ? -0.011  -17.778 -0.488  1.00 61.56 ? 155 PRO A CA  1 
ATOM   879  C  C   . PRO A 1 103 ? 0.554   -19.127 -0.955  1.00 60.44 ? 155 PRO A C   1 
ATOM   880  O  O   . PRO A 1 103 ? 0.341   -20.158 -0.312  1.00 62.25 ? 155 PRO A O   1 
ATOM   881  C  CB  . PRO A 1 103 ? 0.449   -17.473 0.961   1.00 58.79 ? 155 PRO A CB  1 
ATOM   882  C  CG  . PRO A 1 103 ? -0.803  -17.223 1.748   1.00 62.82 ? 155 PRO A CG  1 
ATOM   883  C  CD  . PRO A 1 103 ? -1.960  -17.783 0.944   1.00 65.86 ? 155 PRO A CD  1 
ATOM   884  N  N   . GLN A 1 104 ? 1.256   -19.085 -2.084  1.00 60.33 ? 156 GLN A N   1 
ATOM   885  C  CA  . GLN A 1 104 ? 2.334   -20.013 -2.400  1.00 55.21 ? 156 GLN A CA  1 
ATOM   886  C  C   . GLN A 1 104 ? 2.157   -21.466 -1.923  1.00 56.94 ? 156 GLN A C   1 
ATOM   887  O  O   . GLN A 1 104 ? 2.383   -21.800 -0.745  1.00 56.59 ? 156 GLN A O   1 
ATOM   888  C  CB  . GLN A 1 104 ? 3.662   -19.427 -1.881  1.00 60.23 ? 156 GLN A CB  1 
ATOM   889  C  CG  . GLN A 1 104 ? 4.940   -19.999 -2.499  1.00 61.86 ? 156 GLN A CG  1 
ATOM   890  C  CD  . GLN A 1 104 ? 6.213   -19.536 -1.783  1.00 62.65 ? 156 GLN A CD  1 
ATOM   891  O  OE1 . GLN A 1 104 ? 6.394   -18.342 -1.493  1.00 60.66 ? 156 GLN A OE1 1 
ATOM   892  N  NE2 . GLN A 1 104 ? 7.105   -20.485 -1.503  1.00 56.17 ? 156 GLN A NE2 1 
ATOM   893  N  N   . GLN A 1 105 ? 1.750   -22.321 -2.855  1.00 45.70 ? 157 GLN A N   1 
ATOM   894  C  CA  . GLN A 1 105 ? 1.892   -23.747 -2.704  1.00 47.20 ? 157 GLN A CA  1 
ATOM   895  C  C   . GLN A 1 105 ? 3.402   -24.049 -2.815  1.00 49.64 ? 157 GLN A C   1 
ATOM   896  O  O   . GLN A 1 105 ? 4.082   -23.518 -3.710  1.00 45.32 ? 157 GLN A O   1 
ATOM   897  C  CB  . GLN A 1 105 ? 1.112   -24.433 -3.814  1.00 48.83 ? 157 GLN A CB  1 
ATOM   898  C  CG  . GLN A 1 105 ? 1.107   -25.960 -3.745  1.00 50.58 ? 157 GLN A CG  1 
ATOM   899  C  CD  . GLN A 1 105 ? 0.446   -26.499 -2.490  1.00 52.03 ? 157 GLN A CD  1 
ATOM   900  O  OE1 . GLN A 1 105 ? 0.961   -26.330 -1.377  1.00 51.79 ? 157 GLN A OE1 1 
ATOM   901  N  NE2 . GLN A 1 105 ? -0.685  -27.169 -2.662  1.00 47.67 ? 157 GLN A NE2 1 
ATOM   902  N  N   . PRO A 1 106 ? 3.963   -24.855 -1.881  1.00 50.83 ? 158 PRO A N   1 
ATOM   903  C  CA  . PRO A 1 106 ? 5.408   -25.024 -2.041  1.00 45.54 ? 158 PRO A CA  1 
ATOM   904  C  C   . PRO A 1 106 ? 5.666   -26.049 -3.110  1.00 40.18 ? 158 PRO A C   1 
ATOM   905  O  O   . PRO A 1 106 ? 4.917   -26.978 -3.226  1.00 37.72 ? 158 PRO A O   1 
ATOM   906  C  CB  . PRO A 1 106 ? 5.850   -25.560 -0.683  1.00 47.03 ? 158 PRO A CB  1 
ATOM   907  C  CG  . PRO A 1 106 ? 4.660   -26.317 -0.169  1.00 52.92 ? 158 PRO A CG  1 
ATOM   908  C  CD  . PRO A 1 106 ? 3.429   -25.672 -0.770  1.00 55.30 ? 158 PRO A CD  1 
ATOM   909  N  N   . THR A 1 107 ? 6.692   -25.859 -3.908  1.00 40.19 ? 159 THR A N   1 
ATOM   910  C  CA  . THR A 1 107 ? 7.117   -26.924 -4.829  1.00 43.57 ? 159 THR A CA  1 
ATOM   911  C  C   . THR A 1 107 ? 8.615   -27.042 -4.750  1.00 43.28 ? 159 THR A C   1 
ATOM   912  O  O   . THR A 1 107 ? 9.321   -26.053 -4.548  1.00 40.02 ? 159 THR A O   1 
ATOM   913  C  CB  . THR A 1 107 ? 6.736   -26.663 -6.319  1.00 43.62 ? 159 THR A CB  1 
ATOM   914  O  OG1 . THR A 1 107 ? 7.100   -25.326 -6.691  1.00 37.67 ? 159 THR A OG1 1 
ATOM   915  C  CG2 . THR A 1 107 ? 5.244   -26.898 -6.566  1.00 42.74 ? 159 THR A CG2 1 
ATOM   916  N  N   . TYR A 1 108 ? 9.109   -28.254 -4.952  1.00 44.54 ? 160 TYR A N   1 
ATOM   917  C  CA  . TYR A 1 108 ? 10.524  -28.432 -5.108  1.00 44.27 ? 160 TYR A CA  1 
ATOM   918  C  C   . TYR A 1 108 ? 10.858  -28.504 -6.608  1.00 50.45 ? 160 TYR A C   1 
ATOM   919  O  O   . TYR A 1 108 ? 10.157  -29.199 -7.367  1.00 45.84 ? 160 TYR A O   1 
ATOM   920  C  CB  . TYR A 1 108 ? 10.928  -29.696 -4.382  1.00 42.59 ? 160 TYR A CB  1 
ATOM   921  C  CG  . TYR A 1 108 ? 12.406  -29.925 -4.302  1.00 38.11 ? 160 TYR A CG  1 
ATOM   922  C  CD1 . TYR A 1 108 ? 13.183  -29.264 -3.343  1.00 32.16 ? 160 TYR A CD1 1 
ATOM   923  C  CD2 . TYR A 1 108 ? 13.023  -30.827 -5.162  1.00 34.45 ? 160 TYR A CD2 1 
ATOM   924  C  CE1 . TYR A 1 108 ? 14.545  -29.469 -3.258  1.00 34.52 ? 160 TYR A CE1 1 
ATOM   925  C  CE2 . TYR A 1 108 ? 14.381  -31.033 -5.096  1.00 35.37 ? 160 TYR A CE2 1 
ATOM   926  C  CZ  . TYR A 1 108 ? 15.131  -30.362 -4.130  1.00 34.71 ? 160 TYR A CZ  1 
ATOM   927  O  OH  . TYR A 1 108 ? 16.439  -30.600 -4.030  1.00 30.84 ? 160 TYR A OH  1 
ATOM   928  N  N   . VAL A 1 109 ? 11.888  -27.753 -7.020  1.00 47.72 ? 161 VAL A N   1 
ATOM   929  C  CA  . VAL A 1 109 ? 12.454  -27.837 -8.391  1.00 54.22 ? 161 VAL A CA  1 
ATOM   930  C  C   . VAL A 1 109 ? 13.965  -28.071 -8.346  1.00 55.59 ? 161 VAL A C   1 
ATOM   931  O  O   . VAL A 1 109 ? 14.709  -27.201 -7.926  1.00 55.42 ? 161 VAL A O   1 
ATOM   932  C  CB  . VAL A 1 109 ? 12.182  -26.571 -9.246  1.00 51.46 ? 161 VAL A CB  1 
ATOM   933  C  CG1 . VAL A 1 109 ? 11.022  -26.805 -10.208 1.00 48.33 ? 161 VAL A CG1 1 
ATOM   934  C  CG2 . VAL A 1 109 ? 11.985  -25.335 -8.371  1.00 52.55 ? 161 VAL A CG2 1 
ATOM   935  N  N   . GLN A 1 110 ? 14.430  -29.245 -8.770  1.00 63.07 ? 162 GLN A N   1 
ATOM   936  C  CA  . GLN A 1 110 ? 15.837  -29.607 -8.512  1.00 62.97 ? 162 GLN A CA  1 
ATOM   937  C  C   . GLN A 1 110 ? 16.812  -29.311 -9.664  1.00 59.13 ? 162 GLN A C   1 
ATOM   938  O  O   . GLN A 1 110 ? 17.169  -30.188 -10.439 1.00 53.16 ? 162 GLN A O   1 
ATOM   939  C  CB  . GLN A 1 110 ? 15.944  -31.053 -8.026  1.00 57.05 ? 162 GLN A CB  1 
ATOM   940  C  CG  . GLN A 1 110 ? 15.100  -32.018 -8.806  1.00 53.77 ? 162 GLN A CG  1 
ATOM   941  C  CD  . GLN A 1 110 ? 15.465  -33.437 -8.507  1.00 59.89 ? 162 GLN A CD  1 
ATOM   942  O  OE1 . GLN A 1 110 ? 16.481  -33.969 -8.999  1.00 60.93 ? 162 GLN A OE1 1 
ATOM   943  N  NE2 . GLN A 1 110 ? 14.641  -34.076 -7.693  1.00 65.06 ? 162 GLN A NE2 1 
HETATM 944  C  CAA . NMI B 2 1   ? -10.865 8.832   -6.723  1.00 36.64 ? 1   NMI B CAA 1 
HETATM 945  N  NAN . NMI B 2 1   ? -9.948  9.189   -7.865  1.00 34.96 ? 1   NMI B NAN 1 
HETATM 946  C  CAH . NMI B 2 1   ? -9.025  10.164  -7.860  1.00 32.25 ? 1   NMI B CAH 1 
HETATM 947  C  CAM . NMI B 2 1   ? -9.979  8.547   -9.053  1.00 38.47 ? 1   NMI B CAM 1 
HETATM 948  C  CAG . NMI B 2 1   ? -10.758 7.487   -9.552  1.00 39.04 ? 1   NMI B CAG 1 
HETATM 949  C  CAE . NMI B 2 1   ? -10.545 7.037   -10.863 1.00 36.03 ? 1   NMI B CAE 1 
HETATM 950  C  CAD . NMI B 2 1   ? -9.554  7.640   -11.650 1.00 39.65 ? 1   NMI B CAD 1 
HETATM 951  C  CAF . NMI B 2 1   ? -8.791  8.708   -11.174 1.00 38.23 ? 1   NMI B CAF 1 
HETATM 952  C  CAL . NMI B 2 1   ? -9.002  9.142   -9.859  1.00 35.02 ? 1   NMI B CAL 1 
HETATM 953  C  CAK . NMI B 2 1   ? -8.427  10.152  -9.075  1.00 33.19 ? 1   NMI B CAK 1 
HETATM 954  C  CAJ . NMI B 2 1   ? -7.303  11.050  -9.556  1.00 26.91 ? 1   NMI B CAJ 1 
HETATM 955  C  CAI . NMI B 2 1   ? -5.982  10.259  -9.477  1.00 25.73 ? 1   NMI B CAI 1 
HETATM 956  C  CAC . NMI B 2 1   ? -5.805  9.638   -8.067  1.00 21.52 ? 1   NMI B CAC 1 
HETATM 957  O  OAB . NMI B 2 1   ? -5.638  8.446   -7.799  1.00 23.22 ? 1   NMI B OAB 1 
HETATM 958  N  N   . PTR B 2 2   ? -5.290  10.907  -7.264  1.00 22.61 ? 2   PTR B N   1 
HETATM 959  C  CA  . PTR B 2 2   ? -4.765  10.464  -5.939  1.00 19.93 ? 2   PTR B CA  1 
HETATM 960  C  C   . PTR B 2 2   ? -5.427  11.259  -4.843  1.00 19.91 ? 2   PTR B C   1 
HETATM 961  O  O   . PTR B 2 2   ? -5.773  12.390  -5.122  1.00 21.64 ? 2   PTR B O   1 
HETATM 962  C  CB  . PTR B 2 2   ? -3.261  10.735  -5.785  1.00 21.18 ? 2   PTR B CB  1 
HETATM 963  C  CG  . PTR B 2 2   ? -2.490  10.002  -6.882  1.00 20.61 ? 2   PTR B CG  1 
HETATM 964  C  CD1 . PTR B 2 2   ? -2.347  10.620  -8.128  1.00 21.55 ? 2   PTR B CD1 1 
HETATM 965  C  CD2 . PTR B 2 2   ? -2.006  8.695   -6.680  1.00 19.12 ? 2   PTR B CD2 1 
HETATM 966  C  CE1 . PTR B 2 2   ? -1.683  9.974   -9.164  1.00 21.29 ? 2   PTR B CE1 1 
HETATM 967  C  CE2 . PTR B 2 2   ? -1.316  8.050   -7.715  1.00 20.47 ? 2   PTR B CE2 1 
HETATM 968  C  CZ  . PTR B 2 2   ? -1.190  8.684   -8.966  1.00 19.61 ? 2   PTR B CZ  1 
HETATM 969  O  OH  . PTR B 2 2   ? -0.563  8.137   -10.043 1.00 19.50 ? 2   PTR B OH  1 
HETATM 970  P  P   . PTR B 2 2   ? -0.152  6.555   -10.062 1.00 21.85 ? 2   PTR B P   1 
HETATM 971  O  O1P . PTR B 2 2   ? 0.247   6.431   -11.727 1.00 20.60 ? 2   PTR B O1P 1 
HETATM 972  O  O2P . PTR B 2 2   ? -1.349  5.595   -9.747  1.00 22.15 ? 2   PTR B O2P 1 
HETATM 973  O  O3P . PTR B 2 2   ? 1.036   6.259   -9.229  1.00 23.14 ? 2   PTR B O3P 1 
HETATM 974  O  O   . 02K B 2 3   ? -6.750  13.213  -1.517  1.00 23.32 ? 3   02K B O   1 
HETATM 975  C  CD  . 02K B 2 3   ? -9.046  9.115   -2.644  1.00 24.05 ? 3   02K B CD  1 
HETATM 976  C  CG  . 02K B 2 3   ? -7.687  8.825   -1.919  1.00 22.89 ? 3   02K B CG  1 
HETATM 977  C  CE  . 02K B 2 3   ? -8.943  10.186  -3.747  1.00 21.69 ? 3   02K B CE  1 
HETATM 978  C  CB  . 02K B 2 3   ? -6.905  10.070  -1.510  1.00 24.31 ? 3   02K B CB  1 
HETATM 979  C  CH  . 02K B 2 3   ? -8.209  11.468  -3.227  1.00 22.75 ? 3   02K B CH  1 
HETATM 980  N  N   . 02K B 2 3   ? -6.005  10.442  -3.742  1.00 24.09 ? 3   02K B N   1 
HETATM 981  C  C   . 02K B 2 3   ? -6.131  12.303  -2.089  1.00 26.47 ? 3   02K B C   1 
HETATM 982  C  CA  . 02K B 2 3   ? -6.810  11.072  -2.649  1.00 24.94 ? 3   02K B CA  1 
ATOM   983  N  N   . ASN B 2 4   ? -4.598  12.211  -1.961  1.00 20.80 ? 4   ASN B N   1 
ATOM   984  C  CA  . ASN B 2 4   ? -3.845  13.272  -1.318  1.00 23.33 ? 4   ASN B CA  1 
ATOM   985  C  C   . ASN B 2 4   ? -3.171  14.142  -2.388  1.00 22.34 ? 4   ASN B C   1 
ATOM   986  O  O   . ASN B 2 4   ? -2.193  14.871  -2.105  1.00 24.10 ? 4   ASN B O   1 
ATOM   987  C  CB  . ASN B 2 4   ? -2.826  12.638  -0.365  1.00 23.43 ? 4   ASN B CB  1 
ATOM   988  C  CG  . ASN B 2 4   ? -1.821  11.748  -1.093  1.00 23.11 ? 4   ASN B CG  1 
ATOM   989  O  OD1 . ASN B 2 4   ? -2.124  11.192  -2.153  1.00 21.98 ? 4   ASN B OD1 1 
ATOM   990  N  ND2 . ASN B 2 4   ? -0.648  11.579  -0.511  1.00 22.79 ? 4   ASN B ND2 1 
HETATM 991  N  N   . NH2 B 2 5   ? -3.686  14.064  -3.625  1.00 23.70 ? 5   NH2 B N   1 
HETATM 992  C  C1  . GOL C 3 .   ? 10.037  10.272  12.954  1.00 44.84 ? 201 GOL A C1  1 
HETATM 993  O  O1  . GOL C 3 .   ? 9.189   9.740   13.984  1.00 54.27 ? 201 GOL A O1  1 
HETATM 994  C  C2  . GOL C 3 .   ? 11.078  9.237   12.606  1.00 46.05 ? 201 GOL A C2  1 
HETATM 995  O  O2  . GOL C 3 .   ? 11.728  8.777   13.794  1.00 45.36 ? 201 GOL A O2  1 
HETATM 996  C  C3  . GOL C 3 .   ? 10.315  8.085   11.997  1.00 43.39 ? 201 GOL A C3  1 
HETATM 997  O  O3  . GOL C 3 .   ? 11.036  7.616   10.927  1.00 28.95 ? 201 GOL A O3  1 
HETATM 998  C  C   . ACT D 4 .   ? -1.719  11.581  10.367  1.00 45.05 ? 202 ACT A C   1 
HETATM 999  O  O   . ACT D 4 .   ? -2.442  11.786  9.362   1.00 46.20 ? 202 ACT A O   1 
HETATM 1000 O  OXT . ACT D 4 .   ? -1.801  12.115  11.526  1.00 41.34 ? 202 ACT A OXT 1 
HETATM 1001 C  CH3 . ACT D 4 .   ? -0.725  10.496  10.135  1.00 43.85 ? 202 ACT A CH3 1 
HETATM 1002 C  C   . ACT E 4 .   ? 6.842   14.156  -4.949  1.00 49.45 ? 203 ACT A C   1 
HETATM 1003 O  O   . ACT E 4 .   ? 7.334   13.977  -6.113  1.00 44.25 ? 203 ACT A O   1 
HETATM 1004 O  OXT . ACT E 4 .   ? 7.445   14.227  -3.828  1.00 47.25 ? 203 ACT A OXT 1 
HETATM 1005 C  CH3 . ACT E 4 .   ? 5.336   14.190  -4.911  1.00 37.82 ? 203 ACT A CH3 1 
HETATM 1006 CL CL  . CL  F 5 .   ? -7.329  8.315   12.743  1.00 39.60 ? 204 CL  A CL  1 
HETATM 1007 O  O   . HOH G 6 .   ? -2.895  -15.501 2.722   1.00 35.43 ? 301 HOH A O   1 
HETATM 1008 O  O   . HOH G 6 .   ? 7.498   -7.825  -0.093  0.50 46.19 ? 302 HOH A O   1 
HETATM 1009 O  O   . HOH G 6 .   ? -6.570  -10.704 -14.691 1.00 29.97 ? 303 HOH A O   1 
HETATM 1010 O  O   . HOH G 6 .   ? -5.130  -8.435  -17.363 1.00 27.68 ? 304 HOH A O   1 
HETATM 1011 O  O   . HOH G 6 .   ? -0.785  5.646   13.992  1.00 25.24 ? 305 HOH A O   1 
HETATM 1012 O  O   . HOH G 6 .   ? -10.709 -7.435  -9.235  1.00 33.75 ? 306 HOH A O   1 
HETATM 1013 O  O   . HOH G 6 .   ? 10.459  8.650   -3.931  1.00 37.90 ? 307 HOH A O   1 
HETATM 1014 O  O   . HOH G 6 .   ? -4.885  -2.476  10.761  1.00 32.11 ? 308 HOH A O   1 
HETATM 1015 O  O   . HOH G 6 .   ? -15.898 -13.028 -0.510  1.00 23.14 ? 309 HOH A O   1 
HETATM 1016 O  O   . HOH G 6 .   ? 13.638  3.958   2.201   1.00 22.49 ? 310 HOH A O   1 
HETATM 1017 O  O   . HOH G 6 .   ? 2.637   -7.515  8.514   1.00 38.41 ? 311 HOH A O   1 
HETATM 1018 O  O   . HOH G 6 .   ? 13.431  15.688  7.449   1.00 29.79 ? 312 HOH A O   1 
HETATM 1019 O  O   . HOH G 6 .   ? -6.701  -10.238 -3.611  1.00 32.13 ? 313 HOH A O   1 
HETATM 1020 O  O   . HOH G 6 .   ? 1.419   -0.022  13.745  1.00 27.66 ? 314 HOH A O   1 
HETATM 1021 O  O   . HOH G 6 .   ? 4.569   -3.632  8.120   1.00 25.42 ? 315 HOH A O   1 
HETATM 1022 O  O   . HOH G 6 .   ? 1.639   10.573  -11.016 1.00 22.85 ? 316 HOH A O   1 
HETATM 1023 O  O   . HOH G 6 .   ? -7.328  5.043   15.121  0.50 30.17 ? 317 HOH A O   1 
HETATM 1024 O  O   . HOH G 6 .   ? -4.963  11.252  7.822   1.00 44.38 ? 318 HOH A O   1 
HETATM 1025 O  O   . HOH G 6 .   ? 0.410   2.242   -13.534 1.00 24.52 ? 319 HOH A O   1 
HETATM 1026 O  O   . HOH G 6 .   ? 2.140   18.595  4.684   0.50 26.16 ? 320 HOH A O   1 
HETATM 1027 O  O   . HOH G 6 .   ? -16.646 11.926  3.949   1.00 34.55 ? 321 HOH A O   1 
HETATM 1028 O  O   . HOH G 6 .   ? -1.076  16.862  -3.723  1.00 40.51 ? 322 HOH A O   1 
HETATM 1029 O  O   . HOH G 6 .   ? 8.448   3.049   -12.500 1.00 35.96 ? 323 HOH A O   1 
HETATM 1030 O  O   . HOH G 6 .   ? 5.675   3.664   12.417  1.00 31.75 ? 324 HOH A O   1 
HETATM 1031 O  O   . HOH G 6 .   ? 5.582   -4.503  -14.480 0.50 34.50 ? 325 HOH A O   1 
HETATM 1032 O  O   . HOH G 6 .   ? 7.662   8.197   -3.179  1.00 23.12 ? 326 HOH A O   1 
HETATM 1033 O  O   . HOH G 6 .   ? -11.251 -3.912  7.866   1.00 30.62 ? 327 HOH A O   1 
HETATM 1034 O  O   . HOH G 6 .   ? 8.345   4.381   -9.272  1.00 28.29 ? 328 HOH A O   1 
HETATM 1035 O  O   . HOH G 6 .   ? -6.158  -1.158  12.501  1.00 24.87 ? 329 HOH A O   1 
HETATM 1036 O  O   . HOH G 6 .   ? -11.189 13.668  -1.480  1.00 31.79 ? 330 HOH A O   1 
HETATM 1037 O  O   . HOH G 6 .   ? 11.266  -7.669  7.548   1.00 40.77 ? 331 HOH A O   1 
HETATM 1038 O  O   . HOH G 6 .   ? -8.751  -14.278 -8.949  1.00 40.85 ? 332 HOH A O   1 
HETATM 1039 O  O   . HOH G 6 .   ? -10.345 0.465   7.926   1.00 19.86 ? 333 HOH A O   1 
HETATM 1040 O  O   . HOH G 6 .   ? -2.629  1.101   -14.933 1.00 29.29 ? 334 HOH A O   1 
HETATM 1041 O  O   . HOH G 6 .   ? -12.228 9.520   -0.384  1.00 29.10 ? 335 HOH A O   1 
HETATM 1042 O  O   . HOH G 6 .   ? -7.043  3.498   -12.715 1.00 37.24 ? 336 HOH A O   1 
HETATM 1043 O  O   . HOH G 6 .   ? -11.857 5.179   13.723  0.50 16.62 ? 337 HOH A O   1 
HETATM 1044 O  O   . HOH G 6 .   ? 4.974   -8.063  7.500   1.00 47.32 ? 338 HOH A O   1 
HETATM 1045 O  O   . HOH G 6 .   ? -11.390 -7.824  11.072  1.00 45.58 ? 339 HOH A O   1 
HETATM 1046 O  O   . HOH G 6 .   ? -10.684 7.131   15.810  1.00 38.58 ? 340 HOH A O   1 
HETATM 1047 O  O   . HOH G 6 .   ? 12.960  19.166  4.518   1.00 37.50 ? 341 HOH A O   1 
HETATM 1048 O  O   . HOH G 6 .   ? 18.730  -31.005 -6.860  1.00 52.00 ? 342 HOH A O   1 
HETATM 1049 O  O   . HOH G 6 .   ? -9.068  15.810  1.327   1.00 33.21 ? 343 HOH A O   1 
HETATM 1050 O  O   . HOH G 6 .   ? 2.537   1.360   -10.112 1.00 23.32 ? 344 HOH A O   1 
HETATM 1051 O  O   . HOH G 6 .   ? -8.805  -8.386  3.039   1.00 26.67 ? 345 HOH A O   1 
HETATM 1052 O  O   . HOH G 6 .   ? -14.729 0.083   6.606   1.00 37.61 ? 346 HOH A O   1 
HETATM 1053 O  O   . HOH G 6 .   ? -9.975  9.008   0.800   1.00 25.23 ? 347 HOH A O   1 
HETATM 1054 O  O   . HOH G 6 .   ? 1.531   10.719  6.514   1.00 26.03 ? 348 HOH A O   1 
HETATM 1055 O  O   . HOH G 6 .   ? -8.584  11.327  1.783   1.00 22.78 ? 349 HOH A O   1 
HETATM 1056 O  O   . HOH G 6 .   ? -7.252  -7.894  5.257   1.00 23.94 ? 350 HOH A O   1 
HETATM 1057 O  O   . HOH G 6 .   ? -2.762  -6.523  9.319   1.00 27.31 ? 351 HOH A O   1 
HETATM 1058 O  O   . HOH G 6 .   ? -0.690  -5.811  2.565   1.00 29.03 ? 352 HOH A O   1 
HETATM 1059 O  O   . HOH G 6 .   ? -4.875  -9.375  7.432   1.00 36.09 ? 353 HOH A O   1 
HETATM 1060 O  O   . HOH G 6 .   ? -7.585  7.339   -5.813  1.00 23.04 ? 354 HOH A O   1 
HETATM 1061 O  O   . HOH G 6 .   ? -9.339  5.325   -7.384  1.00 36.39 ? 355 HOH A O   1 
HETATM 1062 O  O   . HOH G 6 .   ? -14.633 -4.135  5.392   1.00 28.68 ? 356 HOH A O   1 
HETATM 1063 O  O   . HOH G 6 .   ? -12.341 1.452   6.538   1.00 27.24 ? 357 HOH A O   1 
HETATM 1064 O  O   . HOH G 6 .   ? 13.128  -26.179 -5.356  1.00 37.41 ? 358 HOH A O   1 
HETATM 1065 O  O   . HOH G 6 .   ? -13.640 5.507   -2.092  1.00 33.56 ? 359 HOH A O   1 
HETATM 1066 O  O   . HOH G 6 .   ? -2.511  15.284  9.253   1.00 38.70 ? 360 HOH A O   1 
HETATM 1067 O  O   . HOH G 6 .   ? -0.058  12.396  7.988   1.00 27.01 ? 361 HOH A O   1 
HETATM 1068 O  O   . HOH G 6 .   ? -5.304  -13.193 6.078   1.00 38.05 ? 362 HOH A O   1 
HETATM 1069 O  O   . HOH H 6 .   ? -8.871  13.615  0.080   1.00 26.78 ? 101 HOH B O   1 
HETATM 1070 O  O   . HOH H 6 .   ? 1.364   3.977   -11.823 1.00 25.72 ? 102 HOH B O   1 
HETATM 1071 O  O   . HOH H 6 .   ? -4.763  13.407  -8.268  1.00 27.70 ? 103 HOH B O   1 
HETATM 1072 O  O   . HOH H 6 .   ? -2.798  15.087  -6.156  0.50 18.21 ? 104 HOH B O   1 
# 
